data_5T4V
# 
_entry.id   5T4V 
# 
_audit_conform.dict_name       mmcif_pdbx.dic 
_audit_conform.dict_version    5.383 
_audit_conform.dict_location   http://mmcif.pdb.org/dictionaries/ascii/mmcif_pdbx.dic 
# 
loop_
_database_2.database_id 
_database_2.database_code 
_database_2.pdbx_database_accession 
_database_2.pdbx_DOI 
PDB   5T4V         pdb_00005t4v 10.2210/pdb5t4v/pdb 
WWPDB D_1000223684 ?            ?                   
# 
loop_
_pdbx_audit_revision_history.ordinal 
_pdbx_audit_revision_history.data_content_type 
_pdbx_audit_revision_history.major_revision 
_pdbx_audit_revision_history.minor_revision 
_pdbx_audit_revision_history.revision_date 
1 'Structure model' 1 0 2017-02-08 
2 'Structure model' 1 1 2024-01-17 
# 
_pdbx_audit_revision_details.ordinal             1 
_pdbx_audit_revision_details.revision_ordinal    1 
_pdbx_audit_revision_details.data_content_type   'Structure model' 
_pdbx_audit_revision_details.provider            repository 
_pdbx_audit_revision_details.type                'Initial release' 
_pdbx_audit_revision_details.description         ? 
_pdbx_audit_revision_details.details             ? 
# 
loop_
_pdbx_audit_revision_group.ordinal 
_pdbx_audit_revision_group.revision_ordinal 
_pdbx_audit_revision_group.data_content_type 
_pdbx_audit_revision_group.group 
1 2 'Structure model' 'Data collection'        
2 2 'Structure model' 'Database references'    
3 2 'Structure model' 'Refinement description' 
# 
loop_
_pdbx_audit_revision_category.ordinal 
_pdbx_audit_revision_category.revision_ordinal 
_pdbx_audit_revision_category.data_content_type 
_pdbx_audit_revision_category.category 
1 2 'Structure model' chem_comp_atom                
2 2 'Structure model' chem_comp_bond                
3 2 'Structure model' database_2                    
4 2 'Structure model' pdbx_initial_refinement_model 
# 
loop_
_pdbx_audit_revision_item.ordinal 
_pdbx_audit_revision_item.revision_ordinal 
_pdbx_audit_revision_item.data_content_type 
_pdbx_audit_revision_item.item 
1 2 'Structure model' '_database_2.pdbx_DOI'                
2 2 'Structure model' '_database_2.pdbx_database_accession' 
# 
_pdbx_database_status.status_code                     REL 
_pdbx_database_status.status_code_sf                  REL 
_pdbx_database_status.status_code_mr                  ? 
_pdbx_database_status.entry_id                        5T4V 
_pdbx_database_status.recvd_initial_deposition_date   2016-08-30 
_pdbx_database_status.SG_entry                        Y 
_pdbx_database_status.deposit_site                    RCSB 
_pdbx_database_status.process_site                    PDBE 
_pdbx_database_status.status_code_cs                  ? 
_pdbx_database_status.methods_development_category    ? 
_pdbx_database_status.pdb_format_compatible           Y 
_pdbx_database_status.status_code_nmr_data            ? 
# 
loop_
_audit_author.name 
_audit_author.pdbx_ordinal 
'Tallant, C.'                          1  
'Igoe, N.'                             2  
'Bayle, E.D.'                          3  
'Nunez-Alonso, G.'                     4  
'Newman, J.A.'                         5  
'Mathea, S.'                           6  
'Savitsky, P.'                         7  
'Fedorov, O.'                          8  
'Brennan, P.E.'                        9  
'Muller, S.'                           10 
'von Delft, F.'                        11 
'Arrowsmith, C.H.'                     12 
'Edwards, A.M.'                        13 
'Bountra, C.'                          14 
'Fish, P.'                             15 
'Knapp, S.'                            16 
'Structural Genomics Consortium (SGC)' 17 
# 
_citation.abstract                  ? 
_citation.abstract_id_CAS           ? 
_citation.book_id_ISBN              ? 
_citation.book_publisher            ? 
_citation.book_publisher_city       ? 
_citation.book_title                ? 
_citation.coordinate_linkage        ? 
_citation.country                   US 
_citation.database_id_Medline       ? 
_citation.details                   ? 
_citation.id                        primary 
_citation.journal_abbrev            'J. Med. Chem.' 
_citation.journal_id_ASTM           JMCMAR 
_citation.journal_id_CSD            0151 
_citation.journal_id_ISSN           1520-4804 
_citation.journal_full              ? 
_citation.journal_issue             ? 
_citation.journal_volume            60 
_citation.language                  ? 
_citation.page_first                668 
_citation.page_last                 680 
_citation.title                     
;Design of a Biased Potent Small Molecule Inhibitor of the Bromodomain and PHD Finger-Containing (BRPF) Proteins Suitable for Cellular and in Vivo Studies.
;
_citation.year                      2017 
_citation.database_id_CSD           ? 
_citation.pdbx_database_id_DOI      10.1021/acs.jmedchem.6b01583 
_citation.pdbx_database_id_PubMed   28068087 
_citation.unpublished_flag          ? 
# 
loop_
_citation_author.citation_id 
_citation_author.name 
_citation_author.ordinal 
_citation_author.identifier_ORCID 
primary 'Igoe, N.'          1  ? 
primary 'Bayle, E.D.'       2  ? 
primary 'Fedorov, O.'       3  ? 
primary 'Tallant, C.'       4  ? 
primary 'Savitsky, P.'      5  ? 
primary 'Rogers, C.'        6  ? 
primary 'Owen, D.R.'        7  ? 
primary 'Deb, G.'           8  ? 
primary 'Somervaille, T.C.' 9  ? 
primary 'Andrews, D.M.'     10 ? 
primary 'Jones, N.'         11 ? 
primary 'Cheasty, A.'       12 ? 
primary 'Ryder, H.'         13 ? 
primary 'Brennan, P.E.'     14 ? 
primary 'Muller, S.'        15 ? 
primary 'Knapp, S.'         16 ? 
primary 'Fish, P.V.'        17 ? 
# 
loop_
_entity.id 
_entity.type 
_entity.src_method 
_entity.pdbx_description 
_entity.formula_weight 
_entity.pdbx_number_of_molecules 
_entity.pdbx_ec 
_entity.pdbx_mutation 
_entity.pdbx_fragment 
_entity.details 
1 polymer     man Peregrin                                                                                 13703.698 1  ? ? ? ? 
2 non-polymer syn '4-cyano-N-(7-methoxy-1,4-dimethyl-2-oxo-1,2-dihydroquinolin-6-yl)benzene-1-sulfonamide' 383.421   1  ? ? ? ? 
3 non-polymer syn 1,2-ETHANEDIOL                                                                           62.068    1  ? ? ? ? 
4 non-polymer syn 'FORMIC ACID'                                                                            46.025    1  ? ? ? ? 
5 water       nat water                                                                                    18.015    74 ? ? ? ? 
# 
_entity_name_com.entity_id   1 
_entity_name_com.name        'Bromodomain and PHD finger-containing protein 1,Protein Br140' 
# 
_entity_poly.entity_id                      1 
_entity_poly.type                           'polypeptide(L)' 
_entity_poly.nstd_linkage                   no 
_entity_poly.nstd_monomer                   no 
_entity_poly.pdbx_seq_one_letter_code       
;SMEMQLTPFLILLRKTLEQLQEKDTGNIFSEPVPLSEVPDYLDHIKKPMDFFTMKQNLEAYRYLNFDDFEEDFNLIVSNC
LKYNAKDTIFYRAAVRLREQGGAVLRQARRQAEKMG
;
_entity_poly.pdbx_seq_one_letter_code_can   
;SMEMQLTPFLILLRKTLEQLQEKDTGNIFSEPVPLSEVPDYLDHIKKPMDFFTMKQNLEAYRYLNFDDFEEDFNLIVSNC
LKYNAKDTIFYRAAVRLREQGGAVLRQARRQAEKMG
;
_entity_poly.pdbx_strand_id                 A 
_entity_poly.pdbx_target_identifier         ? 
# 
loop_
_pdbx_entity_nonpoly.entity_id 
_pdbx_entity_nonpoly.name 
_pdbx_entity_nonpoly.comp_id 
2 '4-cyano-N-(7-methoxy-1,4-dimethyl-2-oxo-1,2-dihydroquinolin-6-yl)benzene-1-sulfonamide' N48 
3 1,2-ETHANEDIOL                                                                           EDO 
4 'FORMIC ACID'                                                                            FMT 
5 water                                                                                    HOH 
# 
loop_
_entity_poly_seq.entity_id 
_entity_poly_seq.num 
_entity_poly_seq.mon_id 
_entity_poly_seq.hetero 
1 1   SER n 
1 2   MET n 
1 3   GLU n 
1 4   MET n 
1 5   GLN n 
1 6   LEU n 
1 7   THR n 
1 8   PRO n 
1 9   PHE n 
1 10  LEU n 
1 11  ILE n 
1 12  LEU n 
1 13  LEU n 
1 14  ARG n 
1 15  LYS n 
1 16  THR n 
1 17  LEU n 
1 18  GLU n 
1 19  GLN n 
1 20  LEU n 
1 21  GLN n 
1 22  GLU n 
1 23  LYS n 
1 24  ASP n 
1 25  THR n 
1 26  GLY n 
1 27  ASN n 
1 28  ILE n 
1 29  PHE n 
1 30  SER n 
1 31  GLU n 
1 32  PRO n 
1 33  VAL n 
1 34  PRO n 
1 35  LEU n 
1 36  SER n 
1 37  GLU n 
1 38  VAL n 
1 39  PRO n 
1 40  ASP n 
1 41  TYR n 
1 42  LEU n 
1 43  ASP n 
1 44  HIS n 
1 45  ILE n 
1 46  LYS n 
1 47  LYS n 
1 48  PRO n 
1 49  MET n 
1 50  ASP n 
1 51  PHE n 
1 52  PHE n 
1 53  THR n 
1 54  MET n 
1 55  LYS n 
1 56  GLN n 
1 57  ASN n 
1 58  LEU n 
1 59  GLU n 
1 60  ALA n 
1 61  TYR n 
1 62  ARG n 
1 63  TYR n 
1 64  LEU n 
1 65  ASN n 
1 66  PHE n 
1 67  ASP n 
1 68  ASP n 
1 69  PHE n 
1 70  GLU n 
1 71  GLU n 
1 72  ASP n 
1 73  PHE n 
1 74  ASN n 
1 75  LEU n 
1 76  ILE n 
1 77  VAL n 
1 78  SER n 
1 79  ASN n 
1 80  CYS n 
1 81  LEU n 
1 82  LYS n 
1 83  TYR n 
1 84  ASN n 
1 85  ALA n 
1 86  LYS n 
1 87  ASP n 
1 88  THR n 
1 89  ILE n 
1 90  PHE n 
1 91  TYR n 
1 92  ARG n 
1 93  ALA n 
1 94  ALA n 
1 95  VAL n 
1 96  ARG n 
1 97  LEU n 
1 98  ARG n 
1 99  GLU n 
1 100 GLN n 
1 101 GLY n 
1 102 GLY n 
1 103 ALA n 
1 104 VAL n 
1 105 LEU n 
1 106 ARG n 
1 107 GLN n 
1 108 ALA n 
1 109 ARG n 
1 110 ARG n 
1 111 GLN n 
1 112 ALA n 
1 113 GLU n 
1 114 LYS n 
1 115 MET n 
1 116 GLY n 
# 
_entity_src_gen.entity_id                          1 
_entity_src_gen.pdbx_src_id                        1 
_entity_src_gen.pdbx_alt_source_flag               sample 
_entity_src_gen.pdbx_seq_type                      'Biological sequence' 
_entity_src_gen.pdbx_beg_seq_num                   1 
_entity_src_gen.pdbx_end_seq_num                   116 
_entity_src_gen.gene_src_common_name               Human 
_entity_src_gen.gene_src_genus                     ? 
_entity_src_gen.pdbx_gene_src_gene                 'BRPF1, BR140' 
_entity_src_gen.gene_src_species                   ? 
_entity_src_gen.gene_src_strain                    ? 
_entity_src_gen.gene_src_tissue                    ? 
_entity_src_gen.gene_src_tissue_fraction           ? 
_entity_src_gen.gene_src_details                   ? 
_entity_src_gen.pdbx_gene_src_fragment             ? 
_entity_src_gen.pdbx_gene_src_scientific_name      'Homo sapiens' 
_entity_src_gen.pdbx_gene_src_ncbi_taxonomy_id     9606 
_entity_src_gen.pdbx_gene_src_variant              ? 
_entity_src_gen.pdbx_gene_src_cell_line            ? 
_entity_src_gen.pdbx_gene_src_atcc                 ? 
_entity_src_gen.pdbx_gene_src_organ                ? 
_entity_src_gen.pdbx_gene_src_organelle            ? 
_entity_src_gen.pdbx_gene_src_cell                 ? 
_entity_src_gen.pdbx_gene_src_cellular_location    ? 
_entity_src_gen.host_org_common_name               ? 
_entity_src_gen.pdbx_host_org_scientific_name      'Escherichia coli' 
_entity_src_gen.pdbx_host_org_ncbi_taxonomy_id     562 
_entity_src_gen.host_org_genus                     ? 
_entity_src_gen.pdbx_host_org_gene                 ? 
_entity_src_gen.pdbx_host_org_organ                ? 
_entity_src_gen.host_org_species                   ? 
_entity_src_gen.pdbx_host_org_tissue               ? 
_entity_src_gen.pdbx_host_org_tissue_fraction      ? 
_entity_src_gen.pdbx_host_org_strain               ? 
_entity_src_gen.pdbx_host_org_variant              ? 
_entity_src_gen.pdbx_host_org_cell_line            ? 
_entity_src_gen.pdbx_host_org_atcc                 ? 
_entity_src_gen.pdbx_host_org_culture_collection   ? 
_entity_src_gen.pdbx_host_org_cell                 ? 
_entity_src_gen.pdbx_host_org_organelle            ? 
_entity_src_gen.pdbx_host_org_cellular_location    ? 
_entity_src_gen.pdbx_host_org_vector_type          ? 
_entity_src_gen.pdbx_host_org_vector               ? 
_entity_src_gen.host_org_details                   ? 
_entity_src_gen.expression_system_id               ? 
_entity_src_gen.plasmid_name                       ? 
_entity_src_gen.plasmid_details                    ? 
_entity_src_gen.pdbx_description                   ? 
# 
loop_
_chem_comp.id 
_chem_comp.type 
_chem_comp.mon_nstd_flag 
_chem_comp.name 
_chem_comp.pdbx_synonyms 
_chem_comp.formula 
_chem_comp.formula_weight 
ALA 'L-peptide linking' y ALANINE                                                                                  ? 'C3 H7 N O2' 
89.093  
ARG 'L-peptide linking' y ARGININE                                                                                 ? 
'C6 H15 N4 O2 1'  175.209 
ASN 'L-peptide linking' y ASPARAGINE                                                                               ? 'C4 H8 N2 O3' 
132.118 
ASP 'L-peptide linking' y 'ASPARTIC ACID'                                                                          ? 'C4 H7 N O4' 
133.103 
CYS 'L-peptide linking' y CYSTEINE                                                                                 ? 
'C3 H7 N O2 S'    121.158 
EDO non-polymer         . 1,2-ETHANEDIOL                                                                           
'ETHYLENE GLYCOL' 'C2 H6 O2'        62.068  
FMT non-polymer         . 'FORMIC ACID'                                                                            ? 'C H2 O2' 
46.025  
GLN 'L-peptide linking' y GLUTAMINE                                                                                ? 
'C5 H10 N2 O3'    146.144 
GLU 'L-peptide linking' y 'GLUTAMIC ACID'                                                                          ? 'C5 H9 N O4' 
147.129 
GLY 'peptide linking'   y GLYCINE                                                                                  ? 'C2 H5 N O2' 
75.067  
HIS 'L-peptide linking' y HISTIDINE                                                                                ? 
'C6 H10 N3 O2 1'  156.162 
HOH non-polymer         . WATER                                                                                    ? 'H2 O' 18.015 
ILE 'L-peptide linking' y ISOLEUCINE                                                                               ? 'C6 H13 N O2' 
131.173 
LEU 'L-peptide linking' y LEUCINE                                                                                  ? 'C6 H13 N O2' 
131.173 
LYS 'L-peptide linking' y LYSINE                                                                                   ? 
'C6 H15 N2 O2 1'  147.195 
MET 'L-peptide linking' y METHIONINE                                                                               ? 
'C5 H11 N O2 S'   149.211 
N48 non-polymer         . '4-cyano-N-(7-methoxy-1,4-dimethyl-2-oxo-1,2-dihydroquinolin-6-yl)benzene-1-sulfonamide' ? 
'C19 H17 N3 O4 S' 383.421 
PHE 'L-peptide linking' y PHENYLALANINE                                                                            ? 'C9 H11 N O2' 
165.189 
PRO 'L-peptide linking' y PROLINE                                                                                  ? 'C5 H9 N O2' 
115.130 
SER 'L-peptide linking' y SERINE                                                                                   ? 'C3 H7 N O3' 
105.093 
THR 'L-peptide linking' y THREONINE                                                                                ? 'C4 H9 N O3' 
119.119 
TYR 'L-peptide linking' y TYROSINE                                                                                 ? 'C9 H11 N O3' 
181.189 
VAL 'L-peptide linking' y VALINE                                                                                   ? 'C5 H11 N O2' 
117.146 
# 
loop_
_pdbx_poly_seq_scheme.asym_id 
_pdbx_poly_seq_scheme.entity_id 
_pdbx_poly_seq_scheme.seq_id 
_pdbx_poly_seq_scheme.mon_id 
_pdbx_poly_seq_scheme.ndb_seq_num 
_pdbx_poly_seq_scheme.pdb_seq_num 
_pdbx_poly_seq_scheme.auth_seq_num 
_pdbx_poly_seq_scheme.pdb_mon_id 
_pdbx_poly_seq_scheme.auth_mon_id 
_pdbx_poly_seq_scheme.pdb_strand_id 
_pdbx_poly_seq_scheme.pdb_ins_code 
_pdbx_poly_seq_scheme.hetero 
A 1 1   SER 1   625 ?   ?   ?   A . n 
A 1 2   MET 2   626 ?   ?   ?   A . n 
A 1 3   GLU 3   627 ?   ?   ?   A . n 
A 1 4   MET 4   628 628 MET MET A . n 
A 1 5   GLN 5   629 629 GLN GLN A . n 
A 1 6   LEU 6   630 630 LEU LEU A . n 
A 1 7   THR 7   631 631 THR THR A . n 
A 1 8   PRO 8   632 632 PRO PRO A . n 
A 1 9   PHE 9   633 633 PHE PHE A . n 
A 1 10  LEU 10  634 634 LEU LEU A . n 
A 1 11  ILE 11  635 635 ILE ILE A . n 
A 1 12  LEU 12  636 636 LEU LEU A . n 
A 1 13  LEU 13  637 637 LEU LEU A . n 
A 1 14  ARG 14  638 638 ARG ARG A . n 
A 1 15  LYS 15  639 639 LYS LYS A . n 
A 1 16  THR 16  640 640 THR THR A . n 
A 1 17  LEU 17  641 641 LEU LEU A . n 
A 1 18  GLU 18  642 642 GLU GLU A . n 
A 1 19  GLN 19  643 643 GLN GLN A . n 
A 1 20  LEU 20  644 644 LEU LEU A . n 
A 1 21  GLN 21  645 645 GLN GLN A . n 
A 1 22  GLU 22  646 646 GLU GLU A . n 
A 1 23  LYS 23  647 647 LYS LYS A . n 
A 1 24  ASP 24  648 648 ASP ASP A . n 
A 1 25  THR 25  649 649 THR THR A . n 
A 1 26  GLY 26  650 650 GLY GLY A . n 
A 1 27  ASN 27  651 651 ASN ASN A . n 
A 1 28  ILE 28  652 652 ILE ILE A . n 
A 1 29  PHE 29  653 653 PHE PHE A . n 
A 1 30  SER 30  654 654 SER SER A . n 
A 1 31  GLU 31  655 655 GLU GLU A . n 
A 1 32  PRO 32  656 656 PRO PRO A . n 
A 1 33  VAL 33  657 657 VAL VAL A . n 
A 1 34  PRO 34  658 658 PRO PRO A . n 
A 1 35  LEU 35  659 659 LEU LEU A . n 
A 1 36  SER 36  660 660 SER SER A . n 
A 1 37  GLU 37  661 661 GLU GLU A . n 
A 1 38  VAL 38  662 662 VAL VAL A . n 
A 1 39  PRO 39  663 663 PRO PRO A . n 
A 1 40  ASP 40  664 664 ASP ASP A . n 
A 1 41  TYR 41  665 665 TYR TYR A . n 
A 1 42  LEU 42  666 666 LEU LEU A . n 
A 1 43  ASP 43  667 667 ASP ASP A . n 
A 1 44  HIS 44  668 668 HIS HIS A . n 
A 1 45  ILE 45  669 669 ILE ILE A . n 
A 1 46  LYS 46  670 670 LYS LYS A . n 
A 1 47  LYS 47  671 671 LYS LYS A . n 
A 1 48  PRO 48  672 672 PRO PRO A . n 
A 1 49  MET 49  673 673 MET MET A . n 
A 1 50  ASP 50  674 674 ASP ASP A . n 
A 1 51  PHE 51  675 675 PHE PHE A . n 
A 1 52  PHE 52  676 676 PHE PHE A . n 
A 1 53  THR 53  677 677 THR THR A . n 
A 1 54  MET 54  678 678 MET MET A . n 
A 1 55  LYS 55  679 679 LYS LYS A . n 
A 1 56  GLN 56  680 680 GLN GLN A . n 
A 1 57  ASN 57  681 681 ASN ASN A . n 
A 1 58  LEU 58  682 682 LEU LEU A . n 
A 1 59  GLU 59  683 683 GLU GLU A . n 
A 1 60  ALA 60  684 684 ALA ALA A . n 
A 1 61  TYR 61  685 685 TYR TYR A . n 
A 1 62  ARG 62  686 686 ARG ARG A . n 
A 1 63  TYR 63  687 687 TYR TYR A . n 
A 1 64  LEU 64  688 688 LEU LEU A . n 
A 1 65  ASN 65  689 689 ASN ASN A . n 
A 1 66  PHE 66  690 690 PHE PHE A . n 
A 1 67  ASP 67  691 691 ASP ASP A . n 
A 1 68  ASP 68  692 692 ASP ASP A . n 
A 1 69  PHE 69  693 693 PHE PHE A . n 
A 1 70  GLU 70  694 694 GLU GLU A . n 
A 1 71  GLU 71  695 695 GLU GLU A . n 
A 1 72  ASP 72  696 696 ASP ASP A . n 
A 1 73  PHE 73  697 697 PHE PHE A . n 
A 1 74  ASN 74  698 698 ASN ASN A . n 
A 1 75  LEU 75  699 699 LEU LEU A . n 
A 1 76  ILE 76  700 700 ILE ILE A . n 
A 1 77  VAL 77  701 701 VAL VAL A . n 
A 1 78  SER 78  702 702 SER SER A . n 
A 1 79  ASN 79  703 703 ASN ASN A . n 
A 1 80  CYS 80  704 704 CYS CYS A . n 
A 1 81  LEU 81  705 705 LEU LEU A . n 
A 1 82  LYS 82  706 706 LYS LYS A . n 
A 1 83  TYR 83  707 707 TYR TYR A . n 
A 1 84  ASN 84  708 708 ASN ASN A . n 
A 1 85  ALA 85  709 709 ALA ALA A . n 
A 1 86  LYS 86  710 710 LYS LYS A . n 
A 1 87  ASP 87  711 711 ASP ASP A . n 
A 1 88  THR 88  712 712 THR THR A . n 
A 1 89  ILE 89  713 713 ILE ILE A . n 
A 1 90  PHE 90  714 714 PHE PHE A . n 
A 1 91  TYR 91  715 715 TYR TYR A . n 
A 1 92  ARG 92  716 716 ARG ARG A . n 
A 1 93  ALA 93  717 717 ALA ALA A . n 
A 1 94  ALA 94  718 718 ALA ALA A . n 
A 1 95  VAL 95  719 719 VAL VAL A . n 
A 1 96  ARG 96  720 720 ARG ARG A . n 
A 1 97  LEU 97  721 721 LEU LEU A . n 
A 1 98  ARG 98  722 722 ARG ARG A . n 
A 1 99  GLU 99  723 723 GLU GLU A . n 
A 1 100 GLN 100 724 724 GLN GLN A . n 
A 1 101 GLY 101 725 725 GLY GLY A . n 
A 1 102 GLY 102 726 726 GLY GLY A . n 
A 1 103 ALA 103 727 727 ALA ALA A . n 
A 1 104 VAL 104 728 728 VAL VAL A . n 
A 1 105 LEU 105 729 729 LEU LEU A . n 
A 1 106 ARG 106 730 730 ARG ARG A . n 
A 1 107 GLN 107 731 731 GLN GLN A . n 
A 1 108 ALA 108 732 732 ALA ALA A . n 
A 1 109 ARG 109 733 733 ARG ARG A . n 
A 1 110 ARG 110 734 734 ARG ARG A . n 
A 1 111 GLN 111 735 735 GLN GLN A . n 
A 1 112 ALA 112 736 736 ALA ALA A . n 
A 1 113 GLU 113 737 737 GLU GLU A . n 
A 1 114 LYS 114 738 738 LYS LYS A . n 
A 1 115 MET 115 739 739 MET MET A . n 
A 1 116 GLY 116 740 ?   ?   ?   A . n 
# 
loop_
_pdbx_nonpoly_scheme.asym_id 
_pdbx_nonpoly_scheme.entity_id 
_pdbx_nonpoly_scheme.mon_id 
_pdbx_nonpoly_scheme.ndb_seq_num 
_pdbx_nonpoly_scheme.pdb_seq_num 
_pdbx_nonpoly_scheme.auth_seq_num 
_pdbx_nonpoly_scheme.pdb_mon_id 
_pdbx_nonpoly_scheme.auth_mon_id 
_pdbx_nonpoly_scheme.pdb_strand_id 
_pdbx_nonpoly_scheme.pdb_ins_code 
B 2 N48 1  801 1  N48 N48 A . 
C 3 EDO 1  802 1  EDO EDO A . 
D 4 FMT 1  803 1  FMT FMT A . 
E 5 HOH 1  901 75 HOH HOH A . 
E 5 HOH 2  902 7  HOH HOH A . 
E 5 HOH 3  903 21 HOH HOH A . 
E 5 HOH 4  904 45 HOH HOH A . 
E 5 HOH 5  905 28 HOH HOH A . 
E 5 HOH 6  906 34 HOH HOH A . 
E 5 HOH 7  907 49 HOH HOH A . 
E 5 HOH 8  908 1  HOH HOH A . 
E 5 HOH 9  909 59 HOH HOH A . 
E 5 HOH 10 910 6  HOH HOH A . 
E 5 HOH 11 911 57 HOH HOH A . 
E 5 HOH 12 912 23 HOH HOH A . 
E 5 HOH 13 913 11 HOH HOH A . 
E 5 HOH 14 914 65 HOH HOH A . 
E 5 HOH 15 915 36 HOH HOH A . 
E 5 HOH 16 916 19 HOH HOH A . 
E 5 HOH 17 917 16 HOH HOH A . 
E 5 HOH 18 918 60 HOH HOH A . 
E 5 HOH 19 919 37 HOH HOH A . 
E 5 HOH 20 920 72 HOH HOH A . 
E 5 HOH 21 921 46 HOH HOH A . 
E 5 HOH 22 922 24 HOH HOH A . 
E 5 HOH 23 923 32 HOH HOH A . 
E 5 HOH 24 924 2  HOH HOH A . 
E 5 HOH 25 925 8  HOH HOH A . 
E 5 HOH 26 926 3  HOH HOH A . 
E 5 HOH 27 927 33 HOH HOH A . 
E 5 HOH 28 928 5  HOH HOH A . 
E 5 HOH 29 929 35 HOH HOH A . 
E 5 HOH 30 930 56 HOH HOH A . 
E 5 HOH 31 931 14 HOH HOH A . 
E 5 HOH 32 932 29 HOH HOH A . 
E 5 HOH 33 933 51 HOH HOH A . 
E 5 HOH 34 934 44 HOH HOH A . 
E 5 HOH 35 935 20 HOH HOH A . 
E 5 HOH 36 936 26 HOH HOH A . 
E 5 HOH 37 937 63 HOH HOH A . 
E 5 HOH 38 938 61 HOH HOH A . 
E 5 HOH 39 939 9  HOH HOH A . 
E 5 HOH 40 940 30 HOH HOH A . 
E 5 HOH 41 941 22 HOH HOH A . 
E 5 HOH 42 942 10 HOH HOH A . 
E 5 HOH 43 943 31 HOH HOH A . 
E 5 HOH 44 944 66 HOH HOH A . 
E 5 HOH 45 945 71 HOH HOH A . 
E 5 HOH 46 946 64 HOH HOH A . 
E 5 HOH 47 947 54 HOH HOH A . 
E 5 HOH 48 948 50 HOH HOH A . 
E 5 HOH 49 949 43 HOH HOH A . 
E 5 HOH 50 950 55 HOH HOH A . 
E 5 HOH 51 951 70 HOH HOH A . 
E 5 HOH 52 952 15 HOH HOH A . 
E 5 HOH 53 953 53 HOH HOH A . 
E 5 HOH 54 954 27 HOH HOH A . 
E 5 HOH 55 955 4  HOH HOH A . 
E 5 HOH 56 956 12 HOH HOH A . 
E 5 HOH 57 957 47 HOH HOH A . 
E 5 HOH 58 958 69 HOH HOH A . 
E 5 HOH 59 959 25 HOH HOH A . 
E 5 HOH 60 960 48 HOH HOH A . 
E 5 HOH 61 961 67 HOH HOH A . 
E 5 HOH 62 962 41 HOH HOH A . 
E 5 HOH 63 963 62 HOH HOH A . 
E 5 HOH 64 964 74 HOH HOH A . 
E 5 HOH 65 965 58 HOH HOH A . 
E 5 HOH 66 966 13 HOH HOH A . 
E 5 HOH 67 967 73 HOH HOH A . 
E 5 HOH 68 968 40 HOH HOH A . 
E 5 HOH 69 969 68 HOH HOH A . 
E 5 HOH 70 970 18 HOH HOH A . 
E 5 HOH 71 971 39 HOH HOH A . 
E 5 HOH 72 972 17 HOH HOH A . 
E 5 HOH 73 973 38 HOH HOH A . 
E 5 HOH 74 974 42 HOH HOH A . 
# 
loop_
_pdbx_unobs_or_zero_occ_atoms.id 
_pdbx_unobs_or_zero_occ_atoms.PDB_model_num 
_pdbx_unobs_or_zero_occ_atoms.polymer_flag 
_pdbx_unobs_or_zero_occ_atoms.occupancy_flag 
_pdbx_unobs_or_zero_occ_atoms.auth_asym_id 
_pdbx_unobs_or_zero_occ_atoms.auth_comp_id 
_pdbx_unobs_or_zero_occ_atoms.auth_seq_id 
_pdbx_unobs_or_zero_occ_atoms.PDB_ins_code 
_pdbx_unobs_or_zero_occ_atoms.auth_atom_id 
_pdbx_unobs_or_zero_occ_atoms.label_alt_id 
_pdbx_unobs_or_zero_occ_atoms.label_asym_id 
_pdbx_unobs_or_zero_occ_atoms.label_comp_id 
_pdbx_unobs_or_zero_occ_atoms.label_seq_id 
_pdbx_unobs_or_zero_occ_atoms.label_atom_id 
1 1 Y 1 A GLN 629 ? CD  ? A GLN 5  CD  
2 1 Y 1 A GLN 629 ? OE1 ? A GLN 5  OE1 
3 1 Y 1 A GLN 629 ? NE2 ? A GLN 5  NE2 
4 1 Y 1 A LYS 670 ? CD  ? A LYS 46 CD  
5 1 Y 1 A LYS 670 ? CE  ? A LYS 46 CE  
6 1 Y 1 A LYS 670 ? NZ  ? A LYS 46 NZ  
# 
loop_
_software.citation_id 
_software.classification 
_software.compiler_name 
_software.compiler_version 
_software.contact_author 
_software.contact_author_email 
_software.date 
_software.description 
_software.dependencies 
_software.hardware 
_software.language 
_software.location 
_software.mods 
_software.name 
_software.os 
_software.os_version 
_software.type 
_software.version 
_software.pdbx_ordinal 
? refinement       ? ? ? ? ? ? ? ? ? ? ? REFMAC  ? ? ? 5.7.0029 1 
? 'data reduction' ? ? ? ? ? ? ? ? ? ? ? XDS     ? ? ? .        2 
? 'data scaling'   ? ? ? ? ? ? ? ? ? ? ? Aimless ? ? ? .        3 
? phasing          ? ? ? ? ? ? ? ? ? ? ? PHASER  ? ? ? .        4 
# 
_cell.angle_alpha                  90.00 
_cell.angle_alpha_esd              ? 
_cell.angle_beta                   99.83 
_cell.angle_beta_esd               ? 
_cell.angle_gamma                  90.00 
_cell.angle_gamma_esd              ? 
_cell.entry_id                     5T4V 
_cell.details                      ? 
_cell.formula_units_Z              ? 
_cell.length_a                     47.086 
_cell.length_a_esd                 ? 
_cell.length_b                     60.145 
_cell.length_b_esd                 ? 
_cell.length_c                     51.948 
_cell.length_c_esd                 ? 
_cell.volume                       ? 
_cell.volume_esd                   ? 
_cell.Z_PDB                        4 
_cell.reciprocal_angle_alpha       ? 
_cell.reciprocal_angle_beta        ? 
_cell.reciprocal_angle_gamma       ? 
_cell.reciprocal_angle_alpha_esd   ? 
_cell.reciprocal_angle_beta_esd    ? 
_cell.reciprocal_angle_gamma_esd   ? 
_cell.reciprocal_length_a          ? 
_cell.reciprocal_length_b          ? 
_cell.reciprocal_length_c          ? 
_cell.reciprocal_length_a_esd      ? 
_cell.reciprocal_length_b_esd      ? 
_cell.reciprocal_length_c_esd      ? 
_cell.pdbx_unique_axis             ? 
# 
_symmetry.entry_id                         5T4V 
_symmetry.cell_setting                     ? 
_symmetry.Int_Tables_number                5 
_symmetry.space_group_name_Hall            ? 
_symmetry.space_group_name_H-M             'I 1 2 1' 
_symmetry.pdbx_full_space_group_name_H-M   ? 
# 
_exptl.absorpt_coefficient_mu     ? 
_exptl.absorpt_correction_T_max   ? 
_exptl.absorpt_correction_T_min   ? 
_exptl.absorpt_correction_type    ? 
_exptl.absorpt_process_details    ? 
_exptl.entry_id                   5T4V 
_exptl.crystals_number            1 
_exptl.details                    ? 
_exptl.method                     'X-RAY DIFFRACTION' 
_exptl.method_details             ? 
# 
_exptl_crystal.colour                      ? 
_exptl_crystal.density_diffrn              ? 
_exptl_crystal.density_Matthews            2.65 
_exptl_crystal.density_method              ? 
_exptl_crystal.density_percent_sol         53.58 
_exptl_crystal.description                 ? 
_exptl_crystal.F_000                       ? 
_exptl_crystal.id                          1 
_exptl_crystal.preparation                 ? 
_exptl_crystal.size_max                    ? 
_exptl_crystal.size_mid                    ? 
_exptl_crystal.size_min                    ? 
_exptl_crystal.size_rad                    ? 
_exptl_crystal.colour_lustre               ? 
_exptl_crystal.colour_modifier             ? 
_exptl_crystal.colour_primary              ? 
_exptl_crystal.density_meas                ? 
_exptl_crystal.density_meas_esd            ? 
_exptl_crystal.density_meas_gt             ? 
_exptl_crystal.density_meas_lt             ? 
_exptl_crystal.density_meas_temp           ? 
_exptl_crystal.density_meas_temp_esd       ? 
_exptl_crystal.density_meas_temp_gt        ? 
_exptl_crystal.density_meas_temp_lt        ? 
_exptl_crystal.pdbx_crystal_image_url      ? 
_exptl_crystal.pdbx_crystal_image_format   ? 
_exptl_crystal.pdbx_mosaicity              ? 
_exptl_crystal.pdbx_mosaicity_esd          ? 
# 
_exptl_crystal_grow.apparatus       ? 
_exptl_crystal_grow.atmosphere      ? 
_exptl_crystal_grow.crystal_id      1 
_exptl_crystal_grow.details         ? 
_exptl_crystal_grow.method          'VAPOR DIFFUSION, SITTING DROP' 
_exptl_crystal_grow.method_ref      ? 
_exptl_crystal_grow.pH              7.5 
_exptl_crystal_grow.pressure        ? 
_exptl_crystal_grow.pressure_esd    ? 
_exptl_crystal_grow.seeding         ? 
_exptl_crystal_grow.seeding_ref     ? 
_exptl_crystal_grow.temp            277.15 
_exptl_crystal_grow.temp_details    ? 
_exptl_crystal_grow.temp_esd        ? 
_exptl_crystal_grow.time            ? 
_exptl_crystal_grow.pdbx_details    '0.1 m bis-tris propane pH 8.5, 0.2 M sodium formate, 20% PEG 3350, 10% ethylene glycol' 
_exptl_crystal_grow.pdbx_pH_range   7.5-8.5 
# 
_diffrn.ambient_environment    ? 
_diffrn.ambient_temp           100 
_diffrn.ambient_temp_details   ? 
_diffrn.ambient_temp_esd       ? 
_diffrn.crystal_id             1 
_diffrn.crystal_support        ? 
_diffrn.crystal_treatment      ? 
_diffrn.details                ? 
_diffrn.id                     1 
_diffrn.ambient_pressure       ? 
_diffrn.ambient_pressure_esd   ? 
_diffrn.ambient_pressure_gt    ? 
_diffrn.ambient_pressure_lt    ? 
_diffrn.ambient_temp_gt        ? 
_diffrn.ambient_temp_lt        ? 
# 
_diffrn_detector.details                      ? 
_diffrn_detector.detector                     PIXEL 
_diffrn_detector.diffrn_id                    1 
_diffrn_detector.type                         'DECTRIS PILATUS 6M' 
_diffrn_detector.area_resol_mean              ? 
_diffrn_detector.dtime                        ? 
_diffrn_detector.pdbx_frames_total            ? 
_diffrn_detector.pdbx_collection_time_total   ? 
_diffrn_detector.pdbx_collection_date         2014-07-12 
# 
_diffrn_radiation.collimation                      ? 
_diffrn_radiation.diffrn_id                        1 
_diffrn_radiation.filter_edge                      ? 
_diffrn_radiation.inhomogeneity                    ? 
_diffrn_radiation.monochromator                    ? 
_diffrn_radiation.polarisn_norm                    ? 
_diffrn_radiation.polarisn_ratio                   ? 
_diffrn_radiation.probe                            ? 
_diffrn_radiation.type                             ? 
_diffrn_radiation.xray_symbol                      ? 
_diffrn_radiation.wavelength_id                    1 
_diffrn_radiation.pdbx_monochromatic_or_laue_m_l   M 
_diffrn_radiation.pdbx_wavelength_list             ? 
_diffrn_radiation.pdbx_wavelength                  ? 
_diffrn_radiation.pdbx_diffrn_protocol             'SINGLE WAVELENGTH' 
_diffrn_radiation.pdbx_analyzer                    ? 
_diffrn_radiation.pdbx_scattering_type             x-ray 
# 
_diffrn_radiation_wavelength.id           1 
_diffrn_radiation_wavelength.wavelength   0.9795 
_diffrn_radiation_wavelength.wt           1.0 
# 
_diffrn_source.current                     ? 
_diffrn_source.details                     ? 
_diffrn_source.diffrn_id                   1 
_diffrn_source.power                       ? 
_diffrn_source.size                        ? 
_diffrn_source.source                      SYNCHROTRON 
_diffrn_source.target                      ? 
_diffrn_source.type                        'DIAMOND BEAMLINE I02' 
_diffrn_source.voltage                     ? 
_diffrn_source.take-off_angle              ? 
_diffrn_source.pdbx_wavelength_list        0.9795 
_diffrn_source.pdbx_wavelength             ? 
_diffrn_source.pdbx_synchrotron_beamline   I02 
_diffrn_source.pdbx_synchrotron_site       Diamond 
# 
_reflns.B_iso_Wilson_estimate            23.407 
_reflns.entry_id                         5T4V 
_reflns.data_reduction_details           ? 
_reflns.data_reduction_method            ? 
_reflns.d_resolution_high                1.65 
_reflns.d_resolution_low                 25.59 
_reflns.details                          ? 
_reflns.limit_h_max                      ? 
_reflns.limit_h_min                      ? 
_reflns.limit_k_max                      ? 
_reflns.limit_k_min                      ? 
_reflns.limit_l_max                      ? 
_reflns.limit_l_min                      ? 
_reflns.number_all                       17186 
_reflns.number_obs                       87628 
_reflns.observed_criterion               ? 
_reflns.observed_criterion_F_max         ? 
_reflns.observed_criterion_F_min         ? 
_reflns.observed_criterion_I_max         ? 
_reflns.observed_criterion_I_min         ? 
_reflns.observed_criterion_sigma_F       ? 
_reflns.observed_criterion_sigma_I       ? 
_reflns.percent_possible_obs             99.0 
_reflns.R_free_details                   ? 
_reflns.Rmerge_F_all                     ? 
_reflns.Rmerge_F_obs                     ? 
_reflns.Friedel_coverage                 ? 
_reflns.number_gt                        ? 
_reflns.threshold_expression             ? 
_reflns.pdbx_redundancy                  5.1 
_reflns.pdbx_Rmerge_I_obs                0.045 
_reflns.pdbx_Rmerge_I_all                ? 
_reflns.pdbx_Rsym_value                  0.034 
_reflns.pdbx_netI_over_av_sigmaI         ? 
_reflns.pdbx_netI_over_sigmaI            16.5 
_reflns.pdbx_res_netI_over_av_sigmaI_2   ? 
_reflns.pdbx_res_netI_over_sigmaI_2      ? 
_reflns.pdbx_chi_squared                 ? 
_reflns.pdbx_scaling_rejects             ? 
_reflns.pdbx_d_res_high_opt              ? 
_reflns.pdbx_d_res_low_opt               ? 
_reflns.pdbx_d_res_opt_method            ? 
_reflns.phase_calculation_details        ? 
_reflns.pdbx_Rrim_I_all                  ? 
_reflns.pdbx_Rpim_I_all                  ? 
_reflns.pdbx_d_opt                       ? 
_reflns.pdbx_number_measured_all         ? 
_reflns.pdbx_diffrn_id                   1 
_reflns.pdbx_ordinal                     1 
_reflns.pdbx_CC_half                     0.998 
_reflns.pdbx_R_split                     ? 
# 
_reflns_shell.d_res_high                  1.65 
_reflns_shell.d_res_low                   1.67 
_reflns_shell.meanI_over_sigI_all         ? 
_reflns_shell.meanI_over_sigI_obs         2.9 
_reflns_shell.number_measured_all         ? 
_reflns_shell.number_measured_obs         ? 
_reflns_shell.number_possible             ? 
_reflns_shell.number_unique_all           ? 
_reflns_shell.number_unique_obs           ? 
_reflns_shell.percent_possible_all        97.6 
_reflns_shell.percent_possible_obs        ? 
_reflns_shell.Rmerge_F_all                ? 
_reflns_shell.Rmerge_F_obs                ? 
_reflns_shell.Rmerge_I_all                ? 
_reflns_shell.Rmerge_I_obs                0.500 
_reflns_shell.meanI_over_sigI_gt          ? 
_reflns_shell.meanI_over_uI_all           ? 
_reflns_shell.meanI_over_uI_gt            ? 
_reflns_shell.number_measured_gt          ? 
_reflns_shell.number_unique_gt            ? 
_reflns_shell.percent_possible_gt         ? 
_reflns_shell.Rmerge_F_gt                 ? 
_reflns_shell.Rmerge_I_gt                 ? 
_reflns_shell.pdbx_redundancy             4.7 
_reflns_shell.pdbx_Rsym_value             ? 
_reflns_shell.pdbx_chi_squared            ? 
_reflns_shell.pdbx_netI_over_sigmaI_all   ? 
_reflns_shell.pdbx_netI_over_sigmaI_obs   ? 
_reflns_shell.pdbx_Rrim_I_all             ? 
_reflns_shell.pdbx_Rpim_I_all             ? 
_reflns_shell.pdbx_rejects                ? 
_reflns_shell.pdbx_ordinal                1 
_reflns_shell.pdbx_diffrn_id              1 
_reflns_shell.pdbx_CC_half                0.897 
_reflns_shell.pdbx_R_split                ? 
# 
_refine.aniso_B[1][1]                            1.98 
_refine.aniso_B[1][2]                            0.00 
_refine.aniso_B[1][3]                            1.97 
_refine.aniso_B[2][2]                            -1.36 
_refine.aniso_B[2][3]                            0.00 
_refine.aniso_B[3][3]                            -0.90 
_refine.B_iso_max                                ? 
_refine.B_iso_mean                               35.233 
_refine.B_iso_min                                ? 
_refine.correlation_coeff_Fo_to_Fc               0.959 
_refine.correlation_coeff_Fo_to_Fc_free          0.942 
_refine.details                                  'HYDROGENS HAVE BEEN ADDED IN THE RIDING POSITIONS' 
_refine.diff_density_max                         ? 
_refine.diff_density_max_esd                     ? 
_refine.diff_density_min                         ? 
_refine.diff_density_min_esd                     ? 
_refine.diff_density_rms                         ? 
_refine.diff_density_rms_esd                     ? 
_refine.entry_id                                 5T4V 
_refine.pdbx_refine_id                           'X-RAY DIFFRACTION' 
_refine.ls_abs_structure_details                 ? 
_refine.ls_abs_structure_Flack                   ? 
_refine.ls_abs_structure_Flack_esd               ? 
_refine.ls_abs_structure_Rogers                  ? 
_refine.ls_abs_structure_Rogers_esd              ? 
_refine.ls_d_res_high                            1.65 
_refine.ls_d_res_low                             25.59 
_refine.ls_extinction_coef                       ? 
_refine.ls_extinction_coef_esd                   ? 
_refine.ls_extinction_expression                 ? 
_refine.ls_extinction_method                     ? 
_refine.ls_goodness_of_fit_all                   ? 
_refine.ls_goodness_of_fit_all_esd               ? 
_refine.ls_goodness_of_fit_obs                   ? 
_refine.ls_goodness_of_fit_obs_esd               ? 
_refine.ls_hydrogen_treatment                    ? 
_refine.ls_matrix_type                           ? 
_refine.ls_number_constraints                    ? 
_refine.ls_number_parameters                     ? 
_refine.ls_number_reflns_all                     ? 
_refine.ls_number_reflns_obs                     16311 
_refine.ls_number_reflns_R_free                  874 
_refine.ls_number_reflns_R_work                  ? 
_refine.ls_number_restraints                     ? 
_refine.ls_percent_reflns_obs                    98.87 
_refine.ls_percent_reflns_R_free                 5.1 
_refine.ls_R_factor_all                          ? 
_refine.ls_R_factor_obs                          0.21204 
_refine.ls_R_factor_R_free                       0.25044 
_refine.ls_R_factor_R_free_error                 ? 
_refine.ls_R_factor_R_free_error_details         ? 
_refine.ls_R_factor_R_work                       0.20990 
_refine.ls_R_Fsqd_factor_obs                     ? 
_refine.ls_R_I_factor_obs                        ? 
_refine.ls_redundancy_reflns_all                 ? 
_refine.ls_redundancy_reflns_obs                 ? 
_refine.ls_restrained_S_all                      ? 
_refine.ls_restrained_S_obs                      ? 
_refine.ls_shift_over_esd_max                    ? 
_refine.ls_shift_over_esd_mean                   ? 
_refine.ls_structure_factor_coef                 ? 
_refine.ls_weighting_details                     ? 
_refine.ls_weighting_scheme                      ? 
_refine.ls_wR_factor_all                         ? 
_refine.ls_wR_factor_obs                         ? 
_refine.ls_wR_factor_R_free                      ? 
_refine.ls_wR_factor_R_work                      ? 
_refine.occupancy_max                            ? 
_refine.occupancy_min                            ? 
_refine.solvent_model_details                    ? 
_refine.solvent_model_param_bsol                 ? 
_refine.solvent_model_param_ksol                 ? 
_refine.ls_R_factor_gt                           ? 
_refine.ls_goodness_of_fit_gt                    ? 
_refine.ls_goodness_of_fit_ref                   ? 
_refine.ls_shift_over_su_max                     ? 
_refine.ls_shift_over_su_max_lt                  ? 
_refine.ls_shift_over_su_mean                    ? 
_refine.ls_shift_over_su_mean_lt                 ? 
_refine.pdbx_ls_sigma_I                          ? 
_refine.pdbx_ls_sigma_F                          ? 
_refine.pdbx_ls_sigma_Fsqd                       ? 
_refine.pdbx_data_cutoff_high_absF               ? 
_refine.pdbx_data_cutoff_high_rms_absF           ? 
_refine.pdbx_data_cutoff_low_absF                ? 
_refine.pdbx_isotropic_thermal_model             ? 
_refine.pdbx_ls_cross_valid_method               THROUGHOUT 
_refine.pdbx_method_to_determine_struct          'MOLECULAR REPLACEMENT' 
_refine.pdbx_starting_model                      4LC2 
_refine.pdbx_stereochemistry_target_values       ? 
_refine.pdbx_R_Free_selection_details            RANDOM 
_refine.pdbx_stereochem_target_val_spec_case     ? 
_refine.pdbx_overall_ESU_R                       0.103 
_refine.pdbx_overall_ESU_R_Free                  0.106 
_refine.pdbx_solvent_vdw_probe_radii             1.20 
_refine.pdbx_solvent_ion_probe_radii             0.80 
_refine.pdbx_solvent_shrinkage_radii             0.80 
_refine.pdbx_real_space_R                        ? 
_refine.pdbx_density_correlation                 ? 
_refine.pdbx_pd_number_of_powder_patterns        ? 
_refine.pdbx_pd_number_of_points                 ? 
_refine.pdbx_pd_meas_number_of_points            ? 
_refine.pdbx_pd_proc_ls_prof_R_factor            ? 
_refine.pdbx_pd_proc_ls_prof_wR_factor           ? 
_refine.pdbx_pd_Marquardt_correlation_coeff      ? 
_refine.pdbx_pd_Fsqrd_R_factor                   ? 
_refine.pdbx_pd_ls_matrix_band_width             ? 
_refine.pdbx_overall_phase_error                 ? 
_refine.pdbx_overall_SU_R_free_Cruickshank_DPI   ? 
_refine.pdbx_overall_SU_R_free_Blow_DPI          ? 
_refine.pdbx_overall_SU_R_Blow_DPI               ? 
_refine.pdbx_TLS_residual_ADP_flag               ? 
_refine.pdbx_diffrn_id                           1 
_refine.overall_SU_B                             2.325 
_refine.overall_SU_ML                            0.080 
_refine.overall_SU_R_Cruickshank_DPI             ? 
_refine.overall_SU_R_free                        ? 
_refine.overall_FOM_free_R_set                   ? 
_refine.overall_FOM_work_R_set                   ? 
_refine.pdbx_average_fsc_overall                 ? 
_refine.pdbx_average_fsc_work                    ? 
_refine.pdbx_average_fsc_free                    ? 
# 
_refine_hist.pdbx_refine_id                   'X-RAY DIFFRACTION' 
_refine_hist.cycle_id                         1 
_refine_hist.pdbx_number_atoms_protein        928 
_refine_hist.pdbx_number_atoms_nucleic_acid   0 
_refine_hist.pdbx_number_atoms_ligand         34 
_refine_hist.number_atoms_solvent             75 
_refine_hist.number_atoms_total               1037 
_refine_hist.d_res_high                       1.65 
_refine_hist.d_res_low                        25.59 
# 
loop_
_refine_ls_restr.pdbx_refine_id 
_refine_ls_restr.criterion 
_refine_ls_restr.dev_ideal 
_refine_ls_restr.dev_ideal_target 
_refine_ls_restr.number 
_refine_ls_restr.rejects 
_refine_ls_restr.type 
_refine_ls_restr.weight 
_refine_ls_restr.pdbx_restraint_function 
'X-RAY DIFFRACTION' ? 0.014  0.019  984  ? r_bond_refined_d             ? ? 
'X-RAY DIFFRACTION' ? 0.002  0.020  938  ? r_bond_other_d               ? ? 
'X-RAY DIFFRACTION' ? 1.586  1.956  1327 ? r_angle_refined_deg          ? ? 
'X-RAY DIFFRACTION' ? 0.854  3.000  2149 ? r_angle_other_deg            ? ? 
'X-RAY DIFFRACTION' ? 5.717  5.000  113  ? r_dihedral_angle_1_deg       ? ? 
'X-RAY DIFFRACTION' ? 36.645 24.118 51   ? r_dihedral_angle_2_deg       ? ? 
'X-RAY DIFFRACTION' ? 11.820 15.000 177  ? r_dihedral_angle_3_deg       ? ? 
'X-RAY DIFFRACTION' ? 22.682 15.000 8    ? r_dihedral_angle_4_deg       ? ? 
'X-RAY DIFFRACTION' ? 0.088  0.200  140  ? r_chiral_restr               ? ? 
'X-RAY DIFFRACTION' ? 0.008  0.020  1210 ? r_gen_planes_refined         ? ? 
'X-RAY DIFFRACTION' ? 0.001  0.020  236  ? r_gen_planes_other           ? ? 
'X-RAY DIFFRACTION' ? ?      ?      ?    ? r_nbd_refined                ? ? 
'X-RAY DIFFRACTION' ? ?      ?      ?    ? r_nbd_other                  ? ? 
'X-RAY DIFFRACTION' ? ?      ?      ?    ? r_nbtor_refined              ? ? 
'X-RAY DIFFRACTION' ? ?      ?      ?    ? r_nbtor_other                ? ? 
'X-RAY DIFFRACTION' ? ?      ?      ?    ? r_xyhbond_nbd_refined        ? ? 
'X-RAY DIFFRACTION' ? ?      ?      ?    ? r_xyhbond_nbd_other          ? ? 
'X-RAY DIFFRACTION' ? ?      ?      ?    ? r_metal_ion_refined          ? ? 
'X-RAY DIFFRACTION' ? ?      ?      ?    ? r_metal_ion_other            ? ? 
'X-RAY DIFFRACTION' ? ?      ?      ?    ? r_symmetry_vdw_refined       ? ? 
'X-RAY DIFFRACTION' ? ?      ?      ?    ? r_symmetry_vdw_other         ? ? 
'X-RAY DIFFRACTION' ? ?      ?      ?    ? r_symmetry_hbond_refined     ? ? 
'X-RAY DIFFRACTION' ? ?      ?      ?    ? r_symmetry_hbond_other       ? ? 
'X-RAY DIFFRACTION' ? ?      ?      ?    ? r_symmetry_metal_ion_refined ? ? 
'X-RAY DIFFRACTION' ? ?      ?      ?    ? r_symmetry_metal_ion_other   ? ? 
'X-RAY DIFFRACTION' ? ?      ?      ?    ? r_mcbond_it                  ? ? 
'X-RAY DIFFRACTION' ? ?      ?      ?    ? r_mcbond_other               ? ? 
'X-RAY DIFFRACTION' ? ?      ?      ?    ? r_mcangle_it                 ? ? 
'X-RAY DIFFRACTION' ? ?      ?      ?    ? r_mcangle_other              ? ? 
'X-RAY DIFFRACTION' ? ?      ?      ?    ? r_scbond_it                  ? ? 
'X-RAY DIFFRACTION' ? ?      ?      ?    ? r_scbond_other               ? ? 
'X-RAY DIFFRACTION' ? ?      ?      ?    ? r_scangle_it                 ? ? 
'X-RAY DIFFRACTION' ? ?      ?      ?    ? r_scangle_other              ? ? 
'X-RAY DIFFRACTION' ? ?      ?      ?    ? r_long_range_B_refined       ? ? 
'X-RAY DIFFRACTION' ? ?      ?      ?    ? r_long_range_B_other         ? ? 
'X-RAY DIFFRACTION' ? ?      ?      ?    ? r_rigid_bond_restr           ? ? 
'X-RAY DIFFRACTION' ? ?      ?      ?    ? r_sphericity_free            ? ? 
'X-RAY DIFFRACTION' ? ?      ?      ?    ? r_sphericity_bonded          ? ? 
# 
_refine_ls_shell.pdbx_refine_id                   'X-RAY DIFFRACTION' 
_refine_ls_shell.d_res_high                       1.647 
_refine_ls_shell.d_res_low                        1.689 
_refine_ls_shell.number_reflns_all                ? 
_refine_ls_shell.number_reflns_obs                ? 
_refine_ls_shell.number_reflns_R_free             60 
_refine_ls_shell.number_reflns_R_work             1232 
_refine_ls_shell.percent_reflns_obs               98.25 
_refine_ls_shell.percent_reflns_R_free            ? 
_refine_ls_shell.R_factor_all                     ? 
_refine_ls_shell.R_factor_obs                     ? 
_refine_ls_shell.R_factor_R_free                  0.391 
_refine_ls_shell.R_factor_R_free_error            ? 
_refine_ls_shell.R_factor_R_work                  0.308 
_refine_ls_shell.redundancy_reflns_all            ? 
_refine_ls_shell.redundancy_reflns_obs            ? 
_refine_ls_shell.wR_factor_all                    ? 
_refine_ls_shell.wR_factor_obs                    ? 
_refine_ls_shell.wR_factor_R_free                 ? 
_refine_ls_shell.wR_factor_R_work                 ? 
_refine_ls_shell.pdbx_total_number_of_bins_used   20 
_refine_ls_shell.pdbx_phase_error                 ? 
_refine_ls_shell.pdbx_fsc_work                    ? 
_refine_ls_shell.pdbx_fsc_free                    ? 
# 
_struct.entry_id                     5T4V 
_struct.title                        'Crystal structure of the bromodomain of human BRPF1 in complex with NI-48 ligand' 
_struct.pdbx_model_details           ? 
_struct.pdbx_formula_weight          ? 
_struct.pdbx_formula_weight_method   ? 
_struct.pdbx_model_type_details      ? 
_struct.pdbx_CASP_flag               N 
# 
_struct_keywords.entry_id        5T4V 
_struct_keywords.text            'Transcription, Structural Genomics, Structural Genomics Consortium, SGC' 
_struct_keywords.pdbx_keywords   TRANSCRIPTION 
# 
loop_
_struct_asym.id 
_struct_asym.pdbx_blank_PDB_chainid_flag 
_struct_asym.pdbx_modified 
_struct_asym.entity_id 
_struct_asym.details 
A N N 1 ? 
B N N 2 ? 
C N N 3 ? 
D N N 4 ? 
E N N 5 ? 
# 
_struct_ref.id                         1 
_struct_ref.db_name                    UNP 
_struct_ref.db_code                    BRPF1_HUMAN 
_struct_ref.pdbx_db_accession          P55201 
_struct_ref.pdbx_db_isoform            ? 
_struct_ref.entity_id                  1 
_struct_ref.pdbx_seq_one_letter_code   
;EMQLTPFLILLRKTLEQLQEKDTGNIFSEPVPLSEVPDYLDHIKKPMDFFTMKQNLEAYRYLNFDDFEEDFNLIVSNCLK
YNAKDTIFYRAAVRLREQGGAVLRQARRQAEKMG
;
_struct_ref.pdbx_align_begin           627 
# 
_struct_ref_seq.align_id                      1 
_struct_ref_seq.ref_id                        1 
_struct_ref_seq.pdbx_PDB_id_code              5T4V 
_struct_ref_seq.pdbx_strand_id                A 
_struct_ref_seq.seq_align_beg                 3 
_struct_ref_seq.pdbx_seq_align_beg_ins_code   ? 
_struct_ref_seq.seq_align_end                 116 
_struct_ref_seq.pdbx_seq_align_end_ins_code   ? 
_struct_ref_seq.pdbx_db_accession             P55201 
_struct_ref_seq.db_align_beg                  627 
_struct_ref_seq.pdbx_db_align_beg_ins_code    ? 
_struct_ref_seq.db_align_end                  740 
_struct_ref_seq.pdbx_db_align_end_ins_code    ? 
_struct_ref_seq.pdbx_auth_seq_align_beg       627 
_struct_ref_seq.pdbx_auth_seq_align_end       740 
# 
loop_
_struct_ref_seq_dif.align_id 
_struct_ref_seq_dif.pdbx_pdb_id_code 
_struct_ref_seq_dif.mon_id 
_struct_ref_seq_dif.pdbx_pdb_strand_id 
_struct_ref_seq_dif.seq_num 
_struct_ref_seq_dif.pdbx_pdb_ins_code 
_struct_ref_seq_dif.pdbx_seq_db_name 
_struct_ref_seq_dif.pdbx_seq_db_accession_code 
_struct_ref_seq_dif.db_mon_id 
_struct_ref_seq_dif.pdbx_seq_db_seq_num 
_struct_ref_seq_dif.details 
_struct_ref_seq_dif.pdbx_auth_seq_num 
_struct_ref_seq_dif.pdbx_ordinal 
1 5T4V SER A 1 ? UNP P55201 ? ? 'expression tag' 625 1 
1 5T4V MET A 2 ? UNP P55201 ? ? 'expression tag' 626 2 
# 
_pdbx_struct_assembly.id                   1 
_pdbx_struct_assembly.details              author_and_software_defined_assembly 
_pdbx_struct_assembly.method_details       PISA 
_pdbx_struct_assembly.oligomeric_details   monomeric 
_pdbx_struct_assembly.oligomeric_count     1 
# 
loop_
_pdbx_struct_assembly_prop.biol_id 
_pdbx_struct_assembly_prop.type 
_pdbx_struct_assembly_prop.value 
_pdbx_struct_assembly_prop.details 
1 'ABSA (A^2)' 230  ? 
1 MORE         2    ? 
1 'SSA (A^2)'  7120 ? 
# 
_pdbx_struct_assembly_gen.assembly_id       1 
_pdbx_struct_assembly_gen.oper_expression   1 
_pdbx_struct_assembly_gen.asym_id_list      A,B,C,D,E 
# 
_pdbx_struct_oper_list.id                   1 
_pdbx_struct_oper_list.type                 'identity operation' 
_pdbx_struct_oper_list.name                 1_555 
_pdbx_struct_oper_list.symmetry_operation   x,y,z 
_pdbx_struct_oper_list.matrix[1][1]         1.0000000000 
_pdbx_struct_oper_list.matrix[1][2]         0.0000000000 
_pdbx_struct_oper_list.matrix[1][3]         0.0000000000 
_pdbx_struct_oper_list.vector[1]            0.0000000000 
_pdbx_struct_oper_list.matrix[2][1]         0.0000000000 
_pdbx_struct_oper_list.matrix[2][2]         1.0000000000 
_pdbx_struct_oper_list.matrix[2][3]         0.0000000000 
_pdbx_struct_oper_list.vector[2]            0.0000000000 
_pdbx_struct_oper_list.matrix[3][1]         0.0000000000 
_pdbx_struct_oper_list.matrix[3][2]         0.0000000000 
_pdbx_struct_oper_list.matrix[3][3]         1.0000000000 
_pdbx_struct_oper_list.vector[3]            0.0000000000 
# 
loop_
_struct_conf.conf_type_id 
_struct_conf.id 
_struct_conf.pdbx_PDB_helix_id 
_struct_conf.beg_label_comp_id 
_struct_conf.beg_label_asym_id 
_struct_conf.beg_label_seq_id 
_struct_conf.pdbx_beg_PDB_ins_code 
_struct_conf.end_label_comp_id 
_struct_conf.end_label_asym_id 
_struct_conf.end_label_seq_id 
_struct_conf.pdbx_end_PDB_ins_code 
_struct_conf.beg_auth_comp_id 
_struct_conf.beg_auth_asym_id 
_struct_conf.beg_auth_seq_id 
_struct_conf.end_auth_comp_id 
_struct_conf.end_auth_asym_id 
_struct_conf.end_auth_seq_id 
_struct_conf.pdbx_PDB_helix_class 
_struct_conf.details 
_struct_conf.pdbx_PDB_helix_length 
HELX_P HELX_P1 AA1 THR A 7  ? ASP A 24  ? THR A 631 ASP A 648 1 ? 18 
HELX_P HELX_P2 AA2 ASP A 40 ? ILE A 45  ? ASP A 664 ILE A 669 1 ? 6  
HELX_P HELX_P3 AA3 ASP A 50 ? ALA A 60  ? ASP A 674 ALA A 684 1 ? 11 
HELX_P HELX_P4 AA4 ASN A 65 ? ASN A 84  ? ASN A 689 ASN A 708 1 ? 20 
HELX_P HELX_P5 AA5 THR A 88 ? LYS A 114 ? THR A 712 LYS A 738 1 ? 27 
# 
_struct_conf_type.id          HELX_P 
_struct_conf_type.criteria    ? 
_struct_conf_type.reference   ? 
# 
loop_
_struct_site.id 
_struct_site.pdbx_evidence_code 
_struct_site.pdbx_auth_asym_id 
_struct_site.pdbx_auth_comp_id 
_struct_site.pdbx_auth_seq_id 
_struct_site.pdbx_auth_ins_code 
_struct_site.pdbx_num_residues 
_struct_site.details 
AC1 Software A N48 801 ? 11 'binding site for residue N48 A 801' 
AC2 Software A EDO 802 ? 5  'binding site for residue EDO A 802' 
AC3 Software A FMT 803 ? 4  'binding site for residue FMT A 803' 
# 
loop_
_struct_site_gen.id 
_struct_site_gen.site_id 
_struct_site_gen.pdbx_num_res 
_struct_site_gen.label_comp_id 
_struct_site_gen.label_asym_id 
_struct_site_gen.label_seq_id 
_struct_site_gen.pdbx_auth_ins_code 
_struct_site_gen.auth_comp_id 
_struct_site_gen.auth_asym_id 
_struct_site_gen.auth_seq_id 
_struct_site_gen.label_atom_id 
_struct_site_gen.label_alt_id 
_struct_site_gen.symmetry 
_struct_site_gen.details 
1  AC1 11 ARG A 14 ? ARG A 638 . ? 4_444 ? 
2  AC1 11 LYS A 15 ? LYS A 639 . ? 4_444 ? 
3  AC1 11 GLU A 18 ? GLU A 642 . ? 4_444 ? 
4  AC1 11 VAL A 33 ? VAL A 657 . ? 1_555 ? 
5  AC1 11 PRO A 34 ? PRO A 658 . ? 1_555 ? 
6  AC1 11 GLU A 37 ? GLU A 661 . ? 1_555 ? 
7  AC1 11 CYS A 80 ? CYS A 704 . ? 1_555 ? 
8  AC1 11 ASN A 84 ? ASN A 708 . ? 1_555 ? 
9  AC1 11 PHE A 90 ? PHE A 714 . ? 1_555 ? 
10 AC1 11 HOH E .  ? HOH A 908 . ? 1_555 ? 
11 AC1 11 HOH E .  ? HOH A 950 . ? 1_555 ? 
12 AC2 5  LYS A 82 ? LYS A 706 . ? 1_555 ? 
13 AC2 5  TYR A 83 ? TYR A 707 . ? 1_555 ? 
14 AC2 5  ALA A 85 ? ALA A 709 . ? 1_555 ? 
15 AC2 5  LYS A 86 ? LYS A 710 . ? 2_554 ? 
16 AC2 5  HOH E .  ? HOH A 956 . ? 1_555 ? 
17 AC3 4  GLN A 56 ? GLN A 680 . ? 1_555 ? 
18 AC3 4  GLN A 56 ? GLN A 680 . ? 2_555 ? 
19 AC3 4  ARG A 62 ? ARG A 686 . ? 1_555 ? 
20 AC3 4  ARG A 62 ? ARG A 686 . ? 2_555 ? 
# 
_pdbx_validate_close_contact.id               1 
_pdbx_validate_close_contact.PDB_model_num    1 
_pdbx_validate_close_contact.auth_atom_id_1   O 
_pdbx_validate_close_contact.auth_asym_id_1   A 
_pdbx_validate_close_contact.auth_comp_id_1   HOH 
_pdbx_validate_close_contact.auth_seq_id_1    911 
_pdbx_validate_close_contact.PDB_ins_code_1   ? 
_pdbx_validate_close_contact.label_alt_id_1   ? 
_pdbx_validate_close_contact.auth_atom_id_2   O 
_pdbx_validate_close_contact.auth_asym_id_2   A 
_pdbx_validate_close_contact.auth_comp_id_2   HOH 
_pdbx_validate_close_contact.auth_seq_id_2    920 
_pdbx_validate_close_contact.PDB_ins_code_2   ? 
_pdbx_validate_close_contact.label_alt_id_2   ? 
_pdbx_validate_close_contact.dist             1.69 
# 
_pdbx_validate_rmsd_angle.id                         1 
_pdbx_validate_rmsd_angle.PDB_model_num              1 
_pdbx_validate_rmsd_angle.auth_atom_id_1             CB 
_pdbx_validate_rmsd_angle.auth_asym_id_1             A 
_pdbx_validate_rmsd_angle.auth_comp_id_1             ASP 
_pdbx_validate_rmsd_angle.auth_seq_id_1              648 
_pdbx_validate_rmsd_angle.PDB_ins_code_1             ? 
_pdbx_validate_rmsd_angle.label_alt_id_1             ? 
_pdbx_validate_rmsd_angle.auth_atom_id_2             CG 
_pdbx_validate_rmsd_angle.auth_asym_id_2             A 
_pdbx_validate_rmsd_angle.auth_comp_id_2             ASP 
_pdbx_validate_rmsd_angle.auth_seq_id_2              648 
_pdbx_validate_rmsd_angle.PDB_ins_code_2             ? 
_pdbx_validate_rmsd_angle.label_alt_id_2             ? 
_pdbx_validate_rmsd_angle.auth_atom_id_3             OD2 
_pdbx_validate_rmsd_angle.auth_asym_id_3             A 
_pdbx_validate_rmsd_angle.auth_comp_id_3             ASP 
_pdbx_validate_rmsd_angle.auth_seq_id_3              648 
_pdbx_validate_rmsd_angle.PDB_ins_code_3             ? 
_pdbx_validate_rmsd_angle.label_alt_id_3             ? 
_pdbx_validate_rmsd_angle.angle_value                112.47 
_pdbx_validate_rmsd_angle.angle_target_value         118.30 
_pdbx_validate_rmsd_angle.angle_deviation            -5.83 
_pdbx_validate_rmsd_angle.angle_standard_deviation   0.90 
_pdbx_validate_rmsd_angle.linker_flag                N 
# 
_pdbx_validate_torsion.id              1 
_pdbx_validate_torsion.PDB_model_num   1 
_pdbx_validate_torsion.auth_comp_id    LYS 
_pdbx_validate_torsion.auth_asym_id    A 
_pdbx_validate_torsion.auth_seq_id     738 
_pdbx_validate_torsion.PDB_ins_code    ? 
_pdbx_validate_torsion.label_alt_id    ? 
_pdbx_validate_torsion.phi             -56.98 
_pdbx_validate_torsion.psi             -6.50 
# 
_pdbx_SG_project.id                    1 
_pdbx_SG_project.project_name          ? 
_pdbx_SG_project.full_name_of_center   'Structural Genomics Consortium' 
_pdbx_SG_project.initial_of_center     SGC 
# 
loop_
_pdbx_struct_special_symmetry.id 
_pdbx_struct_special_symmetry.PDB_model_num 
_pdbx_struct_special_symmetry.auth_asym_id 
_pdbx_struct_special_symmetry.auth_comp_id 
_pdbx_struct_special_symmetry.auth_seq_id 
_pdbx_struct_special_symmetry.PDB_ins_code 
_pdbx_struct_special_symmetry.label_asym_id 
_pdbx_struct_special_symmetry.label_comp_id 
_pdbx_struct_special_symmetry.label_seq_id 
1 1 A FMT 803 ? D FMT . 
2 1 A HOH 953 ? E HOH . 
# 
_pdbx_distant_solvent_atoms.id                                1 
_pdbx_distant_solvent_atoms.PDB_model_num                     1 
_pdbx_distant_solvent_atoms.auth_atom_id                      O 
_pdbx_distant_solvent_atoms.label_alt_id                      ? 
_pdbx_distant_solvent_atoms.auth_asym_id                      A 
_pdbx_distant_solvent_atoms.auth_comp_id                      HOH 
_pdbx_distant_solvent_atoms.auth_seq_id                       975 
_pdbx_distant_solvent_atoms.PDB_ins_code                      ? 
_pdbx_distant_solvent_atoms.neighbor_macromolecule_distance   6.91 
_pdbx_distant_solvent_atoms.neighbor_ligand_distance          . 
# 
loop_
_pdbx_unobs_or_zero_occ_residues.id 
_pdbx_unobs_or_zero_occ_residues.PDB_model_num 
_pdbx_unobs_or_zero_occ_residues.polymer_flag 
_pdbx_unobs_or_zero_occ_residues.occupancy_flag 
_pdbx_unobs_or_zero_occ_residues.auth_asym_id 
_pdbx_unobs_or_zero_occ_residues.auth_comp_id 
_pdbx_unobs_or_zero_occ_residues.auth_seq_id 
_pdbx_unobs_or_zero_occ_residues.PDB_ins_code 
_pdbx_unobs_or_zero_occ_residues.label_asym_id 
_pdbx_unobs_or_zero_occ_residues.label_comp_id 
_pdbx_unobs_or_zero_occ_residues.label_seq_id 
1 1 Y 1 A SER 625 ? A SER 1   
2 1 Y 1 A MET 626 ? A MET 2   
3 1 Y 1 A GLU 627 ? A GLU 3   
4 1 Y 1 A GLY 740 ? A GLY 116 
# 
loop_
_chem_comp_atom.comp_id 
_chem_comp_atom.atom_id 
_chem_comp_atom.type_symbol 
_chem_comp_atom.pdbx_aromatic_flag 
_chem_comp_atom.pdbx_stereo_config 
_chem_comp_atom.pdbx_ordinal 
ALA N    N N N 1   
ALA CA   C N S 2   
ALA C    C N N 3   
ALA O    O N N 4   
ALA CB   C N N 5   
ALA OXT  O N N 6   
ALA H    H N N 7   
ALA H2   H N N 8   
ALA HA   H N N 9   
ALA HB1  H N N 10  
ALA HB2  H N N 11  
ALA HB3  H N N 12  
ALA HXT  H N N 13  
ARG N    N N N 14  
ARG CA   C N S 15  
ARG C    C N N 16  
ARG O    O N N 17  
ARG CB   C N N 18  
ARG CG   C N N 19  
ARG CD   C N N 20  
ARG NE   N N N 21  
ARG CZ   C N N 22  
ARG NH1  N N N 23  
ARG NH2  N N N 24  
ARG OXT  O N N 25  
ARG H    H N N 26  
ARG H2   H N N 27  
ARG HA   H N N 28  
ARG HB2  H N N 29  
ARG HB3  H N N 30  
ARG HG2  H N N 31  
ARG HG3  H N N 32  
ARG HD2  H N N 33  
ARG HD3  H N N 34  
ARG HE   H N N 35  
ARG HH11 H N N 36  
ARG HH12 H N N 37  
ARG HH21 H N N 38  
ARG HH22 H N N 39  
ARG HXT  H N N 40  
ASN N    N N N 41  
ASN CA   C N S 42  
ASN C    C N N 43  
ASN O    O N N 44  
ASN CB   C N N 45  
ASN CG   C N N 46  
ASN OD1  O N N 47  
ASN ND2  N N N 48  
ASN OXT  O N N 49  
ASN H    H N N 50  
ASN H2   H N N 51  
ASN HA   H N N 52  
ASN HB2  H N N 53  
ASN HB3  H N N 54  
ASN HD21 H N N 55  
ASN HD22 H N N 56  
ASN HXT  H N N 57  
ASP N    N N N 58  
ASP CA   C N S 59  
ASP C    C N N 60  
ASP O    O N N 61  
ASP CB   C N N 62  
ASP CG   C N N 63  
ASP OD1  O N N 64  
ASP OD2  O N N 65  
ASP OXT  O N N 66  
ASP H    H N N 67  
ASP H2   H N N 68  
ASP HA   H N N 69  
ASP HB2  H N N 70  
ASP HB3  H N N 71  
ASP HD2  H N N 72  
ASP HXT  H N N 73  
CYS N    N N N 74  
CYS CA   C N R 75  
CYS C    C N N 76  
CYS O    O N N 77  
CYS CB   C N N 78  
CYS SG   S N N 79  
CYS OXT  O N N 80  
CYS H    H N N 81  
CYS H2   H N N 82  
CYS HA   H N N 83  
CYS HB2  H N N 84  
CYS HB3  H N N 85  
CYS HG   H N N 86  
CYS HXT  H N N 87  
EDO C1   C N N 88  
EDO O1   O N N 89  
EDO C2   C N N 90  
EDO O2   O N N 91  
EDO H11  H N N 92  
EDO H12  H N N 93  
EDO HO1  H N N 94  
EDO H21  H N N 95  
EDO H22  H N N 96  
EDO HO2  H N N 97  
FMT C    C N N 98  
FMT O1   O N N 99  
FMT O2   O N N 100 
FMT H    H N N 101 
FMT HO2  H N N 102 
GLN N    N N N 103 
GLN CA   C N S 104 
GLN C    C N N 105 
GLN O    O N N 106 
GLN CB   C N N 107 
GLN CG   C N N 108 
GLN CD   C N N 109 
GLN OE1  O N N 110 
GLN NE2  N N N 111 
GLN OXT  O N N 112 
GLN H    H N N 113 
GLN H2   H N N 114 
GLN HA   H N N 115 
GLN HB2  H N N 116 
GLN HB3  H N N 117 
GLN HG2  H N N 118 
GLN HG3  H N N 119 
GLN HE21 H N N 120 
GLN HE22 H N N 121 
GLN HXT  H N N 122 
GLU N    N N N 123 
GLU CA   C N S 124 
GLU C    C N N 125 
GLU O    O N N 126 
GLU CB   C N N 127 
GLU CG   C N N 128 
GLU CD   C N N 129 
GLU OE1  O N N 130 
GLU OE2  O N N 131 
GLU OXT  O N N 132 
GLU H    H N N 133 
GLU H2   H N N 134 
GLU HA   H N N 135 
GLU HB2  H N N 136 
GLU HB3  H N N 137 
GLU HG2  H N N 138 
GLU HG3  H N N 139 
GLU HE2  H N N 140 
GLU HXT  H N N 141 
GLY N    N N N 142 
GLY CA   C N N 143 
GLY C    C N N 144 
GLY O    O N N 145 
GLY OXT  O N N 146 
GLY H    H N N 147 
GLY H2   H N N 148 
GLY HA2  H N N 149 
GLY HA3  H N N 150 
GLY HXT  H N N 151 
HIS N    N N N 152 
HIS CA   C N S 153 
HIS C    C N N 154 
HIS O    O N N 155 
HIS CB   C N N 156 
HIS CG   C Y N 157 
HIS ND1  N Y N 158 
HIS CD2  C Y N 159 
HIS CE1  C Y N 160 
HIS NE2  N Y N 161 
HIS OXT  O N N 162 
HIS H    H N N 163 
HIS H2   H N N 164 
HIS HA   H N N 165 
HIS HB2  H N N 166 
HIS HB3  H N N 167 
HIS HD1  H N N 168 
HIS HD2  H N N 169 
HIS HE1  H N N 170 
HIS HE2  H N N 171 
HIS HXT  H N N 172 
HOH O    O N N 173 
HOH H1   H N N 174 
HOH H2   H N N 175 
ILE N    N N N 176 
ILE CA   C N S 177 
ILE C    C N N 178 
ILE O    O N N 179 
ILE CB   C N S 180 
ILE CG1  C N N 181 
ILE CG2  C N N 182 
ILE CD1  C N N 183 
ILE OXT  O N N 184 
ILE H    H N N 185 
ILE H2   H N N 186 
ILE HA   H N N 187 
ILE HB   H N N 188 
ILE HG12 H N N 189 
ILE HG13 H N N 190 
ILE HG21 H N N 191 
ILE HG22 H N N 192 
ILE HG23 H N N 193 
ILE HD11 H N N 194 
ILE HD12 H N N 195 
ILE HD13 H N N 196 
ILE HXT  H N N 197 
LEU N    N N N 198 
LEU CA   C N S 199 
LEU C    C N N 200 
LEU O    O N N 201 
LEU CB   C N N 202 
LEU CG   C N N 203 
LEU CD1  C N N 204 
LEU CD2  C N N 205 
LEU OXT  O N N 206 
LEU H    H N N 207 
LEU H2   H N N 208 
LEU HA   H N N 209 
LEU HB2  H N N 210 
LEU HB3  H N N 211 
LEU HG   H N N 212 
LEU HD11 H N N 213 
LEU HD12 H N N 214 
LEU HD13 H N N 215 
LEU HD21 H N N 216 
LEU HD22 H N N 217 
LEU HD23 H N N 218 
LEU HXT  H N N 219 
LYS N    N N N 220 
LYS CA   C N S 221 
LYS C    C N N 222 
LYS O    O N N 223 
LYS CB   C N N 224 
LYS CG   C N N 225 
LYS CD   C N N 226 
LYS CE   C N N 227 
LYS NZ   N N N 228 
LYS OXT  O N N 229 
LYS H    H N N 230 
LYS H2   H N N 231 
LYS HA   H N N 232 
LYS HB2  H N N 233 
LYS HB3  H N N 234 
LYS HG2  H N N 235 
LYS HG3  H N N 236 
LYS HD2  H N N 237 
LYS HD3  H N N 238 
LYS HE2  H N N 239 
LYS HE3  H N N 240 
LYS HZ1  H N N 241 
LYS HZ2  H N N 242 
LYS HZ3  H N N 243 
LYS HXT  H N N 244 
MET N    N N N 245 
MET CA   C N S 246 
MET C    C N N 247 
MET O    O N N 248 
MET CB   C N N 249 
MET CG   C N N 250 
MET SD   S N N 251 
MET CE   C N N 252 
MET OXT  O N N 253 
MET H    H N N 254 
MET H2   H N N 255 
MET HA   H N N 256 
MET HB2  H N N 257 
MET HB3  H N N 258 
MET HG2  H N N 259 
MET HG3  H N N 260 
MET HE1  H N N 261 
MET HE2  H N N 262 
MET HE3  H N N 263 
MET HXT  H N N 264 
N48 O3   O N N 265 
N48 C14  C N N 266 
N48 C13  C N N 267 
N48 C12  C N N 268 
N48 C18  C N N 269 
N48 N2   N N N 270 
N48 C15  C N N 271 
N48 C16  C Y N 272 
N48 C17  C Y N 273 
N48 C1   C Y N 274 
N48 O    O N N 275 
N48 C    C N N 276 
N48 C11  C Y N 277 
N48 C10  C Y N 278 
N48 C2   C Y N 279 
N48 N    N N N 280 
N48 S    S N N 281 
N48 O1   O N N 282 
N48 O2   O N N 283 
N48 C3   C Y N 284 
N48 C8   C Y N 285 
N48 C7   C Y N 286 
N48 C6   C Y N 287 
N48 C9   C N N 288 
N48 N1   N N N 289 
N48 C5   C Y N 290 
N48 C4   C Y N 291 
N48 H1   H N N 292 
N48 H2   H N N 293 
N48 H3   H N N 294 
N48 H4   H N N 295 
N48 H5   H N N 296 
N48 H6   H N N 297 
N48 H7   H N N 298 
N48 H8   H N N 299 
N48 H9   H N N 300 
N48 H10  H N N 301 
N48 H11  H N N 302 
N48 H12  H N N 303 
N48 H13  H N N 304 
N48 H14  H N N 305 
N48 H15  H N N 306 
N48 H16  H N N 307 
N48 H17  H N N 308 
PHE N    N N N 309 
PHE CA   C N S 310 
PHE C    C N N 311 
PHE O    O N N 312 
PHE CB   C N N 313 
PHE CG   C Y N 314 
PHE CD1  C Y N 315 
PHE CD2  C Y N 316 
PHE CE1  C Y N 317 
PHE CE2  C Y N 318 
PHE CZ   C Y N 319 
PHE OXT  O N N 320 
PHE H    H N N 321 
PHE H2   H N N 322 
PHE HA   H N N 323 
PHE HB2  H N N 324 
PHE HB3  H N N 325 
PHE HD1  H N N 326 
PHE HD2  H N N 327 
PHE HE1  H N N 328 
PHE HE2  H N N 329 
PHE HZ   H N N 330 
PHE HXT  H N N 331 
PRO N    N N N 332 
PRO CA   C N S 333 
PRO C    C N N 334 
PRO O    O N N 335 
PRO CB   C N N 336 
PRO CG   C N N 337 
PRO CD   C N N 338 
PRO OXT  O N N 339 
PRO H    H N N 340 
PRO HA   H N N 341 
PRO HB2  H N N 342 
PRO HB3  H N N 343 
PRO HG2  H N N 344 
PRO HG3  H N N 345 
PRO HD2  H N N 346 
PRO HD3  H N N 347 
PRO HXT  H N N 348 
SER N    N N N 349 
SER CA   C N S 350 
SER C    C N N 351 
SER O    O N N 352 
SER CB   C N N 353 
SER OG   O N N 354 
SER OXT  O N N 355 
SER H    H N N 356 
SER H2   H N N 357 
SER HA   H N N 358 
SER HB2  H N N 359 
SER HB3  H N N 360 
SER HG   H N N 361 
SER HXT  H N N 362 
THR N    N N N 363 
THR CA   C N S 364 
THR C    C N N 365 
THR O    O N N 366 
THR CB   C N R 367 
THR OG1  O N N 368 
THR CG2  C N N 369 
THR OXT  O N N 370 
THR H    H N N 371 
THR H2   H N N 372 
THR HA   H N N 373 
THR HB   H N N 374 
THR HG1  H N N 375 
THR HG21 H N N 376 
THR HG22 H N N 377 
THR HG23 H N N 378 
THR HXT  H N N 379 
TYR N    N N N 380 
TYR CA   C N S 381 
TYR C    C N N 382 
TYR O    O N N 383 
TYR CB   C N N 384 
TYR CG   C Y N 385 
TYR CD1  C Y N 386 
TYR CD2  C Y N 387 
TYR CE1  C Y N 388 
TYR CE2  C Y N 389 
TYR CZ   C Y N 390 
TYR OH   O N N 391 
TYR OXT  O N N 392 
TYR H    H N N 393 
TYR H2   H N N 394 
TYR HA   H N N 395 
TYR HB2  H N N 396 
TYR HB3  H N N 397 
TYR HD1  H N N 398 
TYR HD2  H N N 399 
TYR HE1  H N N 400 
TYR HE2  H N N 401 
TYR HH   H N N 402 
TYR HXT  H N N 403 
VAL N    N N N 404 
VAL CA   C N S 405 
VAL C    C N N 406 
VAL O    O N N 407 
VAL CB   C N N 408 
VAL CG1  C N N 409 
VAL CG2  C N N 410 
VAL OXT  O N N 411 
VAL H    H N N 412 
VAL H2   H N N 413 
VAL HA   H N N 414 
VAL HB   H N N 415 
VAL HG11 H N N 416 
VAL HG12 H N N 417 
VAL HG13 H N N 418 
VAL HG21 H N N 419 
VAL HG22 H N N 420 
VAL HG23 H N N 421 
VAL HXT  H N N 422 
# 
loop_
_chem_comp_bond.comp_id 
_chem_comp_bond.atom_id_1 
_chem_comp_bond.atom_id_2 
_chem_comp_bond.value_order 
_chem_comp_bond.pdbx_aromatic_flag 
_chem_comp_bond.pdbx_stereo_config 
_chem_comp_bond.pdbx_ordinal 
ALA N   CA   sing N N 1   
ALA N   H    sing N N 2   
ALA N   H2   sing N N 3   
ALA CA  C    sing N N 4   
ALA CA  CB   sing N N 5   
ALA CA  HA   sing N N 6   
ALA C   O    doub N N 7   
ALA C   OXT  sing N N 8   
ALA CB  HB1  sing N N 9   
ALA CB  HB2  sing N N 10  
ALA CB  HB3  sing N N 11  
ALA OXT HXT  sing N N 12  
ARG N   CA   sing N N 13  
ARG N   H    sing N N 14  
ARG N   H2   sing N N 15  
ARG CA  C    sing N N 16  
ARG CA  CB   sing N N 17  
ARG CA  HA   sing N N 18  
ARG C   O    doub N N 19  
ARG C   OXT  sing N N 20  
ARG CB  CG   sing N N 21  
ARG CB  HB2  sing N N 22  
ARG CB  HB3  sing N N 23  
ARG CG  CD   sing N N 24  
ARG CG  HG2  sing N N 25  
ARG CG  HG3  sing N N 26  
ARG CD  NE   sing N N 27  
ARG CD  HD2  sing N N 28  
ARG CD  HD3  sing N N 29  
ARG NE  CZ   sing N N 30  
ARG NE  HE   sing N N 31  
ARG CZ  NH1  sing N N 32  
ARG CZ  NH2  doub N N 33  
ARG NH1 HH11 sing N N 34  
ARG NH1 HH12 sing N N 35  
ARG NH2 HH21 sing N N 36  
ARG NH2 HH22 sing N N 37  
ARG OXT HXT  sing N N 38  
ASN N   CA   sing N N 39  
ASN N   H    sing N N 40  
ASN N   H2   sing N N 41  
ASN CA  C    sing N N 42  
ASN CA  CB   sing N N 43  
ASN CA  HA   sing N N 44  
ASN C   O    doub N N 45  
ASN C   OXT  sing N N 46  
ASN CB  CG   sing N N 47  
ASN CB  HB2  sing N N 48  
ASN CB  HB3  sing N N 49  
ASN CG  OD1  doub N N 50  
ASN CG  ND2  sing N N 51  
ASN ND2 HD21 sing N N 52  
ASN ND2 HD22 sing N N 53  
ASN OXT HXT  sing N N 54  
ASP N   CA   sing N N 55  
ASP N   H    sing N N 56  
ASP N   H2   sing N N 57  
ASP CA  C    sing N N 58  
ASP CA  CB   sing N N 59  
ASP CA  HA   sing N N 60  
ASP C   O    doub N N 61  
ASP C   OXT  sing N N 62  
ASP CB  CG   sing N N 63  
ASP CB  HB2  sing N N 64  
ASP CB  HB3  sing N N 65  
ASP CG  OD1  doub N N 66  
ASP CG  OD2  sing N N 67  
ASP OD2 HD2  sing N N 68  
ASP OXT HXT  sing N N 69  
CYS N   CA   sing N N 70  
CYS N   H    sing N N 71  
CYS N   H2   sing N N 72  
CYS CA  C    sing N N 73  
CYS CA  CB   sing N N 74  
CYS CA  HA   sing N N 75  
CYS C   O    doub N N 76  
CYS C   OXT  sing N N 77  
CYS CB  SG   sing N N 78  
CYS CB  HB2  sing N N 79  
CYS CB  HB3  sing N N 80  
CYS SG  HG   sing N N 81  
CYS OXT HXT  sing N N 82  
EDO C1  O1   sing N N 83  
EDO C1  C2   sing N N 84  
EDO C1  H11  sing N N 85  
EDO C1  H12  sing N N 86  
EDO O1  HO1  sing N N 87  
EDO C2  O2   sing N N 88  
EDO C2  H21  sing N N 89  
EDO C2  H22  sing N N 90  
EDO O2  HO2  sing N N 91  
FMT C   O1   doub N N 92  
FMT C   O2   sing N N 93  
FMT C   H    sing N N 94  
FMT O2  HO2  sing N N 95  
GLN N   CA   sing N N 96  
GLN N   H    sing N N 97  
GLN N   H2   sing N N 98  
GLN CA  C    sing N N 99  
GLN CA  CB   sing N N 100 
GLN CA  HA   sing N N 101 
GLN C   O    doub N N 102 
GLN C   OXT  sing N N 103 
GLN CB  CG   sing N N 104 
GLN CB  HB2  sing N N 105 
GLN CB  HB3  sing N N 106 
GLN CG  CD   sing N N 107 
GLN CG  HG2  sing N N 108 
GLN CG  HG3  sing N N 109 
GLN CD  OE1  doub N N 110 
GLN CD  NE2  sing N N 111 
GLN NE2 HE21 sing N N 112 
GLN NE2 HE22 sing N N 113 
GLN OXT HXT  sing N N 114 
GLU N   CA   sing N N 115 
GLU N   H    sing N N 116 
GLU N   H2   sing N N 117 
GLU CA  C    sing N N 118 
GLU CA  CB   sing N N 119 
GLU CA  HA   sing N N 120 
GLU C   O    doub N N 121 
GLU C   OXT  sing N N 122 
GLU CB  CG   sing N N 123 
GLU CB  HB2  sing N N 124 
GLU CB  HB3  sing N N 125 
GLU CG  CD   sing N N 126 
GLU CG  HG2  sing N N 127 
GLU CG  HG3  sing N N 128 
GLU CD  OE1  doub N N 129 
GLU CD  OE2  sing N N 130 
GLU OE2 HE2  sing N N 131 
GLU OXT HXT  sing N N 132 
GLY N   CA   sing N N 133 
GLY N   H    sing N N 134 
GLY N   H2   sing N N 135 
GLY CA  C    sing N N 136 
GLY CA  HA2  sing N N 137 
GLY CA  HA3  sing N N 138 
GLY C   O    doub N N 139 
GLY C   OXT  sing N N 140 
GLY OXT HXT  sing N N 141 
HIS N   CA   sing N N 142 
HIS N   H    sing N N 143 
HIS N   H2   sing N N 144 
HIS CA  C    sing N N 145 
HIS CA  CB   sing N N 146 
HIS CA  HA   sing N N 147 
HIS C   O    doub N N 148 
HIS C   OXT  sing N N 149 
HIS CB  CG   sing N N 150 
HIS CB  HB2  sing N N 151 
HIS CB  HB3  sing N N 152 
HIS CG  ND1  sing Y N 153 
HIS CG  CD2  doub Y N 154 
HIS ND1 CE1  doub Y N 155 
HIS ND1 HD1  sing N N 156 
HIS CD2 NE2  sing Y N 157 
HIS CD2 HD2  sing N N 158 
HIS CE1 NE2  sing Y N 159 
HIS CE1 HE1  sing N N 160 
HIS NE2 HE2  sing N N 161 
HIS OXT HXT  sing N N 162 
HOH O   H1   sing N N 163 
HOH O   H2   sing N N 164 
ILE N   CA   sing N N 165 
ILE N   H    sing N N 166 
ILE N   H2   sing N N 167 
ILE CA  C    sing N N 168 
ILE CA  CB   sing N N 169 
ILE CA  HA   sing N N 170 
ILE C   O    doub N N 171 
ILE C   OXT  sing N N 172 
ILE CB  CG1  sing N N 173 
ILE CB  CG2  sing N N 174 
ILE CB  HB   sing N N 175 
ILE CG1 CD1  sing N N 176 
ILE CG1 HG12 sing N N 177 
ILE CG1 HG13 sing N N 178 
ILE CG2 HG21 sing N N 179 
ILE CG2 HG22 sing N N 180 
ILE CG2 HG23 sing N N 181 
ILE CD1 HD11 sing N N 182 
ILE CD1 HD12 sing N N 183 
ILE CD1 HD13 sing N N 184 
ILE OXT HXT  sing N N 185 
LEU N   CA   sing N N 186 
LEU N   H    sing N N 187 
LEU N   H2   sing N N 188 
LEU CA  C    sing N N 189 
LEU CA  CB   sing N N 190 
LEU CA  HA   sing N N 191 
LEU C   O    doub N N 192 
LEU C   OXT  sing N N 193 
LEU CB  CG   sing N N 194 
LEU CB  HB2  sing N N 195 
LEU CB  HB3  sing N N 196 
LEU CG  CD1  sing N N 197 
LEU CG  CD2  sing N N 198 
LEU CG  HG   sing N N 199 
LEU CD1 HD11 sing N N 200 
LEU CD1 HD12 sing N N 201 
LEU CD1 HD13 sing N N 202 
LEU CD2 HD21 sing N N 203 
LEU CD2 HD22 sing N N 204 
LEU CD2 HD23 sing N N 205 
LEU OXT HXT  sing N N 206 
LYS N   CA   sing N N 207 
LYS N   H    sing N N 208 
LYS N   H2   sing N N 209 
LYS CA  C    sing N N 210 
LYS CA  CB   sing N N 211 
LYS CA  HA   sing N N 212 
LYS C   O    doub N N 213 
LYS C   OXT  sing N N 214 
LYS CB  CG   sing N N 215 
LYS CB  HB2  sing N N 216 
LYS CB  HB3  sing N N 217 
LYS CG  CD   sing N N 218 
LYS CG  HG2  sing N N 219 
LYS CG  HG3  sing N N 220 
LYS CD  CE   sing N N 221 
LYS CD  HD2  sing N N 222 
LYS CD  HD3  sing N N 223 
LYS CE  NZ   sing N N 224 
LYS CE  HE2  sing N N 225 
LYS CE  HE3  sing N N 226 
LYS NZ  HZ1  sing N N 227 
LYS NZ  HZ2  sing N N 228 
LYS NZ  HZ3  sing N N 229 
LYS OXT HXT  sing N N 230 
MET N   CA   sing N N 231 
MET N   H    sing N N 232 
MET N   H2   sing N N 233 
MET CA  C    sing N N 234 
MET CA  CB   sing N N 235 
MET CA  HA   sing N N 236 
MET C   O    doub N N 237 
MET C   OXT  sing N N 238 
MET CB  CG   sing N N 239 
MET CB  HB2  sing N N 240 
MET CB  HB3  sing N N 241 
MET CG  SD   sing N N 242 
MET CG  HG2  sing N N 243 
MET CG  HG3  sing N N 244 
MET SD  CE   sing N N 245 
MET CE  HE1  sing N N 246 
MET CE  HE2  sing N N 247 
MET CE  HE3  sing N N 248 
MET OXT HXT  sing N N 249 
N48 N1  C9   trip N N 250 
N48 O3  C14  doub N N 251 
N48 C9  C6   sing N N 252 
N48 C14 C13  sing N N 253 
N48 C14 N2   sing N N 254 
N48 C13 C12  doub N N 255 
N48 C15 N2   sing N N 256 
N48 N2  C16  sing N N 257 
N48 C6  C5   doub Y N 258 
N48 C6  C7   sing Y N 259 
N48 C12 C18  sing N N 260 
N48 C12 C11  sing N N 261 
N48 C5  C4   sing Y N 262 
N48 C7  C8   doub Y N 263 
N48 C16 C11  doub Y N 264 
N48 C16 C17  sing Y N 265 
N48 C11 C10  sing Y N 266 
N48 C17 C1   doub Y N 267 
N48 C4  C3   doub Y N 268 
N48 C8  C3   sing Y N 269 
N48 C10 C2   doub Y N 270 
N48 C3  S    sing N N 271 
N48 C1  C2   sing Y N 272 
N48 C1  O    sing N N 273 
N48 C2  N    sing N N 274 
N48 O   C    sing N N 275 
N48 O1  S    doub N N 276 
N48 S   N    sing N N 277 
N48 S   O2   doub N N 278 
N48 C13 H1   sing N N 279 
N48 C18 H2   sing N N 280 
N48 C18 H3   sing N N 281 
N48 C18 H4   sing N N 282 
N48 C15 H5   sing N N 283 
N48 C15 H6   sing N N 284 
N48 C15 H7   sing N N 285 
N48 C17 H8   sing N N 286 
N48 C   H9   sing N N 287 
N48 C   H10  sing N N 288 
N48 C   H11  sing N N 289 
N48 C10 H12  sing N N 290 
N48 N   H13  sing N N 291 
N48 C8  H14  sing N N 292 
N48 C7  H15  sing N N 293 
N48 C5  H16  sing N N 294 
N48 C4  H17  sing N N 295 
PHE N   CA   sing N N 296 
PHE N   H    sing N N 297 
PHE N   H2   sing N N 298 
PHE CA  C    sing N N 299 
PHE CA  CB   sing N N 300 
PHE CA  HA   sing N N 301 
PHE C   O    doub N N 302 
PHE C   OXT  sing N N 303 
PHE CB  CG   sing N N 304 
PHE CB  HB2  sing N N 305 
PHE CB  HB3  sing N N 306 
PHE CG  CD1  doub Y N 307 
PHE CG  CD2  sing Y N 308 
PHE CD1 CE1  sing Y N 309 
PHE CD1 HD1  sing N N 310 
PHE CD2 CE2  doub Y N 311 
PHE CD2 HD2  sing N N 312 
PHE CE1 CZ   doub Y N 313 
PHE CE1 HE1  sing N N 314 
PHE CE2 CZ   sing Y N 315 
PHE CE2 HE2  sing N N 316 
PHE CZ  HZ   sing N N 317 
PHE OXT HXT  sing N N 318 
PRO N   CA   sing N N 319 
PRO N   CD   sing N N 320 
PRO N   H    sing N N 321 
PRO CA  C    sing N N 322 
PRO CA  CB   sing N N 323 
PRO CA  HA   sing N N 324 
PRO C   O    doub N N 325 
PRO C   OXT  sing N N 326 
PRO CB  CG   sing N N 327 
PRO CB  HB2  sing N N 328 
PRO CB  HB3  sing N N 329 
PRO CG  CD   sing N N 330 
PRO CG  HG2  sing N N 331 
PRO CG  HG3  sing N N 332 
PRO CD  HD2  sing N N 333 
PRO CD  HD3  sing N N 334 
PRO OXT HXT  sing N N 335 
SER N   CA   sing N N 336 
SER N   H    sing N N 337 
SER N   H2   sing N N 338 
SER CA  C    sing N N 339 
SER CA  CB   sing N N 340 
SER CA  HA   sing N N 341 
SER C   O    doub N N 342 
SER C   OXT  sing N N 343 
SER CB  OG   sing N N 344 
SER CB  HB2  sing N N 345 
SER CB  HB3  sing N N 346 
SER OG  HG   sing N N 347 
SER OXT HXT  sing N N 348 
THR N   CA   sing N N 349 
THR N   H    sing N N 350 
THR N   H2   sing N N 351 
THR CA  C    sing N N 352 
THR CA  CB   sing N N 353 
THR CA  HA   sing N N 354 
THR C   O    doub N N 355 
THR C   OXT  sing N N 356 
THR CB  OG1  sing N N 357 
THR CB  CG2  sing N N 358 
THR CB  HB   sing N N 359 
THR OG1 HG1  sing N N 360 
THR CG2 HG21 sing N N 361 
THR CG2 HG22 sing N N 362 
THR CG2 HG23 sing N N 363 
THR OXT HXT  sing N N 364 
TYR N   CA   sing N N 365 
TYR N   H    sing N N 366 
TYR N   H2   sing N N 367 
TYR CA  C    sing N N 368 
TYR CA  CB   sing N N 369 
TYR CA  HA   sing N N 370 
TYR C   O    doub N N 371 
TYR C   OXT  sing N N 372 
TYR CB  CG   sing N N 373 
TYR CB  HB2  sing N N 374 
TYR CB  HB3  sing N N 375 
TYR CG  CD1  doub Y N 376 
TYR CG  CD2  sing Y N 377 
TYR CD1 CE1  sing Y N 378 
TYR CD1 HD1  sing N N 379 
TYR CD2 CE2  doub Y N 380 
TYR CD2 HD2  sing N N 381 
TYR CE1 CZ   doub Y N 382 
TYR CE1 HE1  sing N N 383 
TYR CE2 CZ   sing Y N 384 
TYR CE2 HE2  sing N N 385 
TYR CZ  OH   sing N N 386 
TYR OH  HH   sing N N 387 
TYR OXT HXT  sing N N 388 
VAL N   CA   sing N N 389 
VAL N   H    sing N N 390 
VAL N   H2   sing N N 391 
VAL CA  C    sing N N 392 
VAL CA  CB   sing N N 393 
VAL CA  HA   sing N N 394 
VAL C   O    doub N N 395 
VAL C   OXT  sing N N 396 
VAL CB  CG1  sing N N 397 
VAL CB  CG2  sing N N 398 
VAL CB  HB   sing N N 399 
VAL CG1 HG11 sing N N 400 
VAL CG1 HG12 sing N N 401 
VAL CG1 HG13 sing N N 402 
VAL CG2 HG21 sing N N 403 
VAL CG2 HG22 sing N N 404 
VAL CG2 HG23 sing N N 405 
VAL OXT HXT  sing N N 406 
# 
_pdbx_initial_refinement_model.id               1 
_pdbx_initial_refinement_model.entity_id_list   ? 
_pdbx_initial_refinement_model.type             'experimental model' 
_pdbx_initial_refinement_model.source_name      PDB 
_pdbx_initial_refinement_model.accession_code   4LC2 
_pdbx_initial_refinement_model.details          ? 
# 
_atom_sites.entry_id                    5T4V 
_atom_sites.fract_transf_matrix[1][1]   0.02047312 
_atom_sites.fract_transf_matrix[1][2]   -0.00509966 
_atom_sites.fract_transf_matrix[1][3]   0.00441075 
_atom_sites.fract_transf_matrix[2][1]   -0.00518397 
_atom_sites.fract_transf_matrix[2][2]   -0.01103308 
_atom_sites.fract_transf_matrix[2][3]   0.01130581 
_atom_sites.fract_transf_matrix[3][1]   0.00268686 
_atom_sites.fract_transf_matrix[3][2]   -0.01445093 
_atom_sites.fract_transf_matrix[3][3]   -0.01287035 
_atom_sites.fract_transf_vector[1]      -0.070021 
_atom_sites.fract_transf_vector[2]      -0.050573 
_atom_sites.fract_transf_vector[3]      -0.286128 
# 
loop_
_atom_type.symbol 
C 
N 
O 
S 
# 
loop_
_atom_site.group_PDB 
_atom_site.id 
_atom_site.type_symbol 
_atom_site.label_atom_id 
_atom_site.label_alt_id 
_atom_site.label_comp_id 
_atom_site.label_asym_id 
_atom_site.label_entity_id 
_atom_site.label_seq_id 
_atom_site.pdbx_PDB_ins_code 
_atom_site.Cartn_x 
_atom_site.Cartn_y 
_atom_site.Cartn_z 
_atom_site.occupancy 
_atom_site.B_iso_or_equiv 
_atom_site.pdbx_formal_charge 
_atom_site.auth_seq_id 
_atom_site.auth_comp_id 
_atom_site.auth_asym_id 
_atom_site.auth_atom_id 
_atom_site.pdbx_PDB_model_num 
ATOM   1    N N   . MET A 1 4   ? -6.783  -21.894 2.444   1.00 66.44 ? 628 MET A N   1 
ATOM   2    C CA  . MET A 1 4   ? -7.117  -21.342 3.796   1.00 64.69 ? 628 MET A CA  1 
ATOM   3    C C   . MET A 1 4   ? -6.715  -19.862 3.945   1.00 61.79 ? 628 MET A C   1 
ATOM   4    O O   . MET A 1 4   ? -5.921  -19.494 4.821   1.00 57.26 ? 628 MET A O   1 
ATOM   5    C CB  . MET A 1 4   ? -6.495  -22.194 4.910   1.00 68.36 ? 628 MET A CB  1 
ATOM   6    C CG  . MET A 1 4   ? -6.996  -21.859 6.310   1.00 71.89 ? 628 MET A CG  1 
ATOM   7    S SD  . MET A 1 4   ? -8.663  -22.447 6.678   1.00 78.52 ? 628 MET A SD  1 
ATOM   8    C CE  . MET A 1 4   ? -8.306  -23.818 7.781   1.00 72.98 ? 628 MET A CE  1 
ATOM   9    N N   . GLN A 1 5   ? -7.294  -19.016 3.090   1.00 58.63 ? 629 GLN A N   1 
ATOM   10   C CA  . GLN A 1 5   ? -7.359  -17.574 3.362   1.00 55.71 ? 629 GLN A CA  1 
ATOM   11   C C   . GLN A 1 5   ? -8.380  -17.305 4.477   1.00 50.46 ? 629 GLN A C   1 
ATOM   12   O O   . GLN A 1 5   ? -8.599  -16.163 4.864   1.00 46.94 ? 629 GLN A O   1 
ATOM   13   C CB  . GLN A 1 5   ? -7.732  -16.782 2.094   1.00 56.87 ? 629 GLN A CB  1 
ATOM   14   C CG  . GLN A 1 5   ? -8.946  -17.319 1.347   1.00 58.49 ? 629 GLN A CG  1 
ATOM   15   N N   . LEU A 1 6   ? -8.993  -18.374 4.988   1.00 51.57 ? 630 LEU A N   1 
ATOM   16   C CA  . LEU A 1 6   ? -10.033 -18.299 6.011   1.00 45.98 ? 630 LEU A CA  1 
ATOM   17   C C   . LEU A 1 6   ? -9.475  -18.390 7.439   1.00 42.53 ? 630 LEU A C   1 
ATOM   18   O O   . LEU A 1 6   ? -9.835  -19.276 8.195   1.00 42.93 ? 630 LEU A O   1 
ATOM   19   C CB  . LEU A 1 6   ? -11.091 -19.390 5.722   1.00 48.87 ? 630 LEU A CB  1 
ATOM   20   C CG  . LEU A 1 6   ? -12.232 -19.009 4.766   1.00 53.40 ? 630 LEU A CG  1 
ATOM   21   C CD1 . LEU A 1 6   ? -11.800 -18.148 3.588   1.00 56.29 ? 630 LEU A CD1 1 
ATOM   22   C CD2 . LEU A 1 6   ? -12.954 -20.261 4.260   1.00 56.17 ? 630 LEU A CD2 1 
ATOM   23   N N   . THR A 1 7   ? -8.604  -17.448 7.818   1.00 38.80 ? 631 THR A N   1 
ATOM   24   C CA  . THR A 1 7   ? -8.156  -17.281 9.211   1.00 35.26 ? 631 THR A CA  1 
ATOM   25   C C   . THR A 1 7   ? -8.434  -15.836 9.595   1.00 31.52 ? 631 THR A C   1 
ATOM   26   O O   . THR A 1 7   ? -8.443  -14.983 8.708   1.00 30.59 ? 631 THR A O   1 
ATOM   27   C CB  . THR A 1 7   ? -6.655  -17.550 9.398   1.00 39.70 ? 631 THR A CB  1 
ATOM   28   O OG1 . THR A 1 7   ? -5.863  -16.458 8.859   1.00 39.17 ? 631 THR A OG1 1 
ATOM   29   C CG2 . THR A 1 7   ? -6.262  -18.864 8.719   1.00 41.38 ? 631 THR A CG2 1 
ATOM   30   N N   . PRO A 1 8   ? -8.680  -15.543 10.880  1.00 32.57 ? 632 PRO A N   1 
ATOM   31   C CA  . PRO A 1 8   ? -9.128  -14.174 11.083  1.00 29.57 ? 632 PRO A CA  1 
ATOM   32   C C   . PRO A 1 8   ? -8.039  -13.130 10.735  1.00 29.92 ? 632 PRO A C   1 
ATOM   33   O O   . PRO A 1 8   ? -8.355  -12.050 10.250  1.00 29.87 ? 632 PRO A O   1 
ATOM   34   C CB  . PRO A 1 8   ? -9.448  -14.115 12.568  1.00 32.08 ? 632 PRO A CB  1 
ATOM   35   C CG  . PRO A 1 8   ? -9.840  -15.526 12.907  1.00 33.25 ? 632 PRO A CG  1 
ATOM   36   C CD  . PRO A 1 8   ? -8.918  -16.372 12.092  1.00 32.25 ? 632 PRO A CD  1 
ATOM   37   N N   . PHE A 1 9   ? -6.781  -13.459 10.985  1.00 32.87 ? 633 PHE A N   1 
ATOM   38   C CA  . PHE A 1 9   ? -5.688  -12.538 10.567  1.00 32.50 ? 633 PHE A CA  1 
ATOM   39   C C   . PHE A 1 9   ? -5.706  -12.267 9.068   1.00 30.92 ? 633 PHE A C   1 
ATOM   40   O O   . PHE A 1 9   ? -5.581  -11.118 8.612   1.00 30.65 ? 633 PHE A O   1 
ATOM   41   C CB  . PHE A 1 9   ? -4.327  -13.108 10.963  1.00 35.07 ? 633 PHE A CB  1 
ATOM   42   C CG  . PHE A 1 9   ? -3.155  -12.293 10.432  1.00 35.39 ? 633 PHE A CG  1 
ATOM   43   C CD1 . PHE A 1 9   ? -2.930  -11.002 10.891  1.00 37.50 ? 633 PHE A CD1 1 
ATOM   44   C CD2 . PHE A 1 9   ? -2.314  -12.828 9.475   1.00 37.87 ? 633 PHE A CD2 1 
ATOM   45   C CE1 . PHE A 1 9   ? -1.874  -10.243 10.369  1.00 32.36 ? 633 PHE A CE1 1 
ATOM   46   C CE2 . PHE A 1 9   ? -1.249  -12.080 8.970   1.00 37.92 ? 633 PHE A CE2 1 
ATOM   47   C CZ  . PHE A 1 9   ? -1.034  -10.808 9.438   1.00 35.56 ? 633 PHE A CZ  1 
ATOM   48   N N   . LEU A 1 10  ? -5.810  -13.313 8.264   1.00 30.80 ? 634 LEU A N   1 
ATOM   49   C CA  . LEU A 1 10  ? -5.762  -13.134 6.831   1.00 29.51 ? 634 LEU A CA  1 
ATOM   50   C C   . LEU A 1 10  ? -7.039  -12.437 6.326   1.00 28.07 ? 634 LEU A C   1 
ATOM   51   O O   . LEU A 1 10  ? -6.959  -11.654 5.408   1.00 26.34 ? 634 LEU A O   1 
ATOM   52   C CB  . LEU A 1 10  ? -5.486  -14.461 6.122   1.00 34.59 ? 634 LEU A CB  1 
ATOM   53   C CG  . LEU A 1 10  ? -4.054  -15.024 6.288   1.00 36.67 ? 634 LEU A CG  1 
ATOM   54   C CD1 . LEU A 1 10  ? -3.934  -16.399 5.647   1.00 41.50 ? 634 LEU A CD1 1 
ATOM   55   C CD2 . LEU A 1 10  ? -3.010  -14.054 5.718   1.00 37.97 ? 634 LEU A CD2 1 
ATOM   56   N N   . ILE A 1 11  ? -8.205  -12.691 6.932   1.00 26.63 ? 635 ILE A N   1 
ATOM   57   C CA  . ILE A 1 11  ? -9.408  -11.946 6.539   1.00 26.60 ? 635 ILE A CA  1 
ATOM   58   C C   . ILE A 1 11  ? -9.273  -10.463 6.913   1.00 24.45 ? 635 ILE A C   1 
ATOM   59   O O   . ILE A 1 11  ? -9.588  -9.594  6.124   1.00 22.90 ? 635 ILE A O   1 
ATOM   60   C CB  . ILE A 1 11  ? -10.668 -12.562 7.138   1.00 27.27 ? 635 ILE A CB  1 
ATOM   61   C CG1 . ILE A 1 11  ? -10.951 -13.849 6.350   1.00 32.95 ? 635 ILE A CG1 1 
ATOM   62   C CG2 . ILE A 1 11  ? -11.844 -11.619 7.002   1.00 28.41 ? 635 ILE A CG2 1 
ATOM   63   C CD1 . ILE A 1 11  ? -11.841 -14.776 7.118   1.00 38.50 ? 635 ILE A CD1 1 
ATOM   64   N N   . LEU A 1 12  ? -8.655  -10.197 8.064   1.00 25.76 ? 636 LEU A N   1 
ATOM   65   C CA  . LEU A 1 12  ? -8.364  -8.809  8.458   1.00 24.15 ? 636 LEU A CA  1 
ATOM   66   C C   . LEU A 1 12  ? -7.455  -8.082  7.441   1.00 21.68 ? 636 LEU A C   1 
ATOM   67   O O   . LEU A 1 12  ? -7.754  -6.953  7.018   1.00 22.13 ? 636 LEU A O   1 
ATOM   68   C CB  . LEU A 1 12  ? -7.677  -8.768  9.821   1.00 24.03 ? 636 LEU A CB  1 
ATOM   69   C CG  . LEU A 1 12  ? -7.192  -7.365  10.248  1.00 24.12 ? 636 LEU A CG  1 
ATOM   70   C CD1 . LEU A 1 12  ? -8.315  -6.353  10.368  1.00 22.28 ? 636 LEU A CD1 1 
ATOM   71   C CD2 . LEU A 1 12  ? -6.492  -7.562  11.589  1.00 26.86 ? 636 LEU A CD2 1 
ATOM   72   N N   . LEU A 1 13  ? -6.428  -8.764  6.978   1.00 24.00 ? 637 LEU A N   1 
ATOM   73   C CA  . LEU A 1 13  ? -5.523  -8.151  5.982   1.00 24.05 ? 637 LEU A CA  1 
ATOM   74   C C   . LEU A 1 13  ? -6.286  -7.917  4.674   1.00 21.90 ? 637 LEU A C   1 
ATOM   75   O O   . LEU A 1 13  ? -6.132  -6.910  4.023   1.00 21.17 ? 637 LEU A O   1 
ATOM   76   C CB  . LEU A 1 13  ? -4.300  -8.998  5.707   1.00 25.45 ? 637 LEU A CB  1 
ATOM   77   C CG  . LEU A 1 13  ? -3.314  -9.055  6.883   1.00 28.56 ? 637 LEU A CG  1 
ATOM   78   C CD1 . LEU A 1 13  ? -1.981  -9.541  6.380   1.00 30.39 ? 637 LEU A CD1 1 
ATOM   79   C CD2 . LEU A 1 13  ? -3.157  -7.736  7.639   1.00 29.06 ? 637 LEU A CD2 1 
ATOM   80   N N   . ARG A 1 14  ? -7.158  -8.843  4.290   1.00 20.40 ? 638 ARG A N   1 
ATOM   81   C CA  . ARG A 1 14  ? -7.841  -8.676  3.039   1.00 21.21 ? 638 ARG A CA  1 
ATOM   82   C C   . ARG A 1 14  ? -8.798  -7.481  3.103   1.00 18.84 ? 638 ARG A C   1 
ATOM   83   O O   . ARG A 1 14  ? -8.868  -6.683  2.174   1.00 19.51 ? 638 ARG A O   1 
ATOM   84   C CB  . ARG A 1 14  ? -8.556  -9.990  2.673   1.00 24.72 ? 638 ARG A CB  1 
ATOM   85   C CG  . ARG A 1 14  ? -9.300  -9.926  1.355   1.00 28.89 ? 638 ARG A CG  1 
ATOM   86   C CD  . ARG A 1 14  ? -10.022 -11.248 1.066   1.00 34.96 ? 638 ARG A CD  1 
ATOM   87   N NE  . ARG A 1 14  ? -9.079  -12.356 1.040   1.00 40.39 ? 638 ARG A NE  1 
ATOM   88   C CZ  . ARG A 1 14  ? -8.419  -12.786 -0.036  1.00 47.68 ? 638 ARG A CZ  1 
ATOM   89   N NH1 . ARG A 1 14  ? -8.619  -12.229 -1.229  1.00 54.68 ? 638 ARG A NH1 1 
ATOM   90   N NH2 . ARG A 1 14  ? -7.569  -13.811 0.090   1.00 51.14 ? 638 ARG A NH2 1 
ATOM   91   N N   . LYS A 1 15  ? -9.532  -7.415  4.206   1.00 19.79 ? 639 LYS A N   1 
ATOM   92   C CA  . LYS A 1 15  ? -10.442 -6.291  4.518   1.00 19.89 ? 639 LYS A CA  1 
ATOM   93   C C   . LYS A 1 15  ? -9.680  -4.982  4.498   1.00 18.65 ? 639 LYS A C   1 
ATOM   94   O O   . LYS A 1 15  ? -10.097 -4.017  3.847   1.00 19.56 ? 639 LYS A O   1 
ATOM   95   C CB  . LYS A 1 15  ? -11.117 -6.455  5.844   1.00 19.41 ? 639 LYS A CB  1 
ATOM   96   C CG  . LYS A 1 15  ? -12.100 -5.351  6.203   1.00 21.23 ? 639 LYS A CG  1 
ATOM   97   C CD  . LYS A 1 15  ? -12.696 -5.544  7.581   1.00 24.86 ? 639 LYS A CD  1 
ATOM   98   C CE  . LYS A 1 15  ? -13.560 -4.348  7.914   1.00 30.68 ? 639 LYS A CE  1 
ATOM   99   N NZ  . LYS A 1 15  ? -14.303 -4.550  9.202   1.00 34.30 ? 639 LYS A NZ  1 
ATOM   100  N N   . THR A 1 16  ? -8.554  -4.986  5.203   1.00 19.18 ? 640 THR A N   1 
ATOM   101  C CA  . THR A 1 16  ? -7.788  -3.762  5.318   1.00 20.14 ? 640 THR A CA  1 
ATOM   102  C C   . THR A 1 16  ? -7.238  -3.298  3.975   1.00 20.53 ? 640 THR A C   1 
ATOM   103  O O   . THR A 1 16  ? -7.296  -2.135  3.654   1.00 20.54 ? 640 THR A O   1 
ATOM   104  C CB  . THR A 1 16  ? -6.685  -3.955  6.356   1.00 19.13 ? 640 THR A CB  1 
ATOM   105  O OG1 . THR A 1 16  ? -7.215  -4.451  7.587   1.00 20.97 ? 640 THR A OG1 1 
ATOM   106  C CG2 . THR A 1 16  ? -5.899  -2.704  6.562   1.00 19.65 ? 640 THR A CG2 1 
ATOM   107  N N   . LEU A 1 17  ? -6.729  -4.224  3.190   1.00 19.39 ? 641 LEU A N   1 
ATOM   108  C CA  . LEU A 1 17  ? -6.249  -3.909  1.854   1.00 19.97 ? 641 LEU A CA  1 
ATOM   109  C C   . LEU A 1 17  ? -7.375  -3.273  0.976   1.00 21.14 ? 641 LEU A C   1 
ATOM   110  O O   . LEU A 1 17  ? -7.182  -2.266  0.346   1.00 20.63 ? 641 LEU A O   1 
ATOM   111  C CB  . LEU A 1 17  ? -5.617  -5.144  1.202   1.00 21.49 ? 641 LEU A CB  1 
ATOM   112  C CG  . LEU A 1 17  ? -4.963  -4.938  -0.149  1.00 24.58 ? 641 LEU A CG  1 
ATOM   113  C CD1 . LEU A 1 17  ? -3.955  -3.808  -0.150  1.00 26.34 ? 641 LEU A CD1 1 
ATOM   114  C CD2 . LEU A 1 17  ? -4.295  -6.227  -0.610  1.00 26.16 ? 641 LEU A CD2 1 
ATOM   115  N N   . GLU A 1 18  ? -8.553  -3.871  0.997   1.00 22.34 ? 642 GLU A N   1 
ATOM   116  C CA  . GLU A 1 18  ? -9.711  -3.274  0.340   1.00 24.36 ? 642 GLU A CA  1 
ATOM   117  C C   . GLU A 1 18  ? -10.006 -1.842  0.767   1.00 21.28 ? 642 GLU A C   1 
ATOM   118  O O   . GLU A 1 18  ? -10.272 -0.960  -0.076  1.00 23.53 ? 642 GLU A O   1 
ATOM   119  C CB  . GLU A 1 18  ? -10.969 -4.138  0.594   1.00 27.27 ? 642 GLU A CB  1 
ATOM   120  C CG  . GLU A 1 18  ? -10.973 -5.474  -0.096  1.00 33.10 ? 642 GLU A CG  1 
ATOM   121  C CD  . GLU A 1 18  ? -12.304 -6.233  0.065   1.00 37.21 ? 642 GLU A CD  1 
ATOM   122  O OE1 . GLU A 1 18  ? -13.250 -5.773  0.785   1.00 37.96 ? 642 GLU A OE1 1 
ATOM   123  O OE2 . GLU A 1 18  ? -12.372 -7.313  -0.543  1.00 43.38 ? 642 GLU A OE2 1 
ATOM   124  N N   . GLN A 1 19  ? -9.948  -1.597  2.063   1.00 21.83 ? 643 GLN A N   1 
ATOM   125  C CA  . GLN A 1 19  ? -10.216 -0.261  2.645   1.00 21.46 ? 643 GLN A CA  1 
ATOM   126  C C   . GLN A 1 19  ? -9.141  0.727   2.205   1.00 21.79 ? 643 GLN A C   1 
ATOM   127  O O   . GLN A 1 19  ? -9.442  1.856   1.851   1.00 24.76 ? 643 GLN A O   1 
ATOM   128  C CB  . GLN A 1 19  ? -10.235 -0.313  4.172   1.00 23.20 ? 643 GLN A CB  1 
ATOM   129  C CG  . GLN A 1 19  ? -11.474 -0.998  4.722   1.00 26.23 ? 643 GLN A CG  1 
ATOM   130  C CD  . GLN A 1 19  ? -11.472 -1.092  6.219   1.00 27.52 ? 643 GLN A CD  1 
ATOM   131  O OE1 . GLN A 1 19  ? -10.470 -1.446  6.828   1.00 29.24 ? 643 GLN A OE1 1 
ATOM   132  N NE2 . GLN A 1 19  ? -12.654 -0.850  6.837   1.00 32.32 ? 643 GLN A NE2 1 
ATOM   133  N N   . LEU A 1 20  ? -7.890  0.280   2.156   1.00 21.39 ? 644 LEU A N   1 
ATOM   134  C CA  . LEU A 1 20  ? -6.811  1.152   1.674   1.00 22.35 ? 644 LEU A CA  1 
ATOM   135  C C   . LEU A 1 20  ? -6.979  1.453   0.181   1.00 22.08 ? 644 LEU A C   1 
ATOM   136  O O   . LEU A 1 20  ? -6.811  2.568   -0.221  1.00 22.49 ? 644 LEU A O   1 
ATOM   137  C CB  . LEU A 1 20  ? -5.391  0.606   1.950   1.00 21.22 ? 644 LEU A CB  1 
ATOM   138  C CG  . LEU A 1 20  ? -5.046  0.395   3.430   1.00 21.82 ? 644 LEU A CG  1 
ATOM   139  C CD1 . LEU A 1 20  ? -3.869  -0.576  3.541   1.00 24.78 ? 644 LEU A CD1 1 
ATOM   140  C CD2 . LEU A 1 20  ? -4.806  1.766   4.057   1.00 22.17 ? 644 LEU A CD2 1 
ATOM   141  N N   . GLN A 1 21  ? -7.298  0.455   -0.637  1.00 21.77 ? 645 GLN A N   1 
ATOM   142  C CA  . GLN A 1 21  ? -7.537  0.723   -2.072  1.00 23.39 ? 645 GLN A CA  1 
ATOM   143  C C   . GLN A 1 21  ? -8.699  1.660   -2.312  1.00 25.41 ? 645 GLN A C   1 
ATOM   144  O O   . GLN A 1 21  ? -8.669  2.491   -3.214  1.00 25.17 ? 645 GLN A O   1 
ATOM   145  C CB  . GLN A 1 21  ? -7.737  -0.580  -2.847  1.00 25.92 ? 645 GLN A CB  1 
ATOM   146  C CG  . GLN A 1 21  ? -6.492  -1.434  -2.887  1.00 25.71 ? 645 GLN A CG  1 
ATOM   147  C CD  . GLN A 1 21  ? -6.425  -2.257  -4.160  1.00 31.48 ? 645 GLN A CD  1 
ATOM   148  O OE1 . GLN A 1 21  ? -6.497  -3.467  -4.103  1.00 37.14 ? 645 GLN A OE1 1 
ATOM   149  N NE2 . GLN A 1 21  ? -6.252  -1.576  -5.325  1.00 36.16 ? 645 GLN A NE2 1 
ATOM   150  N N   . GLU A 1 22  ? -9.719  1.583   -1.466  1.00 25.68 ? 646 GLU A N   1 
ATOM   151  C CA  . GLU A 1 22  ? -10.854 2.491   -1.528  1.00 30.76 ? 646 GLU A CA  1 
ATOM   152  C C   . GLU A 1 22  ? -10.467 3.925   -1.296  1.00 30.60 ? 646 GLU A C   1 
ATOM   153  O O   . GLU A 1 22  ? -11.011 4.809   -1.925  1.00 31.95 ? 646 GLU A O   1 
ATOM   154  C CB  . GLU A 1 22  ? -11.986 2.047   -0.604  1.00 31.67 ? 646 GLU A CB  1 
ATOM   155  C CG  . GLU A 1 22  ? -12.458 0.663   -0.957  1.00 39.78 ? 646 GLU A CG  1 
ATOM   156  C CD  . GLU A 1 22  ? -13.716 0.249   -0.214  1.00 44.22 ? 646 GLU A CD  1 
ATOM   157  O OE1 . GLU A 1 22  ? -14.078 0.976   0.744   1.00 45.64 ? 646 GLU A OE1 1 
ATOM   158  O OE2 . GLU A 1 22  ? -14.310 -0.804  -0.585  1.00 50.64 ? 646 GLU A OE2 1 
ATOM   159  N N   . LYS A 1 23  ? -9.440  4.169   -0.479  1.00 25.86 ? 647 LYS A N   1 
ATOM   160  C CA  . LYS A 1 23  ? -8.961  5.509   -0.280  1.00 26.82 ? 647 LYS A CA  1 
ATOM   161  C C   . LYS A 1 23  ? -8.186  6.042   -1.484  1.00 26.84 ? 647 LYS A C   1 
ATOM   162  O O   . LYS A 1 23  ? -8.057  7.238   -1.646  1.00 31.23 ? 647 LYS A O   1 
ATOM   163  C CB  . LYS A 1 23  ? -8.100  5.614   0.963   1.00 27.50 ? 647 LYS A CB  1 
ATOM   164  C CG  . LYS A 1 23  ? -8.774  5.087   2.219   1.00 26.97 ? 647 LYS A CG  1 
ATOM   165  C CD  . LYS A 1 23  ? -10.008 5.897   2.572   1.00 28.39 ? 647 LYS A CD  1 
ATOM   166  C CE  . LYS A 1 23  ? -10.409 5.670   4.019   1.00 31.35 ? 647 LYS A CE  1 
ATOM   167  N NZ  . LYS A 1 23  ? -11.709 6.386   4.214   1.00 34.79 ? 647 LYS A NZ  1 
ATOM   168  N N   . ASP A 1 24  ? -7.627  5.145   -2.286  1.00 26.12 ? 648 ASP A N   1 
ATOM   169  C CA  . ASP A 1 24  ? -6.950  5.548   -3.518  1.00 26.06 ? 648 ASP A CA  1 
ATOM   170  C C   . ASP A 1 24  ? -8.016  5.684   -4.636  1.00 25.44 ? 648 ASP A C   1 
ATOM   171  O O   . ASP A 1 24  ? -8.184  4.811   -5.454  1.00 27.97 ? 648 ASP A O   1 
ATOM   172  C CB  . ASP A 1 24  ? -5.857  4.542   -3.853  1.00 23.66 ? 648 ASP A CB  1 
ATOM   173  C CG  . ASP A 1 24  ? -5.189  4.789   -5.198  1.00 23.26 ? 648 ASP A CG  1 
ATOM   174  O OD1 . ASP A 1 24  ? -5.224  5.937   -5.749  1.00 23.56 ? 648 ASP A OD1 1 
ATOM   175  O OD2 . ASP A 1 24  ? -4.657  3.748   -5.669  1.00 24.36 ? 648 ASP A OD2 1 
ATOM   176  N N   . THR A 1 25  ? -8.716  6.812   -4.628  1.00 28.49 ? 649 THR A N   1 
ATOM   177  C CA  . THR A 1 25  ? -9.921  6.926   -5.458  1.00 27.30 ? 649 THR A CA  1 
ATOM   178  C C   . THR A 1 25  ? -9.544  7.032   -6.911  1.00 26.53 ? 649 THR A C   1 
ATOM   179  O O   . THR A 1 25  ? -10.338 6.683   -7.768  1.00 29.10 ? 649 THR A O   1 
ATOM   180  C CB  . THR A 1 25  ? -10.744 8.168   -5.086  1.00 30.30 ? 649 THR A CB  1 
ATOM   181  O OG1 . THR A 1 25  ? -9.894  9.309   -5.144  1.00 30.73 ? 649 THR A OG1 1 
ATOM   182  C CG2 . THR A 1 25  ? -11.294 8.028   -3.658  1.00 34.00 ? 649 THR A CG2 1 
ATOM   183  N N   . GLY A 1 26  ? -8.324  7.481   -7.184  1.00 28.19 ? 650 GLY A N   1 
ATOM   184  C CA  . GLY A 1 26  ? -7.865  7.596   -8.600  1.00 28.60 ? 650 GLY A CA  1 
ATOM   185  C C   . GLY A 1 26  ? -7.206  6.362   -9.124  1.00 26.28 ? 650 GLY A C   1 
ATOM   186  O O   . GLY A 1 26  ? -6.737  6.345   -10.272 1.00 29.26 ? 650 GLY A O   1 
ATOM   187  N N   . ASN A 1 27  ? -7.098  5.326   -8.298  1.00 24.65 ? 651 ASN A N   1 
ATOM   188  C CA  . ASN A 1 27  ? -6.384  4.103   -8.660  1.00 24.68 ? 651 ASN A CA  1 
ATOM   189  C C   . ASN A 1 27  ? -4.936  4.337   -9.099  1.00 25.13 ? 651 ASN A C   1 
ATOM   190  O O   . ASN A 1 27  ? -4.344  3.551   -9.846  1.00 27.28 ? 651 ASN A O   1 
ATOM   191  C CB  . ASN A 1 27  ? -7.167  3.293   -9.721  1.00 27.39 ? 651 ASN A CB  1 
ATOM   192  C CG  . ASN A 1 27  ? -8.421  2.669   -9.150  1.00 32.12 ? 651 ASN A CG  1 
ATOM   193  O OD1 . ASN A 1 27  ? -8.538  2.456   -7.940  1.00 33.01 ? 651 ASN A OD1 1 
ATOM   194  N ND2 . ASN A 1 27  ? -9.373  2.357   -10.023 1.00 34.54 ? 651 ASN A ND2 1 
ATOM   195  N N   . ILE A 1 28  ? -4.339  5.377   -8.559  1.00 25.57 ? 652 ILE A N   1 
ATOM   196  C CA  . ILE A 1 28  ? -2.950  5.735   -8.833  1.00 26.03 ? 652 ILE A CA  1 
ATOM   197  C C   . ILE A 1 28  ? -1.960  4.658   -8.351  1.00 23.28 ? 652 ILE A C   1 
ATOM   198  O O   . ILE A 1 28  ? -0.904  4.447   -8.978  1.00 27.59 ? 652 ILE A O   1 
ATOM   199  C CB  . ILE A 1 28  ? -2.653  7.146   -8.200  1.00 25.40 ? 652 ILE A CB  1 
ATOM   200  C CG1 . ILE A 1 28  ? -3.452  8.202   -8.953  1.00 29.87 ? 652 ILE A CG1 1 
ATOM   201  C CG2 . ILE A 1 28  ? -1.193  7.498   -8.254  1.00 26.55 ? 652 ILE A CG2 1 
ATOM   202  C CD1 . ILE A 1 28  ? -3.581  9.567   -8.327  1.00 30.62 ? 652 ILE A CD1 1 
ATOM   203  N N   . PHE A 1 29  ? -2.310  3.928   -7.289  1.00 21.01 ? 653 PHE A N   1 
ATOM   204  C CA  . PHE A 1 29  ? -1.395  3.028   -6.633  1.00 22.91 ? 653 PHE A CA  1 
ATOM   205  C C   . PHE A 1 29  ? -1.833  1.564   -6.794  1.00 23.95 ? 653 PHE A C   1 
ATOM   206  O O   . PHE A 1 29  ? -1.269  0.717   -6.139  1.00 23.89 ? 653 PHE A O   1 
ATOM   207  C CB  . PHE A 1 29  ? -1.266  3.411   -5.157  1.00 22.19 ? 653 PHE A CB  1 
ATOM   208  C CG  . PHE A 1 29  ? -0.837  4.842   -4.954  1.00 22.71 ? 653 PHE A CG  1 
ATOM   209  C CD1 . PHE A 1 29  ? 0.460   5.256   -5.258  1.00 22.68 ? 653 PHE A CD1 1 
ATOM   210  C CD2 . PHE A 1 29  ? -1.759  5.790   -4.533  1.00 22.79 ? 653 PHE A CD2 1 
ATOM   211  C CE1 . PHE A 1 29  ? 0.850   6.570   -5.106  1.00 23.21 ? 653 PHE A CE1 1 
ATOM   212  C CE2 . PHE A 1 29  ? -1.369  7.099   -4.423  1.00 24.31 ? 653 PHE A CE2 1 
ATOM   213  C CZ  . PHE A 1 29  ? -0.075  7.509   -4.714  1.00 21.25 ? 653 PHE A CZ  1 
ATOM   214  N N   . SER A 1 30  ? -2.818  1.325   -7.692  1.00 28.36 ? 654 SER A N   1 
ATOM   215  C CA  A SER A 1 30  ? -3.425  0.007   -7.913  0.50 29.51 ? 654 SER A CA  1 
ATOM   216  C CA  B SER A 1 30  ? -3.407  0.004   -7.877  0.50 28.82 ? 654 SER A CA  1 
ATOM   217  C C   . SER A 1 30  ? -2.431  -0.966  -8.556  1.00 31.87 ? 654 SER A C   1 
ATOM   218  O O   . SER A 1 30  ? -2.501  -2.179  -8.341  1.00 34.50 ? 654 SER A O   1 
ATOM   219  C CB  A SER A 1 30  ? -4.667  0.120   -8.832  0.50 30.60 ? 654 SER A CB  1 
ATOM   220  C CB  B SER A 1 30  ? -4.730  0.105   -8.668  0.50 29.10 ? 654 SER A CB  1 
ATOM   221  O OG  A SER A 1 30  ? -5.797  0.712   -8.204  0.50 31.38 ? 654 SER A OG  1 
ATOM   222  O OG  B SER A 1 30  ? -4.570  0.786   -9.911  0.50 28.37 ? 654 SER A OG  1 
ATOM   223  N N   . GLU A 1 31  ? -1.515  -0.427  -9.352  1.00 27.03 ? 655 GLU A N   1 
ATOM   224  C CA  . GLU A 1 31  ? -0.612  -1.248  -10.139 1.00 28.85 ? 655 GLU A CA  1 
ATOM   225  C C   . GLU A 1 31  ? 0.770   -0.655  -10.091 1.00 27.87 ? 655 GLU A C   1 
ATOM   226  O O   . GLU A 1 31  ? 0.927   0.569   -9.840  1.00 26.37 ? 655 GLU A O   1 
ATOM   227  C CB  . GLU A 1 31  ? -1.085  -1.281  -11.593 1.00 37.01 ? 655 GLU A CB  1 
ATOM   228  C CG  . GLU A 1 31  ? -2.424  -1.964  -11.798 1.00 41.91 ? 655 GLU A CG  1 
ATOM   229  C CD  . GLU A 1 31  ? -2.734  -2.119  -13.287 1.00 49.68 ? 655 GLU A CD  1 
ATOM   230  O OE1 . GLU A 1 31  ? -2.629  -1.094  -14.013 1.00 53.32 ? 655 GLU A OE1 1 
ATOM   231  O OE2 . GLU A 1 31  ? -3.067  -3.252  -13.729 1.00 53.10 ? 655 GLU A OE2 1 
ATOM   232  N N   . PRO A 1 32  ? 1.790   -1.478  -10.404 1.00 27.70 ? 656 PRO A N   1 
ATOM   233  C CA  . PRO A 1 32  ? 3.131   -0.967  -10.405 1.00 26.69 ? 656 PRO A CA  1 
ATOM   234  C C   . PRO A 1 32  ? 3.354   0.257   -11.291 1.00 28.42 ? 656 PRO A C   1 
ATOM   235  O O   . PRO A 1 32  ? 2.767   0.405   -12.370 1.00 31.29 ? 656 PRO A O   1 
ATOM   236  C CB  . PRO A 1 32  ? 3.963   -2.177  -10.939 1.00 31.36 ? 656 PRO A CB  1 
ATOM   237  C CG  . PRO A 1 32  ? 3.135   -3.355  -10.588 1.00 30.49 ? 656 PRO A CG  1 
ATOM   238  C CD  . PRO A 1 32  ? 1.741   -2.899  -10.825 1.00 29.38 ? 656 PRO A CD  1 
ATOM   239  N N   . VAL A 1 33  ? 4.221   1.170   -10.831 1.00 29.60 ? 657 VAL A N   1 
ATOM   240  C CA  . VAL A 1 33  ? 4.596   2.296   -11.670 1.00 27.94 ? 657 VAL A CA  1 
ATOM   241  C C   . VAL A 1 33  ? 5.217   1.747   -12.955 1.00 30.46 ? 657 VAL A C   1 
ATOM   242  O O   . VAL A 1 33  ? 6.096   0.906   -12.878 1.00 31.40 ? 657 VAL A O   1 
ATOM   243  C CB  . VAL A 1 33  ? 5.581   3.195   -10.951 1.00 28.67 ? 657 VAL A CB  1 
ATOM   244  C CG1 . VAL A 1 33  ? 6.125   4.258   -11.881 1.00 31.23 ? 657 VAL A CG1 1 
ATOM   245  C CG2 . VAL A 1 33  ? 4.868   3.827   -9.765  1.00 28.62 ? 657 VAL A CG2 1 
ATOM   246  N N   . PRO A 1 34  ? 4.738   2.223   -14.104 1.00 31.13 ? 658 PRO A N   1 
ATOM   247  C CA  . PRO A 1 34  ? 5.181   1.582   -15.354 1.00 35.71 ? 658 PRO A CA  1 
ATOM   248  C C   . PRO A 1 34  ? 6.495   2.133   -15.870 1.00 38.73 ? 658 PRO A C   1 
ATOM   249  O O   . PRO A 1 34  ? 6.625   3.331   -16.125 1.00 36.76 ? 658 PRO A O   1 
ATOM   250  C CB  . PRO A 1 34  ? 4.056   1.910   -16.297 1.00 35.35 ? 658 PRO A CB  1 
ATOM   251  C CG  . PRO A 1 34  ? 3.563   3.234   -15.822 1.00 36.36 ? 658 PRO A CG  1 
ATOM   252  C CD  . PRO A 1 34  ? 3.603   3.107   -14.334 1.00 33.31 ? 658 PRO A CD  1 
ATOM   253  N N   . LEU A 1 35  ? 7.455   1.244   -16.056 1.00 44.77 ? 659 LEU A N   1 
ATOM   254  C CA  . LEU A 1 35  ? 8.790   1.668   -16.472 1.00 50.15 ? 659 LEU A CA  1 
ATOM   255  C C   . LEU A 1 35  ? 8.835   2.155   -17.925 1.00 52.15 ? 659 LEU A C   1 
ATOM   256  O O   . LEU A 1 35  ? 9.739   2.897   -18.300 1.00 51.14 ? 659 LEU A O   1 
ATOM   257  C CB  . LEU A 1 35  ? 9.805   0.559   -16.194 1.00 53.24 ? 659 LEU A CB  1 
ATOM   258  C CG  . LEU A 1 35  ? 9.899   0.107   -14.725 1.00 55.56 ? 659 LEU A CG  1 
ATOM   259  C CD1 . LEU A 1 35  ? 11.171  -0.700  -14.502 1.00 56.89 ? 659 LEU A CD1 1 
ATOM   260  C CD2 . LEU A 1 35  ? 9.844   1.276   -13.744 1.00 57.50 ? 659 LEU A CD2 1 
ATOM   261  N N   . SER A 1 36  ? 7.832   1.776   -18.720 1.00 55.22 ? 660 SER A N   1 
ATOM   262  C CA  . SER A 1 36  ? 7.687   2.297   -20.072 1.00 55.09 ? 660 SER A CA  1 
ATOM   263  C C   . SER A 1 36  ? 7.459   3.808   -20.014 1.00 58.09 ? 660 SER A C   1 
ATOM   264  O O   . SER A 1 36  ? 8.165   4.579   -20.680 1.00 53.27 ? 660 SER A O   1 
ATOM   265  C CB  . SER A 1 36  ? 6.546   1.588   -20.818 1.00 57.25 ? 660 SER A CB  1 
ATOM   266  O OG  . SER A 1 36  ? 5.278   1.808   -20.207 1.00 58.78 ? 660 SER A OG  1 
ATOM   267  N N   . GLU A 1 37  ? 6.504   4.222   -19.174 1.00 54.91 ? 661 GLU A N   1 
ATOM   268  C CA  . GLU A 1 37  ? 6.168   5.633   -19.008 1.00 53.09 ? 661 GLU A CA  1 
ATOM   269  C C   . GLU A 1 37  ? 7.156   6.362   -18.097 1.00 44.30 ? 661 GLU A C   1 
ATOM   270  O O   . GLU A 1 37  ? 7.309   7.573   -18.222 1.00 47.68 ? 661 GLU A O   1 
ATOM   271  C CB  . GLU A 1 37  ? 4.739   5.800   -18.470 1.00 53.14 ? 661 GLU A CB  1 
ATOM   272  C CG  . GLU A 1 37  ? 3.657   5.219   -19.361 1.00 56.84 ? 661 GLU A CG  1 
ATOM   273  C CD  . GLU A 1 37  ? 3.538   5.953   -20.684 1.00 59.84 ? 661 GLU A CD  1 
ATOM   274  O OE1 . GLU A 1 37  ? 3.175   7.147   -20.697 1.00 61.75 ? 661 GLU A OE1 1 
ATOM   275  O OE2 . GLU A 1 37  ? 3.820   5.326   -21.718 1.00 64.80 ? 661 GLU A OE2 1 
ATOM   276  N N   . VAL A 1 38  ? 7.838   5.615   -17.221 1.00 41.78 ? 662 VAL A N   1 
ATOM   277  C CA  . VAL A 1 38  ? 8.727   6.187   -16.187 1.00 39.49 ? 662 VAL A CA  1 
ATOM   278  C C   . VAL A 1 38  ? 10.094  5.496   -16.140 1.00 42.47 ? 662 VAL A C   1 
ATOM   279  O O   . VAL A 1 38  ? 10.409  4.751   -15.213 1.00 37.69 ? 662 VAL A O   1 
ATOM   280  C CB  . VAL A 1 38  ? 8.043   6.121   -14.790 1.00 37.65 ? 662 VAL A CB  1 
ATOM   281  C CG1 . VAL A 1 38  ? 8.788   6.989   -13.791 1.00 37.96 ? 662 VAL A CG1 1 
ATOM   282  C CG2 . VAL A 1 38  ? 6.574   6.511   -14.898 1.00 36.50 ? 662 VAL A CG2 1 
ATOM   283  N N   . PRO A 1 39  ? 10.944  5.762   -17.160 1.00 44.29 ? 663 PRO A N   1 
ATOM   284  C CA  . PRO A 1 39  ? 12.186  4.992   -17.287 1.00 44.85 ? 663 PRO A CA  1 
ATOM   285  C C   . PRO A 1 39  ? 13.242  5.122   -16.177 1.00 42.56 ? 663 PRO A C   1 
ATOM   286  O O   . PRO A 1 39  ? 14.007  4.184   -15.975 1.00 42.53 ? 663 PRO A O   1 
ATOM   287  C CB  . PRO A 1 39  ? 12.757  5.499   -18.614 1.00 46.70 ? 663 PRO A CB  1 
ATOM   288  C CG  . PRO A 1 39  ? 11.557  5.930   -19.399 1.00 47.52 ? 663 PRO A CG  1 
ATOM   289  C CD  . PRO A 1 39  ? 10.666  6.561   -18.368 1.00 47.69 ? 663 PRO A CD  1 
ATOM   290  N N   . ASP A 1 40  ? 13.307  6.254   -15.473 1.00 39.66 ? 664 ASP A N   1 
ATOM   291  C CA  . ASP A 1 40  ? 14.289  6.419   -14.390 1.00 42.34 ? 664 ASP A CA  1 
ATOM   292  C C   . ASP A 1 40  ? 13.843  5.980   -12.950 1.00 37.94 ? 664 ASP A C   1 
ATOM   293  O O   . ASP A 1 40  ? 14.536  6.241   -11.965 1.00 38.62 ? 664 ASP A O   1 
ATOM   294  C CB  . ASP A 1 40  ? 14.740  7.885   -14.346 1.00 40.69 ? 664 ASP A CB  1 
ATOM   295  C CG  . ASP A 1 40  ? 13.620  8.847   -13.883 1.00 44.01 ? 664 ASP A CG  1 
ATOM   296  O OD1 . ASP A 1 40  ? 12.428  8.514   -14.031 1.00 39.59 ? 664 ASP A OD1 1 
ATOM   297  O OD2 . ASP A 1 40  ? 13.939  9.950   -13.403 1.00 41.93 ? 664 ASP A OD2 1 
ATOM   298  N N   . TYR A 1 41  ? 12.699  5.326   -12.836 1.00 38.74 ? 665 TYR A N   1 
ATOM   299  C CA  . TYR A 1 41  ? 12.061  5.141   -11.519 1.00 35.00 ? 665 TYR A CA  1 
ATOM   300  C C   . TYR A 1 41  ? 12.970  4.358   -10.594 1.00 35.16 ? 665 TYR A C   1 
ATOM   301  O O   . TYR A 1 41  ? 13.106  4.677   -9.427  1.00 37.53 ? 665 TYR A O   1 
ATOM   302  C CB  . TYR A 1 41  ? 10.705  4.439   -11.698 1.00 32.07 ? 665 TYR A CB  1 
ATOM   303  C CG  . TYR A 1 41  ? 9.882   4.420   -10.429 1.00 30.00 ? 665 TYR A CG  1 
ATOM   304  C CD1 . TYR A 1 41  ? 9.276   5.584   -9.954  1.00 30.22 ? 665 TYR A CD1 1 
ATOM   305  C CD2 . TYR A 1 41  ? 9.718   3.245   -9.698  1.00 32.28 ? 665 TYR A CD2 1 
ATOM   306  C CE1 . TYR A 1 41  ? 8.514   5.544   -8.785  1.00 27.10 ? 665 TYR A CE1 1 
ATOM   307  C CE2 . TYR A 1 41  ? 8.948   3.205   -8.527  1.00 31.72 ? 665 TYR A CE2 1 
ATOM   308  C CZ  . TYR A 1 41  ? 8.366   4.384   -8.075  1.00 28.38 ? 665 TYR A CZ  1 
ATOM   309  O OH  . TYR A 1 41  ? 7.588   4.359   -6.907  1.00 26.12 ? 665 TYR A OH  1 
ATOM   310  N N   . LEU A 1 42  ? 13.660  3.343   -11.143 1.00 39.21 ? 666 LEU A N   1 
ATOM   311  C CA  . LEU A 1 42  ? 14.499  2.464   -10.328 1.00 41.95 ? 666 LEU A CA  1 
ATOM   312  C C   . LEU A 1 42  ? 15.858  3.070   -9.961  1.00 41.50 ? 666 LEU A C   1 
ATOM   313  O O   . LEU A 1 42  ? 16.525  2.576   -9.056  1.00 44.87 ? 666 LEU A O   1 
ATOM   314  C CB  . LEU A 1 42  ? 14.662  1.107   -11.035 1.00 42.58 ? 666 LEU A CB  1 
ATOM   315  C CG  . LEU A 1 42  ? 13.311  0.414   -11.219 1.00 41.88 ? 666 LEU A CG  1 
ATOM   316  C CD1 . LEU A 1 42  ? 13.460  -0.807  -12.128 1.00 46.32 ? 666 LEU A CD1 1 
ATOM   317  C CD2 . LEU A 1 42  ? 12.744  0.027   -9.862  1.00 43.42 ? 666 LEU A CD2 1 
ATOM   318  N N   . ASP A 1 43  ? 16.252  4.148   -10.642 1.00 45.74 ? 667 ASP A N   1 
ATOM   319  C CA  . ASP A 1 43  ? 17.416  4.924   -10.215 1.00 49.42 ? 667 ASP A CA  1 
ATOM   320  C C   . ASP A 1 43  ? 17.176  5.523   -8.826  1.00 52.14 ? 667 ASP A C   1 
ATOM   321  O O   . ASP A 1 43  ? 18.118  5.738   -8.036  1.00 45.25 ? 667 ASP A O   1 
ATOM   322  C CB  . ASP A 1 43  ? 17.718  6.069   -11.198 1.00 53.99 ? 667 ASP A CB  1 
ATOM   323  C CG  . ASP A 1 43  ? 18.027  5.583   -12.598 1.00 57.19 ? 667 ASP A CG  1 
ATOM   324  O OD1 . ASP A 1 43  ? 18.474  4.422   -12.739 1.00 56.00 ? 667 ASP A OD1 1 
ATOM   325  O OD2 . ASP A 1 43  ? 17.825  6.375   -13.548 1.00 62.61 ? 667 ASP A OD2 1 
ATOM   326  N N   . HIS A 1 44  ? 15.909  5.795   -8.519  1.00 46.85 ? 668 HIS A N   1 
ATOM   327  C CA  . HIS A 1 44  ? 15.578  6.477   -7.275  1.00 46.02 ? 668 HIS A CA  1 
ATOM   328  C C   . HIS A 1 44  ? 14.958  5.562   -6.243  1.00 40.33 ? 668 HIS A C   1 
ATOM   329  O O   . HIS A 1 44  ? 15.269  5.650   -5.066  1.00 42.48 ? 668 HIS A O   1 
ATOM   330  C CB  . HIS A 1 44  ? 14.663  7.636   -7.573  1.00 47.57 ? 668 HIS A CB  1 
ATOM   331  C CG  . HIS A 1 44  ? 15.251  8.610   -8.543  1.00 55.36 ? 668 HIS A CG  1 
ATOM   332  N ND1 . HIS A 1 44  ? 15.021  8.540   -9.902  1.00 55.91 ? 668 HIS A ND1 1 
ATOM   333  C CD2 . HIS A 1 44  ? 16.088  9.656   -8.353  1.00 58.13 ? 668 HIS A CD2 1 
ATOM   334  C CE1 . HIS A 1 44  ? 15.681  9.511   -10.506 1.00 60.43 ? 668 HIS A CE1 1 
ATOM   335  N NE2 . HIS A 1 44  ? 16.337  10.200  -9.588  1.00 60.95 ? 668 HIS A NE2 1 
ATOM   336  N N   . ILE A 1 45  ? 14.106  4.663   -6.712  1.00 39.00 ? 669 ILE A N   1 
ATOM   337  C CA  . ILE A 1 45  ? 13.318  3.819   -5.849  1.00 34.79 ? 669 ILE A CA  1 
ATOM   338  C C   . ILE A 1 45  ? 13.847  2.389   -5.855  1.00 34.89 ? 669 ILE A C   1 
ATOM   339  O O   . ILE A 1 45  ? 13.741  1.695   -6.848  1.00 36.47 ? 669 ILE A O   1 
ATOM   340  C CB  . ILE A 1 45  ? 11.865  3.811   -6.338  1.00 33.06 ? 669 ILE A CB  1 
ATOM   341  C CG1 . ILE A 1 45  ? 11.257  5.236   -6.326  1.00 32.91 ? 669 ILE A CG1 1 
ATOM   342  C CG2 . ILE A 1 45  ? 11.030  2.862   -5.502  1.00 33.97 ? 669 ILE A CG2 1 
ATOM   343  C CD1 . ILE A 1 45  ? 11.430  5.979   -5.039  1.00 34.55 ? 669 ILE A CD1 1 
ATOM   344  N N   . LYS A 1 46  ? 14.358  1.963   -4.717  1.00 34.35 ? 670 LYS A N   1 
ATOM   345  C CA  . LYS A 1 46  ? 14.953  0.653   -4.565  1.00 41.79 ? 670 LYS A CA  1 
ATOM   346  C C   . LYS A 1 46  ? 13.902  -0.448  -4.471  1.00 39.06 ? 670 LYS A C   1 
ATOM   347  O O   . LYS A 1 46  ? 14.079  -1.523  -5.043  1.00 39.74 ? 670 LYS A O   1 
ATOM   348  C CB  . LYS A 1 46  ? 15.825  0.640   -3.319  1.00 46.12 ? 670 LYS A CB  1 
ATOM   349  C CG  . LYS A 1 46  ? 16.597  -0.656  -3.124  1.00 55.49 ? 670 LYS A CG  1 
ATOM   350  N N   . LYS A 1 47  ? 12.800  -0.184  -3.771  1.00 33.83 ? 671 LYS A N   1 
ATOM   351  C CA  . LYS A 1 47  ? 11.766  -1.199  -3.647  1.00 35.55 ? 671 LYS A CA  1 
ATOM   352  C C   . LYS A 1 47  ? 10.353  -0.680  -4.017  1.00 31.12 ? 671 LYS A C   1 
ATOM   353  O O   . LYS A 1 47  ? 9.608   -0.235  -3.130  1.00 30.11 ? 671 LYS A O   1 
ATOM   354  C CB  . LYS A 1 47  ? 11.761  -1.781  -2.251  1.00 39.78 ? 671 LYS A CB  1 
ATOM   355  C CG  . LYS A 1 47  ? 10.735  -2.901  -2.109  1.00 43.66 ? 671 LYS A CG  1 
ATOM   356  C CD  . LYS A 1 47  ? 10.963  -3.819  -0.934  1.00 45.52 ? 671 LYS A CD  1 
ATOM   357  C CE  . LYS A 1 47  ? 9.793   -4.783  -0.814  1.00 47.28 ? 671 LYS A CE  1 
ATOM   358  N NZ  . LYS A 1 47  ? 9.916   -5.626  0.408   1.00 50.66 ? 671 LYS A NZ  1 
ATOM   359  N N   . PRO A 1 48  ? 9.986   -0.769  -5.312  1.00 30.83 ? 672 PRO A N   1 
ATOM   360  C CA  . PRO A 1 48  ? 8.662   -0.368  -5.708  1.00 29.82 ? 672 PRO A CA  1 
ATOM   361  C C   . PRO A 1 48  ? 7.602   -1.211  -5.008  1.00 30.59 ? 672 PRO A C   1 
ATOM   362  O O   . PRO A 1 48  ? 7.852   -2.348  -4.599  1.00 30.05 ? 672 PRO A O   1 
ATOM   363  C CB  . PRO A 1 48  ? 8.634   -0.605  -7.216  1.00 31.55 ? 672 PRO A CB  1 
ATOM   364  C CG  . PRO A 1 48  ? 10.044  -0.667  -7.627  1.00 33.01 ? 672 PRO A CG  1 
ATOM   365  C CD  . PRO A 1 48  ? 10.745  -1.269  -6.467  1.00 31.62 ? 672 PRO A CD  1 
ATOM   366  N N   . MET A 1 49  ? 6.450   -0.589  -4.812  1.00 25.18 ? 673 MET A N   1 
ATOM   367  C CA  . MET A 1 49  ? 5.329   -1.252  -4.169  1.00 24.67 ? 673 MET A CA  1 
ATOM   368  C C   . MET A 1 49  ? 4.046   -0.594  -4.719  1.00 24.19 ? 673 MET A C   1 
ATOM   369  O O   . MET A 1 49  ? 4.005   0.564   -5.190  1.00 23.87 ? 673 MET A O   1 
ATOM   370  C CB  . MET A 1 49  ? 5.446   -1.151  -2.627  1.00 24.40 ? 673 MET A CB  1 
ATOM   371  C CG  . MET A 1 49  ? 4.441   -1.981  -1.825  1.00 26.16 ? 673 MET A CG  1 
ATOM   372  S SD  . MET A 1 49  ? 4.345   -3.703  -2.335  1.00 30.04 ? 673 MET A SD  1 
ATOM   373  C CE  . MET A 1 49  ? 6.092   -4.146  -2.181  1.00 31.54 ? 673 MET A CE  1 
ATOM   374  N N   . ASP A 1 50  ? 2.961   -1.384  -4.672  1.00 24.82 ? 674 ASP A N   1 
ATOM   375  C CA  . ASP A 1 50  ? 1.685   -1.002  -5.269  1.00 25.10 ? 674 ASP A CA  1 
ATOM   376  C C   . ASP A 1 50  ? 0.686   -2.026  -4.711  1.00 21.79 ? 674 ASP A C   1 
ATOM   377  O O   . ASP A 1 50  ? 1.092   -3.008  -4.155  1.00 24.37 ? 674 ASP A O   1 
ATOM   378  C CB  . ASP A 1 50  ? 1.662   -1.033  -6.774  1.00 26.07 ? 674 ASP A CB  1 
ATOM   379  C CG  . ASP A 1 50  ? 1.841   -2.429  -7.304  1.00 32.52 ? 674 ASP A CG  1 
ATOM   380  O OD1 . ASP A 1 50  ? 2.990   -2.858  -7.273  1.00 31.75 ? 674 ASP A OD1 1 
ATOM   381  O OD2 . ASP A 1 50  ? 0.826   -3.059  -7.664  1.00 33.32 ? 674 ASP A OD2 1 
ATOM   382  N N   . PHE A 1 51  ? -0.606  -1.729  -4.800  1.00 24.62 ? 675 PHE A N   1 
ATOM   383  C CA  . PHE A 1 51  ? -1.617  -2.560  -4.165  1.00 22.53 ? 675 PHE A CA  1 
ATOM   384  C C   . PHE A 1 51  ? -1.801  -3.932  -4.844  1.00 23.94 ? 675 PHE A C   1 
ATOM   385  O O   . PHE A 1 51  ? -2.188  -4.899  -4.164  1.00 26.23 ? 675 PHE A O   1 
ATOM   386  C CB  . PHE A 1 51  ? -2.947  -1.849  -4.117  1.00 23.17 ? 675 PHE A CB  1 
ATOM   387  C CG  . PHE A 1 51  ? -3.012  -0.714  -3.152  1.00 22.19 ? 675 PHE A CG  1 
ATOM   388  C CD1 . PHE A 1 51  ? -2.739  -0.934  -1.815  1.00 22.22 ? 675 PHE A CD1 1 
ATOM   389  C CD2 . PHE A 1 51  ? -3.437  0.536   -3.563  1.00 22.49 ? 675 PHE A CD2 1 
ATOM   390  C CE1 . PHE A 1 51  ? -2.855  0.093   -0.898  1.00 23.94 ? 675 PHE A CE1 1 
ATOM   391  C CE2 . PHE A 1 51  ? -3.612  1.561   -2.654  1.00 23.91 ? 675 PHE A CE2 1 
ATOM   392  C CZ  . PHE A 1 51  ? -3.286  1.336   -1.321  1.00 21.97 ? 675 PHE A CZ  1 
ATOM   393  N N   . PHE A 1 52  ? -1.458  -4.017  -6.127  1.00 27.12 ? 676 PHE A N   1 
ATOM   394  C CA  . PHE A 1 52  ? -1.546  -5.327  -6.845  1.00 29.18 ? 676 PHE A CA  1 
ATOM   395  C C   . PHE A 1 52  ? -0.485  -6.264  -6.304  1.00 28.47 ? 676 PHE A C   1 
ATOM   396  O O   . PHE A 1 52  ? -0.755  -7.439  -6.023  1.00 28.95 ? 676 PHE A O   1 
ATOM   397  C CB  . PHE A 1 52  ? -1.385  -5.112  -8.344  1.00 30.94 ? 676 PHE A CB  1 
ATOM   398  C CG  . PHE A 1 52  ? -1.600  -6.352  -9.178  1.00 39.20 ? 676 PHE A CG  1 
ATOM   399  C CD1 . PHE A 1 52  ? -2.876  -6.754  -9.529  1.00 44.09 ? 676 PHE A CD1 1 
ATOM   400  C CD2 . PHE A 1 52  ? -0.518  -7.082  -9.623  1.00 45.92 ? 676 PHE A CD2 1 
ATOM   401  C CE1 . PHE A 1 52  ? -3.077  -7.880  -10.315 1.00 47.35 ? 676 PHE A CE1 1 
ATOM   402  C CE2 . PHE A 1 52  ? -0.696  -8.222  -10.412 1.00 48.86 ? 676 PHE A CE2 1 
ATOM   403  C CZ  . PHE A 1 52  ? -1.978  -8.614  -10.758 1.00 46.23 ? 676 PHE A CZ  1 
ATOM   404  N N   . THR A 1 53  ? 0.736   -5.764  -6.137  1.00 28.22 ? 677 THR A N   1 
ATOM   405  C CA  . THR A 1 53  ? 1.781   -6.483  -5.428  1.00 28.10 ? 677 THR A CA  1 
ATOM   406  C C   . THR A 1 53  ? 1.443   -6.901  -3.996  1.00 29.01 ? 677 THR A C   1 
ATOM   407  O O   . THR A 1 53  ? 1.734   -7.989  -3.558  1.00 28.52 ? 677 THR A O   1 
ATOM   408  C CB  . THR A 1 53  ? 3.087   -5.657  -5.493  1.00 30.06 ? 677 THR A CB  1 
ATOM   409  O OG1 . THR A 1 53  ? 3.409   -5.445  -6.884  1.00 33.08 ? 677 THR A OG1 1 
ATOM   410  C CG2 . THR A 1 53  ? 4.187   -6.309  -4.773  1.00 32.33 ? 677 THR A CG2 1 
ATOM   411  N N   . MET A 1 54  ? 0.816   -6.004  -3.226  1.00 25.15 ? 678 MET A N   1 
ATOM   412  C CA  . MET A 1 54  ? 0.382   -6.355  -1.921  1.00 25.87 ? 678 MET A CA  1 
ATOM   413  C C   . MET A 1 54  ? -0.651  -7.484  -1.989  1.00 24.75 ? 678 MET A C   1 
ATOM   414  O O   . MET A 1 54  ? -0.621  -8.363  -1.131  1.00 28.78 ? 678 MET A O   1 
ATOM   415  C CB  . MET A 1 54  ? -0.219  -5.134  -1.187  1.00 26.04 ? 678 MET A CB  1 
ATOM   416  C CG  . MET A 1 54  ? 0.847   -4.101  -0.807  1.00 24.92 ? 678 MET A CG  1 
ATOM   417  S SD  . MET A 1 54  ? 0.257   -2.795  0.280   1.00 23.85 ? 678 MET A SD  1 
ATOM   418  C CE  . MET A 1 54  ? -0.057  -3.664  1.798   1.00 26.03 ? 678 MET A CE  1 
ATOM   419  N N   . LYS A 1 55  ? -1.566  -7.429  -2.963  1.00 25.45 ? 679 LYS A N   1 
ATOM   420  C CA  . LYS A 1 55  ? -2.630  -8.422  -3.029  1.00 26.63 ? 679 LYS A CA  1 
ATOM   421  C C   . LYS A 1 55  ? -1.978  -9.754  -3.356  1.00 28.53 ? 679 LYS A C   1 
ATOM   422  O O   . LYS A 1 55  ? -2.293  -10.766 -2.739  1.00 29.69 ? 679 LYS A O   1 
ATOM   423  C CB  . LYS A 1 55  ? -3.640  -8.076  -4.078  1.00 29.53 ? 679 LYS A CB  1 
ATOM   424  C CG  . LYS A 1 55  ? -4.849  -9.009  -4.068  1.00 35.85 ? 679 LYS A CG  1 
ATOM   425  C CD  . LYS A 1 55  ? -5.641  -8.889  -5.363  1.00 40.73 ? 679 LYS A CD  1 
ATOM   426  C CE  . LYS A 1 55  ? -6.867  -9.793  -5.380  1.00 46.92 ? 679 LYS A CE  1 
ATOM   427  N NZ  . LYS A 1 55  ? -7.240  -10.196 -6.772  1.00 49.94 ? 679 LYS A NZ  1 
ATOM   428  N N   . GLN A 1 56  ? -1.062  -9.701  -4.322  1.00 30.79 ? 680 GLN A N   1 
ATOM   429  C CA  . GLN A 1 56  ? -0.203  -10.899 -4.647  1.00 35.26 ? 680 GLN A CA  1 
ATOM   430  C C   . GLN A 1 56  ? 0.487   -11.502 -3.428  1.00 34.30 ? 680 GLN A C   1 
ATOM   431  O O   . GLN A 1 56  ? 0.465   -12.727 -3.229  1.00 36.51 ? 680 GLN A O   1 
ATOM   432  C CB  . GLN A 1 56  ? 0.859   -10.562 -5.691  1.00 36.50 ? 680 GLN A CB  1 
ATOM   433  C CG  . GLN A 1 56  ? 0.439   -9.899  -7.010  1.00 42.65 ? 680 GLN A CG  1 
ATOM   434  C CD  . GLN A 1 56  ? -0.868  -10.380 -7.601  1.00 44.63 ? 680 GLN A CD  1 
ATOM   435  O OE1 . GLN A 1 56  ? -1.957  -9.926  -7.202  1.00 46.49 ? 680 GLN A OE1 1 
ATOM   436  N NE2 . GLN A 1 56  ? -0.770  -11.270 -8.611  1.00 51.88 ? 680 GLN A NE2 1 
ATOM   437  N N   . ASN A 1 57  ? 1.111   -10.666 -2.594  1.00 32.09 ? 681 ASN A N   1 
ATOM   438  C CA  . ASN A 1 57  ? 1.742   -11.069 -1.386  1.00 32.18 ? 681 ASN A CA  1 
ATOM   439  C C   . ASN A 1 57  ? 0.777   -11.706 -0.398  1.00 36.69 ? 681 ASN A C   1 
ATOM   440  O O   . ASN A 1 57  ? 1.131   -12.654 0.288   1.00 35.81 ? 681 ASN A O   1 
ATOM   441  C CB  . ASN A 1 57  ? 2.474   -9.901  -0.704  1.00 34.67 ? 681 ASN A CB  1 
ATOM   442  C CG  . ASN A 1 57  ? 3.728   -9.471  -1.461  1.00 37.58 ? 681 ASN A CG  1 
ATOM   443  O OD1 . ASN A 1 57  ? 4.235   -10.221 -2.324  1.00 39.11 ? 681 ASN A OD1 1 
ATOM   444  N ND2 . ASN A 1 57  ? 4.241   -8.263  -1.152  1.00 33.65 ? 681 ASN A ND2 1 
ATOM   445  N N   . LEU A 1 58  ? -0.422  -11.130 -0.290  1.00 31.81 ? 682 LEU A N   1 
ATOM   446  C CA  . LEU A 1 58  ? -1.389  -11.597 0.684   1.00 34.22 ? 682 LEU A CA  1 
ATOM   447  C C   . LEU A 1 58  ? -1.804  -13.015 0.366   1.00 34.16 ? 682 LEU A C   1 
ATOM   448  O O   . LEU A 1 58  ? -1.872  -13.877 1.236   1.00 39.16 ? 682 LEU A O   1 
ATOM   449  C CB  . LEU A 1 58  ? -2.624  -10.663 0.657   1.00 34.06 ? 682 LEU A CB  1 
ATOM   450  C CG  . LEU A 1 58  ? -3.775  -11.073 1.573   1.00 36.38 ? 682 LEU A CG  1 
ATOM   451  C CD1 . LEU A 1 58  ? -3.271  -11.160 2.999   1.00 36.44 ? 682 LEU A CD1 1 
ATOM   452  C CD2 . LEU A 1 58  ? -4.903  -10.051 1.458   1.00 39.96 ? 682 LEU A CD2 1 
ATOM   453  N N   . GLU A 1 59  ? -2.049  -13.243 -0.889  1.00 35.19 ? 683 GLU A N   1 
ATOM   454  C CA  . GLU A 1 59  ? -2.590  -14.509 -1.347  1.00 39.73 ? 683 GLU A CA  1 
ATOM   455  C C   . GLU A 1 59  ? -1.549  -15.611 -1.376  1.00 43.14 ? 683 GLU A C   1 
ATOM   456  O O   . GLU A 1 59  ? -1.896  -16.790 -1.296  1.00 40.41 ? 683 GLU A O   1 
ATOM   457  C CB  . GLU A 1 59  ? -3.200  -14.290 -2.688  1.00 39.42 ? 683 GLU A CB  1 
ATOM   458  C CG  . GLU A 1 59  ? -4.435  -13.421 -2.480  1.00 44.26 ? 683 GLU A CG  1 
ATOM   459  C CD  . GLU A 1 59  ? -5.263  -13.226 -3.694  1.00 47.78 ? 683 GLU A CD  1 
ATOM   460  O OE1 . GLU A 1 59  ? -4.713  -13.362 -4.811  1.00 50.58 ? 683 GLU A OE1 1 
ATOM   461  O OE2 . GLU A 1 59  ? -6.468  -12.903 -3.493  1.00 50.10 ? 683 GLU A OE2 1 
ATOM   462  N N   . ALA A 1 60  ? -0.282  -15.208 -1.434  1.00 42.18 ? 684 ALA A N   1 
ATOM   463  C CA  . ALA A 1 60  ? 0.851   -16.128 -1.273  1.00 44.44 ? 684 ALA A CA  1 
ATOM   464  C C   . ALA A 1 60  ? 1.289   -16.261 0.182   1.00 48.50 ? 684 ALA A C   1 
ATOM   465  O O   . ALA A 1 60  ? 2.418   -16.658 0.461   1.00 51.66 ? 684 ALA A O   1 
ATOM   466  C CB  . ALA A 1 60  ? 2.030   -15.632 -2.113  1.00 45.42 ? 684 ALA A CB  1 
ATOM   467  N N   . TYR A 1 61  ? 0.431   -15.875 1.123   1.00 45.50 ? 685 TYR A N   1 
ATOM   468  C CA  . TYR A 1 61  ? 0.735   -15.986 2.543   1.00 51.07 ? 685 TYR A CA  1 
ATOM   469  C C   . TYR A 1 61  ? 2.080   -15.374 2.931   1.00 50.78 ? 685 TYR A C   1 
ATOM   470  O O   . TYR A 1 61  ? 2.653   -15.751 3.954   1.00 52.28 ? 685 TYR A O   1 
ATOM   471  C CB  . TYR A 1 61  ? 0.631   -17.459 2.969   1.00 54.97 ? 685 TYR A CB  1 
ATOM   472  C CG  . TYR A 1 61  ? -0.727  -18.016 2.617   1.00 57.82 ? 685 TYR A CG  1 
ATOM   473  C CD1 . TYR A 1 61  ? -1.038  -18.365 1.309   1.00 59.28 ? 685 TYR A CD1 1 
ATOM   474  C CD2 . TYR A 1 61  ? -1.719  -18.147 3.586   1.00 62.11 ? 685 TYR A CD2 1 
ATOM   475  C CE1 . TYR A 1 61  ? -2.293  -18.848 0.974   1.00 62.31 ? 685 TYR A CE1 1 
ATOM   476  C CE2 . TYR A 1 61  ? -2.975  -18.628 3.263   1.00 62.10 ? 685 TYR A CE2 1 
ATOM   477  C CZ  . TYR A 1 61  ? -3.256  -18.975 1.955   1.00 61.42 ? 685 TYR A CZ  1 
ATOM   478  O OH  . TYR A 1 61  ? -4.497  -19.458 1.622   1.00 64.11 ? 685 TYR A OH  1 
ATOM   479  N N   . ARG A 1 62  ? 2.562   -14.405 2.142   1.00 49.05 ? 686 ARG A N   1 
ATOM   480  C CA  . ARG A 1 62  ? 3.838   -13.745 2.441   1.00 48.24 ? 686 ARG A CA  1 
ATOM   481  C C   . ARG A 1 62  ? 3.758   -12.801 3.655   1.00 50.81 ? 686 ARG A C   1 
ATOM   482  O O   . ARG A 1 62  ? 4.798   -12.542 4.275   1.00 54.79 ? 686 ARG A O   1 
ATOM   483  C CB  . ARG A 1 62  ? 4.398   -13.026 1.198   1.00 49.67 ? 686 ARG A CB  1 
ATOM   484  C CG  . ARG A 1 62  ? 4.701   -13.949 0.018   1.00 51.40 ? 686 ARG A CG  1 
ATOM   485  C CD  . ARG A 1 62  ? 5.227   -13.227 -1.235  1.00 52.09 ? 686 ARG A CD  1 
ATOM   486  N NE  . ARG A 1 62  ? 5.195   -14.097 -2.425  1.00 49.71 ? 686 ARG A NE  1 
ATOM   487  C CZ  . ARG A 1 62  ? 4.535   -13.876 -3.568  1.00 48.71 ? 686 ARG A CZ  1 
ATOM   488  N NH1 . ARG A 1 62  ? 3.824   -12.763 -3.782  1.00 51.08 ? 686 ARG A NH1 1 
ATOM   489  N NH2 . ARG A 1 62  ? 4.588   -14.780 -4.538  1.00 48.70 ? 686 ARG A NH2 1 
ATOM   490  N N   . TYR A 1 63  ? 2.558   -12.291 4.013   1.00 42.18 ? 687 TYR A N   1 
ATOM   491  C CA  . TYR A 1 63  ? 2.382   -11.471 5.247   1.00 39.55 ? 687 TYR A CA  1 
ATOM   492  C C   . TYR A 1 63  ? 2.154   -12.226 6.565   1.00 46.65 ? 687 TYR A C   1 
ATOM   493  O O   . TYR A 1 63  ? 1.012   -12.490 6.976   1.00 45.16 ? 687 TYR A O   1 
ATOM   494  C CB  . TYR A 1 63  ? 1.267   -10.396 5.102   1.00 37.01 ? 687 TYR A CB  1 
ATOM   495  C CG  . TYR A 1 63  ? 1.564   -9.398  4.030   1.00 32.39 ? 687 TYR A CG  1 
ATOM   496  C CD1 . TYR A 1 63  ? 2.697   -8.578  4.110   1.00 34.32 ? 687 TYR A CD1 1 
ATOM   497  C CD2 . TYR A 1 63  ? 0.728   -9.253  2.921   1.00 30.36 ? 687 TYR A CD2 1 
ATOM   498  C CE1 . TYR A 1 63  ? 3.004   -7.684  3.100   1.00 35.03 ? 687 TYR A CE1 1 
ATOM   499  C CE2 . TYR A 1 63  ? 1.009   -8.347  1.914   1.00 30.28 ? 687 TYR A CE2 1 
ATOM   500  C CZ  . TYR A 1 63  ? 2.141   -7.560  2.008   1.00 32.25 ? 687 TYR A CZ  1 
ATOM   501  O OH  . TYR A 1 63  ? 2.399   -6.690  1.003   1.00 34.44 ? 687 TYR A OH  1 
ATOM   502  N N   . LEU A 1 64  ? 3.252   -12.473 7.269   1.00 50.09 ? 688 LEU A N   1 
ATOM   503  C CA  . LEU A 1 64  ? 3.237   -13.247 8.502   1.00 51.84 ? 688 LEU A CA  1 
ATOM   504  C C   . LEU A 1 64  ? 2.707   -12.465 9.697   1.00 48.49 ? 688 LEU A C   1 
ATOM   505  O O   . LEU A 1 64  ? 2.261   -13.075 10.678  1.00 49.73 ? 688 LEU A O   1 
ATOM   506  C CB  . LEU A 1 64  ? 4.639   -13.813 8.797   1.00 56.21 ? 688 LEU A CB  1 
ATOM   507  C CG  . LEU A 1 64  ? 5.051   -15.085 8.012   1.00 58.30 ? 688 LEU A CG  1 
ATOM   508  C CD1 . LEU A 1 64  ? 4.602   -15.083 6.552   1.00 56.37 ? 688 LEU A CD1 1 
ATOM   509  C CD2 . LEU A 1 64  ? 6.562   -15.314 8.100   1.00 61.76 ? 688 LEU A CD2 1 
ATOM   510  N N   . ASN A 1 65  ? 2.740   -11.129 9.625   1.00 38.15 ? 689 ASN A N   1 
ATOM   511  C CA  . ASN A 1 65  ? 2.299   -10.302 10.733  1.00 32.30 ? 689 ASN A CA  1 
ATOM   512  C C   . ASN A 1 65  ? 1.854   -8.944  10.195  1.00 30.95 ? 689 ASN A C   1 
ATOM   513  O O   . ASN A 1 65  ? 2.107   -8.653  9.016   1.00 34.25 ? 689 ASN A O   1 
ATOM   514  C CB  . ASN A 1 65  ? 3.452   -10.078 11.714  1.00 35.22 ? 689 ASN A CB  1 
ATOM   515  C CG  . ASN A 1 65  ? 4.654   -9.484  11.022  1.00 36.15 ? 689 ASN A CG  1 
ATOM   516  O OD1 . ASN A 1 65  ? 4.587   -8.352  10.536  1.00 39.63 ? 689 ASN A OD1 1 
ATOM   517  N ND2 . ASN A 1 65  ? 5.721   -10.255 10.892  1.00 36.78 ? 689 ASN A ND2 1 
ATOM   518  N N   . PHE A 1 66  ? 1.144   -8.189  11.036  1.00 31.68 ? 690 PHE A N   1 
ATOM   519  C CA  . PHE A 1 66  ? 0.547   -6.905  10.627  1.00 32.22 ? 690 PHE A CA  1 
ATOM   520  C C   . PHE A 1 66  ? 1.649   -5.889  10.309  1.00 32.35 ? 690 PHE A C   1 
ATOM   521  O O   . PHE A 1 66  ? 1.525   -5.093  9.376   1.00 30.14 ? 690 PHE A O   1 
ATOM   522  C CB  . PHE A 1 66  ? -0.350  -6.340  11.705  1.00 34.18 ? 690 PHE A CB  1 
ATOM   523  C CG  . PHE A 1 66  ? -1.216  -5.181  11.233  1.00 38.45 ? 690 PHE A CG  1 
ATOM   524  C CD1 . PHE A 1 66  ? -0.764  -3.863  11.283  1.00 38.31 ? 690 PHE A CD1 1 
ATOM   525  C CD2 . PHE A 1 66  ? -2.487  -5.411  10.709  1.00 39.03 ? 690 PHE A CD2 1 
ATOM   526  C CE1 . PHE A 1 66  ? -1.572  -2.810  10.840  1.00 37.55 ? 690 PHE A CE1 1 
ATOM   527  C CE2 . PHE A 1 66  ? -3.282  -4.363  10.263  1.00 40.69 ? 690 PHE A CE2 1 
ATOM   528  C CZ  . PHE A 1 66  ? -2.827  -3.065  10.327  1.00 38.77 ? 690 PHE A CZ  1 
ATOM   529  N N   . ASP A 1 67  ? 2.741   -5.908  11.088  1.00 29.80 ? 691 ASP A N   1 
ATOM   530  C CA  . ASP A 1 67  ? 3.861   -4.970  10.779  1.00 32.10 ? 691 ASP A CA  1 
ATOM   531  C C   . ASP A 1 67  ? 4.344   -4.925  9.329   1.00 31.50 ? 691 ASP A C   1 
ATOM   532  O O   . ASP A 1 67  ? 4.537   -3.830  8.743   1.00 32.07 ? 691 ASP A O   1 
ATOM   533  C CB  . ASP A 1 67  ? 5.060   -5.318  11.706  1.00 36.94 ? 691 ASP A CB  1 
ATOM   534  C CG  . ASP A 1 67  ? 4.847   -4.860  13.160  1.00 39.47 ? 691 ASP A CG  1 
ATOM   535  O OD1 . ASP A 1 67  ? 3.934   -4.043  13.479  1.00 40.48 ? 691 ASP A OD1 1 
ATOM   536  O OD2 . ASP A 1 67  ? 5.638   -5.305  14.022  1.00 45.89 ? 691 ASP A OD2 1 
ATOM   537  N N   . ASP A 1 68  ? 4.581   -6.103  8.756   1.00 28.48 ? 692 ASP A N   1 
ATOM   538  C CA  . ASP A 1 68  ? 5.106   -6.266  7.458   1.00 32.37 ? 692 ASP A CA  1 
ATOM   539  C C   . ASP A 1 68  ? 4.102   -5.798  6.378   1.00 29.91 ? 692 ASP A C   1 
ATOM   540  O O   . ASP A 1 68  ? 4.474   -5.160  5.426   1.00 28.91 ? 692 ASP A O   1 
ATOM   541  C CB  . ASP A 1 68  ? 5.478   -7.736  7.240   1.00 33.37 ? 692 ASP A CB  1 
ATOM   542  C CG  . ASP A 1 68  ? 6.716   -8.179  8.086   1.00 38.78 ? 692 ASP A CG  1 
ATOM   543  O OD1 . ASP A 1 68  ? 7.318   -7.354  8.815   1.00 39.26 ? 692 ASP A OD1 1 
ATOM   544  O OD2 . ASP A 1 68  ? 7.048   -9.371  8.002   1.00 39.13 ? 692 ASP A OD2 1 
ATOM   545  N N   . PHE A 1 69  ? 2.831   -6.142  6.570   1.00 29.06 ? 693 PHE A N   1 
ATOM   546  C CA  . PHE A 1 69  ? 1.757   -5.543  5.762   1.00 25.62 ? 693 PHE A CA  1 
ATOM   547  C C   . PHE A 1 69  ? 1.759   -3.988  5.796   1.00 25.18 ? 693 PHE A C   1 
ATOM   548  O O   . PHE A 1 69  ? 1.796   -3.337  4.743   1.00 27.87 ? 693 PHE A O   1 
ATOM   549  C CB  . PHE A 1 69  ? 0.414   -6.120  6.259   1.00 25.64 ? 693 PHE A CB  1 
ATOM   550  C CG  . PHE A 1 69  ? -0.793  -5.572  5.539   1.00 24.09 ? 693 PHE A CG  1 
ATOM   551  C CD1 . PHE A 1 69  ? -1.226  -6.173  4.363   1.00 26.13 ? 693 PHE A CD1 1 
ATOM   552  C CD2 . PHE A 1 69  ? -1.477  -4.501  6.020   1.00 24.83 ? 693 PHE A CD2 1 
ATOM   553  C CE1 . PHE A 1 69  ? -2.327  -5.695  3.696   1.00 24.85 ? 693 PHE A CE1 1 
ATOM   554  C CE2 . PHE A 1 69  ? -2.608  -4.001  5.352   1.00 28.00 ? 693 PHE A CE2 1 
ATOM   555  C CZ  . PHE A 1 69  ? -3.023  -4.613  4.177   1.00 24.03 ? 693 PHE A CZ  1 
ATOM   556  N N   . GLU A 1 70  ? 1.839   -3.411  6.986   1.00 26.23 ? 694 GLU A N   1 
ATOM   557  C CA  . GLU A 1 70  ? 1.818   -1.960  7.146   1.00 28.74 ? 694 GLU A CA  1 
ATOM   558  C C   . GLU A 1 70  ? 3.067   -1.365  6.487   1.00 25.37 ? 694 GLU A C   1 
ATOM   559  O O   . GLU A 1 70  ? 3.013   -0.273  5.916   1.00 25.84 ? 694 GLU A O   1 
ATOM   560  C CB  . GLU A 1 70  ? 1.798   -1.574  8.610   1.00 30.69 ? 694 GLU A CB  1 
ATOM   561  C CG  . GLU A 1 70  ? 1.745   -0.079  8.822   1.00 33.55 ? 694 GLU A CG  1 
ATOM   562  C CD  . GLU A 1 70  ? 1.529   0.292   10.281  1.00 45.61 ? 694 GLU A CD  1 
ATOM   563  O OE1 . GLU A 1 70  ? 1.573   -0.629  11.121  1.00 46.76 ? 694 GLU A OE1 1 
ATOM   564  O OE2 . GLU A 1 70  ? 1.317   1.497   10.573  1.00 50.10 ? 694 GLU A OE2 1 
ATOM   565  N N   . GLU A 1 71  ? 4.197   -2.057  6.593   1.00 28.65 ? 695 GLU A N   1 
ATOM   566  C CA  . GLU A 1 71  ? 5.440   -1.529  5.971   1.00 32.22 ? 695 GLU A CA  1 
ATOM   567  C C   . GLU A 1 71  ? 5.349   -1.437  4.452   1.00 28.05 ? 695 GLU A C   1 
ATOM   568  O O   . GLU A 1 71  ? 5.794   -0.444  3.813   1.00 26.71 ? 695 GLU A O   1 
ATOM   569  C CB  . GLU A 1 71  ? 6.617   -2.410  6.375   1.00 37.35 ? 695 GLU A CB  1 
ATOM   570  C CG  . GLU A 1 71  ? 7.956   -1.939  5.857   1.00 43.65 ? 695 GLU A CG  1 
ATOM   571  C CD  . GLU A 1 71  ? 9.079   -2.814  6.389   1.00 51.65 ? 695 GLU A CD  1 
ATOM   572  O OE1 . GLU A 1 71  ? 9.139   -2.969  7.628   1.00 53.10 ? 695 GLU A OE1 1 
ATOM   573  O OE2 . GLU A 1 71  ? 9.866   -3.362  5.572   1.00 57.59 ? 695 GLU A OE2 1 
ATOM   574  N N   . ASP A 1 72  ? 4.753   -2.447  3.845   1.00 26.71 ? 696 ASP A N   1 
ATOM   575  C CA  . ASP A 1 72  ? 4.497   -2.403  2.422   1.00 27.39 ? 696 ASP A CA  1 
ATOM   576  C C   . ASP A 1 72  ? 3.575   -1.240  2.023   1.00 22.77 ? 696 ASP A C   1 
ATOM   577  O O   . ASP A 1 72  ? 3.844   -0.583  1.017   1.00 23.20 ? 696 ASP A O   1 
ATOM   578  C CB  . ASP A 1 72  ? 3.991   -3.749  1.890   1.00 29.45 ? 696 ASP A CB  1 
ATOM   579  C CG  . ASP A 1 72  ? 5.132   -4.701  1.486   1.00 34.63 ? 696 ASP A CG  1 
ATOM   580  O OD1 . ASP A 1 72  ? 6.325   -4.309  1.546   1.00 35.80 ? 696 ASP A OD1 1 
ATOM   581  O OD2 . ASP A 1 72  ? 4.820   -5.823  1.100   1.00 36.82 ? 696 ASP A OD2 1 
ATOM   582  N N   . PHE A 1 73  ? 2.499   -0.951  2.767   1.00 23.04 ? 697 PHE A N   1 
ATOM   583  C CA  . PHE A 1 73  ? 1.682   0.245   2.477   1.00 22.26 ? 697 PHE A CA  1 
ATOM   584  C C   . PHE A 1 73  ? 2.456   1.546   2.588   1.00 21.35 ? 697 PHE A C   1 
ATOM   585  O O   . PHE A 1 73  ? 2.319   2.450   1.782   1.00 22.36 ? 697 PHE A O   1 
ATOM   586  C CB  . PHE A 1 73  ? 0.476   0.332   3.419   1.00 21.37 ? 697 PHE A CB  1 
ATOM   587  C CG  . PHE A 1 73  ? -0.268  1.627   3.350   1.00 22.62 ? 697 PHE A CG  1 
ATOM   588  C CD1 . PHE A 1 73  ? -1.104  1.901   2.269   1.00 23.06 ? 697 PHE A CD1 1 
ATOM   589  C CD2 . PHE A 1 73  ? -0.116  2.616   4.317   1.00 24.28 ? 697 PHE A CD2 1 
ATOM   590  C CE1 . PHE A 1 73  ? -1.793  3.074   2.199   1.00 24.51 ? 697 PHE A CE1 1 
ATOM   591  C CE2 . PHE A 1 73  ? -0.774  3.814   4.217   1.00 27.17 ? 697 PHE A CE2 1 
ATOM   592  C CZ  . PHE A 1 73  ? -1.631  4.050   3.157   1.00 26.13 ? 697 PHE A CZ  1 
ATOM   593  N N   . ASN A 1 74  ? 3.257   1.618   3.658   1.00 23.43 ? 698 ASN A N   1 
ATOM   594  C CA  . ASN A 1 74  ? 4.081   2.812   3.836   1.00 23.41 ? 698 ASN A CA  1 
ATOM   595  C C   . ASN A 1 74  ? 5.021   3.010   2.703   1.00 22.63 ? 698 ASN A C   1 
ATOM   596  O O   . ASN A 1 74  ? 5.300   4.175   2.355   1.00 24.59 ? 698 ASN A O   1 
ATOM   597  C CB  . ASN A 1 74  ? 4.788   2.809   5.203   1.00 26.13 ? 698 ASN A CB  1 
ATOM   598  C CG  . ASN A 1 74  ? 3.855   3.048   6.370   1.00 28.58 ? 698 ASN A CG  1 
ATOM   599  O OD1 . ASN A 1 74  ? 2.851   3.760   6.309   1.00 34.25 ? 698 ASN A OD1 1 
ATOM   600  N ND2 . ASN A 1 74  ? 4.280   2.545   7.517   1.00 35.49 ? 698 ASN A ND2 1 
ATOM   601  N N   . LEU A 1 75  ? 5.536   1.935   2.120   1.00 23.59 ? 699 LEU A N   1 
ATOM   602  C CA  . LEU A 1 75  ? 6.403   2.033   0.921   1.00 27.39 ? 699 LEU A CA  1 
ATOM   603  C C   . LEU A 1 75  ? 5.679   2.639   -0.281  1.00 23.08 ? 699 LEU A C   1 
ATOM   604  O O   . LEU A 1 75  ? 6.223   3.467   -0.971  1.00 21.17 ? 699 LEU A O   1 
ATOM   605  C CB  . LEU A 1 75  ? 6.998   0.697   0.471   1.00 29.62 ? 699 LEU A CB  1 
ATOM   606  C CG  . LEU A 1 75  ? 8.247   0.052   1.047   1.00 33.11 ? 699 LEU A CG  1 
ATOM   607  C CD1 . LEU A 1 75  ? 8.483   -1.197  0.216   1.00 32.60 ? 699 LEU A CD1 1 
ATOM   608  C CD2 . LEU A 1 75  ? 9.438   1.015   0.959   1.00 35.27 ? 699 LEU A CD2 1 
ATOM   609  N N   . ILE A 1 76  ? 4.424   2.266   -0.545  1.00 21.84 ? 700 ILE A N   1 
ATOM   610  C CA  . ILE A 1 76  ? 3.629   2.914   -1.629  1.00 21.35 ? 700 ILE A CA  1 
ATOM   611  C C   . ILE A 1 76  ? 3.684   4.439   -1.497  1.00 22.33 ? 700 ILE A C   1 
ATOM   612  O O   . ILE A 1 76  ? 3.996   5.158   -2.443  1.00 20.46 ? 700 ILE A O   1 
ATOM   613  C CB  . ILE A 1 76  ? 2.159   2.437   -1.623  1.00 21.63 ? 700 ILE A CB  1 
ATOM   614  C CG1 . ILE A 1 76  ? 2.116   0.924   -1.838  1.00 20.42 ? 700 ILE A CG1 1 
ATOM   615  C CG2 . ILE A 1 76  ? 1.319   3.174   -2.660  1.00 22.68 ? 700 ILE A CG2 1 
ATOM   616  C CD1 . ILE A 1 76  ? 0.732   0.278   -1.721  1.00 19.99 ? 700 ILE A CD1 1 
ATOM   617  N N   . VAL A 1 77  ? 3.427   4.916   -0.285  1.00 23.79 ? 701 VAL A N   1 
ATOM   618  C CA  . VAL A 1 77  ? 3.391   6.343   -0.011  1.00 21.51 ? 701 VAL A CA  1 
ATOM   619  C C   . VAL A 1 77  ? 4.770   7.000   -0.051  1.00 20.09 ? 701 VAL A C   1 
ATOM   620  O O   . VAL A 1 77  ? 4.978   8.013   -0.758  1.00 21.27 ? 701 VAL A O   1 
ATOM   621  C CB  . VAL A 1 77  ? 2.763   6.642   1.343   1.00 22.82 ? 701 VAL A CB  1 
ATOM   622  C CG1 . VAL A 1 77  ? 2.855   8.127   1.638   1.00 24.53 ? 701 VAL A CG1 1 
ATOM   623  C CG2 . VAL A 1 77  ? 1.312   6.152   1.393   1.00 23.46 ? 701 VAL A CG2 1 
ATOM   624  N N   . SER A 1 78  ? 5.711   6.374   0.639   1.00 20.72 ? 702 SER A N   1 
ATOM   625  C CA  . SER A 1 78  ? 7.053   7.022   0.807   1.00 22.78 ? 702 SER A CA  1 
ATOM   626  C C   . SER A 1 78  ? 7.794   7.048   -0.520  1.00 21.44 ? 702 SER A C   1 
ATOM   627  O O   . SER A 1 78  ? 8.479   8.025   -0.835  1.00 23.22 ? 702 SER A O   1 
ATOM   628  C CB  . SER A 1 78  ? 7.890   6.347   1.893   1.00 27.04 ? 702 SER A CB  1 
ATOM   629  O OG  . SER A 1 78  ? 8.261   5.007   1.628   1.00 29.49 ? 702 SER A OG  1 
ATOM   630  N N   . ASN A 1 79  ? 7.634   5.998   -1.324  1.00 23.71 ? 703 ASN A N   1 
ATOM   631  C CA  . ASN A 1 79  ? 8.187   5.986   -2.672  1.00 24.11 ? 703 ASN A CA  1 
ATOM   632  C C   . ASN A 1 79  ? 7.662   7.129   -3.503  1.00 21.49 ? 703 ASN A C   1 
ATOM   633  O O   . ASN A 1 79  ? 8.443   7.789   -4.185  1.00 23.75 ? 703 ASN A O   1 
ATOM   634  C CB  . ASN A 1 79  ? 7.918   4.636   -3.412  1.00 24.00 ? 703 ASN A CB  1 
ATOM   635  C CG  . ASN A 1 79  ? 8.720   3.448   -2.868  1.00 26.79 ? 703 ASN A CG  1 
ATOM   636  O OD1 . ASN A 1 79  ? 9.696   3.604   -2.155  1.00 29.61 ? 703 ASN A OD1 1 
ATOM   637  N ND2 . ASN A 1 79  ? 8.265   2.229   -3.198  1.00 25.25 ? 703 ASN A ND2 1 
ATOM   638  N N   . CYS A 1 80  ? 6.356   7.403   -3.422  1.00 21.25 ? 704 CYS A N   1 
ATOM   639  C CA  . CYS A 1 80  ? 5.694   8.371   -4.242  1.00 21.19 ? 704 CYS A CA  1 
ATOM   640  C C   . CYS A 1 80  ? 6.127   9.767   -3.821  1.00 21.62 ? 704 CYS A C   1 
ATOM   641  O O   . CYS A 1 80  ? 6.501   10.594  -4.644  1.00 22.44 ? 704 CYS A O   1 
ATOM   642  C CB  . CYS A 1 80  ? 4.189   8.179   -4.146  1.00 22.27 ? 704 CYS A CB  1 
ATOM   643  S SG  . CYS A 1 80  ? 3.270   9.262   -5.197  1.00 23.98 ? 704 CYS A SG  1 
ATOM   644  N N   . LEU A 1 81  ? 6.156   10.018  -2.518  1.00 20.11 ? 705 LEU A N   1 
ATOM   645  C CA  . LEU A 1 81  ? 6.642   11.327  -2.035  1.00 20.98 ? 705 LEU A CA  1 
ATOM   646  C C   . LEU A 1 81  ? 8.108   11.560  -2.370  1.00 24.33 ? 705 LEU A C   1 
ATOM   647  O O   . LEU A 1 81  ? 8.492   12.696  -2.698  1.00 23.92 ? 705 LEU A O   1 
ATOM   648  C CB  . LEU A 1 81  ? 6.467   11.397  -0.520  1.00 20.68 ? 705 LEU A CB  1 
ATOM   649  C CG  . LEU A 1 81  ? 5.017   11.343  -0.027  1.00 20.85 ? 705 LEU A CG  1 
ATOM   650  C CD1 . LEU A 1 81  ? 4.901   11.417  1.521   1.00 23.23 ? 705 LEU A CD1 1 
ATOM   651  C CD2 . LEU A 1 81  ? 4.091   12.379  -0.613  1.00 22.79 ? 705 LEU A CD2 1 
ATOM   652  N N   . LYS A 1 82  ? 8.907   10.500  -2.337  1.00 22.91 ? 706 LYS A N   1 
ATOM   653  C CA  . LYS A 1 82  ? 10.351  10.578  -2.685  1.00 24.49 ? 706 LYS A CA  1 
ATOM   654  C C   . LYS A 1 82  ? 10.544  10.924  -4.167  1.00 24.60 ? 706 LYS A C   1 
ATOM   655  O O   . LYS A 1 82  ? 11.289  11.851  -4.509  1.00 26.79 ? 706 LYS A O   1 
ATOM   656  C CB  . LYS A 1 82  ? 11.073  9.282   -2.387  1.00 28.66 ? 706 LYS A CB  1 
ATOM   657  C CG  . LYS A 1 82  ? 12.578  9.341   -2.608  1.00 30.46 ? 706 LYS A CG  1 
ATOM   658  C CD  . LYS A 1 82  ? 13.286  8.015   -2.406  1.00 34.30 ? 706 LYS A CD  1 
ATOM   659  C CE  . LYS A 1 82  ? 14.773  8.142   -2.738  1.00 40.25 ? 706 LYS A CE  1 
ATOM   660  N NZ  . LYS A 1 82  ? 15.489  6.829   -2.698  1.00 43.55 ? 706 LYS A NZ  1 
ATOM   661  N N   . TYR A 1 83  ? 9.883   10.158  -5.032  1.00 24.09 ? 707 TYR A N   1 
ATOM   662  C CA  . TYR A 1 83  ? 10.072  10.300  -6.502  1.00 25.61 ? 707 TYR A CA  1 
ATOM   663  C C   . TYR A 1 83  ? 9.543   11.586  -7.102  1.00 29.50 ? 707 TYR A C   1 
ATOM   664  O O   . TYR A 1 83  ? 10.239  12.248  -7.938  1.00 28.25 ? 707 TYR A O   1 
ATOM   665  C CB  . TYR A 1 83  ? 9.495   9.068   -7.221  1.00 26.56 ? 707 TYR A CB  1 
ATOM   666  C CG  . TYR A 1 83  ? 9.759   9.147   -8.700  1.00 28.79 ? 707 TYR A CG  1 
ATOM   667  C CD1 . TYR A 1 83  ? 11.034  8.861   -9.198  1.00 33.33 ? 707 TYR A CD1 1 
ATOM   668  C CD2 . TYR A 1 83  ? 8.787   9.590   -9.558  1.00 28.33 ? 707 TYR A CD2 1 
ATOM   669  C CE1 . TYR A 1 83  ? 11.305  8.967   -10.544 1.00 34.13 ? 707 TYR A CE1 1 
ATOM   670  C CE2 . TYR A 1 83  ? 9.061   9.731   -10.921 1.00 34.25 ? 707 TYR A CE2 1 
ATOM   671  C CZ  . TYR A 1 83  ? 10.323  9.400   -11.386 1.00 31.62 ? 707 TYR A CZ  1 
ATOM   672  O OH  . TYR A 1 83  ? 10.592  9.528   -12.727 1.00 38.16 ? 707 TYR A OH  1 
ATOM   673  N N   . ASN A 1 84  ? 8.346   11.976  -6.685  1.00 25.54 ? 708 ASN A N   1 
ATOM   674  C CA  . ASN A 1 84  ? 7.622   13.063  -7.331  1.00 26.63 ? 708 ASN A CA  1 
ATOM   675  C C   . ASN A 1 84  ? 7.812   14.436  -6.754  1.00 30.36 ? 708 ASN A C   1 
ATOM   676  O O   . ASN A 1 84  ? 7.878   14.578  -5.536  1.00 23.97 ? 708 ASN A O   1 
ATOM   677  C CB  . ASN A 1 84  ? 6.129   12.777  -7.362  1.00 26.84 ? 708 ASN A CB  1 
ATOM   678  C CG  . ASN A 1 84  ? 5.820   11.526  -8.141  1.00 27.76 ? 708 ASN A CG  1 
ATOM   679  O OD1 . ASN A 1 84  ? 5.812   11.568  -9.381  1.00 29.64 ? 708 ASN A OD1 1 
ATOM   680  N ND2 . ASN A 1 84  ? 5.591   10.400  -7.438  1.00 24.66 ? 708 ASN A ND2 1 
ATOM   681  N N   . ALA A 1 85  ? 7.838   15.449  -7.628  1.00 28.28 ? 709 ALA A N   1 
ATOM   682  C CA  . ALA A 1 85  ? 7.822   16.810  -7.150  1.00 28.39 ? 709 ALA A CA  1 
ATOM   683  C C   . ALA A 1 85  ? 6.553   17.078  -6.350  1.00 24.91 ? 709 ALA A C   1 
ATOM   684  O O   . ALA A 1 85  ? 5.485   16.506  -6.590  1.00 24.82 ? 709 ALA A O   1 
ATOM   685  C CB  . ALA A 1 85  ? 7.901   17.779  -8.301  1.00 26.44 ? 709 ALA A CB  1 
ATOM   686  N N   . LYS A 1 86  ? 6.663   17.989  -5.395  1.00 26.75 ? 710 LYS A N   1 
ATOM   687  C CA  . LYS A 1 86  ? 5.501   18.403  -4.630  1.00 27.41 ? 710 LYS A CA  1 
ATOM   688  C C   . LYS A 1 86  ? 4.289   18.812  -5.447  1.00 33.03 ? 710 LYS A C   1 
ATOM   689  O O   . LYS A 1 86  ? 3.184   18.408  -5.123  1.00 28.89 ? 710 LYS A O   1 
ATOM   690  C CB  . LYS A 1 86  ? 5.837   19.480  -3.603  1.00 27.57 ? 710 LYS A CB  1 
ATOM   691  C CG  . LYS A 1 86  ? 6.939   19.073  -2.646  1.00 27.83 ? 710 LYS A CG  1 
ATOM   692  C CD  . LYS A 1 86  ? 7.054   20.105  -1.491  1.00 27.14 ? 710 LYS A CD  1 
ATOM   693  C CE  . LYS A 1 86  ? 6.078   19.937  -0.368  1.00 26.68 ? 710 LYS A CE  1 
ATOM   694  N NZ  . LYS A 1 86  ? 6.138   21.077  0.608   1.00 27.14 ? 710 LYS A NZ  1 
ATOM   695  N N   . ASP A 1 87  ? 4.472   19.603  -6.517  1.00 31.03 ? 711 ASP A N   1 
ATOM   696  C CA  . ASP A 1 87  ? 3.326   20.018  -7.327  1.00 34.20 ? 711 ASP A CA  1 
ATOM   697  C C   . ASP A 1 87  ? 3.022   18.995  -8.409  1.00 35.26 ? 711 ASP A C   1 
ATOM   698  O O   . ASP A 1 87  ? 3.202   19.277  -9.604  1.00 41.15 ? 711 ASP A O   1 
ATOM   699  C CB  . ASP A 1 87  ? 3.606   21.394  -7.953  1.00 35.20 ? 711 ASP A CB  1 
ATOM   700  C CG  . ASP A 1 87  ? 2.329   22.120  -8.443  1.00 42.80 ? 711 ASP A CG  1 
ATOM   701  O OD1 . ASP A 1 87  ? 1.182   21.651  -8.241  1.00 42.30 ? 711 ASP A OD1 1 
ATOM   702  O OD2 . ASP A 1 87  ? 2.487   23.191  -9.072  1.00 47.73 ? 711 ASP A OD2 1 
ATOM   703  N N   . THR A 1 88  ? 2.581   17.810  -8.002  1.00 28.78 ? 712 THR A N   1 
ATOM   704  C CA  . THR A 1 88  ? 2.169   16.773  -8.937  1.00 31.24 ? 712 THR A CA  1 
ATOM   705  C C   . THR A 1 88  ? 0.966   16.126  -8.344  1.00 29.72 ? 712 THR A C   1 
ATOM   706  O O   . THR A 1 88  ? 0.822   16.041  -7.108  1.00 27.79 ? 712 THR A O   1 
ATOM   707  C CB  . THR A 1 88  ? 3.229   15.668  -9.188  1.00 30.61 ? 712 THR A CB  1 
ATOM   708  O OG1 . THR A 1 88  ? 3.581   14.985  -7.950  1.00 27.35 ? 712 THR A OG1 1 
ATOM   709  C CG2 . THR A 1 88  ? 4.503   16.229  -9.823  1.00 32.13 ? 712 THR A CG2 1 
ATOM   710  N N   . ILE A 1 89  ? 0.103   15.626  -9.214  1.00 28.15 ? 713 ILE A N   1 
ATOM   711  C CA  . ILE A 1 89  ? -1.034  14.830  -8.795  1.00 29.70 ? 713 ILE A CA  1 
ATOM   712  C C   . ILE A 1 89  ? -0.596  13.656  -7.902  1.00 26.20 ? 713 ILE A C   1 
ATOM   713  O O   . ILE A 1 89  ? -1.302  13.284  -6.963  1.00 26.96 ? 713 ILE A O   1 
ATOM   714  C CB  . ILE A 1 89  ? -1.852  14.332  -10.013 1.00 28.07 ? 713 ILE A CB  1 
ATOM   715  C CG1 . ILE A 1 89  ? -3.238  13.873  -9.591  1.00 37.55 ? 713 ILE A CG1 1 
ATOM   716  C CG2 . ILE A 1 89  ? -1.102  13.255  -10.817 1.00 30.80 ? 713 ILE A CG2 1 
ATOM   717  C CD1 . ILE A 1 89  ? -4.162  13.723  -10.778 1.00 40.96 ? 713 ILE A CD1 1 
ATOM   718  N N   . PHE A 1 90  ? 0.529   13.043  -8.243  1.00 24.20 ? 714 PHE A N   1 
ATOM   719  C CA  . PHE A 1 90  ? 1.002   11.826  -7.596  1.00 25.07 ? 714 PHE A CA  1 
ATOM   720  C C   . PHE A 1 90  ? 1.341   12.163  -6.145  1.00 22.50 ? 714 PHE A C   1 
ATOM   721  O O   . PHE A 1 90  ? 0.856   11.482  -5.226  1.00 23.26 ? 714 PHE A O   1 
ATOM   722  C CB  . PHE A 1 90  ? 2.183   11.237  -8.313  1.00 25.54 ? 714 PHE A CB  1 
ATOM   723  C CG  . PHE A 1 90  ? 1.881   10.874  -9.759  1.00 25.63 ? 714 PHE A CG  1 
ATOM   724  C CD1 . PHE A 1 90  ? 1.029   9.806   -10.025 1.00 27.52 ? 714 PHE A CD1 1 
ATOM   725  C CD2 . PHE A 1 90  ? 2.430   11.602  -10.777 1.00 26.36 ? 714 PHE A CD2 1 
ATOM   726  C CE1 . PHE A 1 90  ? 0.739   9.452   -11.337 1.00 26.54 ? 714 PHE A CE1 1 
ATOM   727  C CE2 . PHE A 1 90  ? 2.129   11.243  -12.107 1.00 27.14 ? 714 PHE A CE2 1 
ATOM   728  C CZ  . PHE A 1 90  ? 1.277   10.190  -12.333 1.00 25.63 ? 714 PHE A CZ  1 
ATOM   729  N N   . TYR A 1 91  ? 2.135   13.215  -5.956  1.00 23.81 ? 715 TYR A N   1 
ATOM   730  C CA  . TYR A 1 91  ? 2.565   13.588  -4.584  1.00 21.90 ? 715 TYR A CA  1 
ATOM   731  C C   . TYR A 1 91  ? 1.355   13.955  -3.745  1.00 23.90 ? 715 TYR A C   1 
ATOM   732  O O   . TYR A 1 91  ? 1.233   13.501  -2.587  1.00 25.67 ? 715 TYR A O   1 
ATOM   733  C CB  . TYR A 1 91  ? 3.538   14.776  -4.660  1.00 22.28 ? 715 TYR A CB  1 
ATOM   734  C CG  . TYR A 1 91  ? 4.210   15.127  -3.353  1.00 19.58 ? 715 TYR A CG  1 
ATOM   735  C CD1 . TYR A 1 91  ? 3.527   15.907  -2.421  1.00 21.55 ? 715 TYR A CD1 1 
ATOM   736  C CD2 . TYR A 1 91  ? 5.492   14.777  -3.098  1.00 21.17 ? 715 TYR A CD2 1 
ATOM   737  C CE1 . TYR A 1 91  ? 4.146   16.266  -1.227  1.00 21.83 ? 715 TYR A CE1 1 
ATOM   738  C CE2 . TYR A 1 91  ? 6.127   15.117  -1.901  1.00 21.64 ? 715 TYR A CE2 1 
ATOM   739  C CZ  . TYR A 1 91  ? 5.434   15.881  -0.988  1.00 21.03 ? 715 TYR A CZ  1 
ATOM   740  O OH  . TYR A 1 91  ? 6.008   16.224  0.214   1.00 23.81 ? 715 TYR A OH  1 
ATOM   741  N N   . ARG A 1 92  ? 0.454   14.764  -4.291  1.00 25.32 ? 716 ARG A N   1 
ATOM   742  C CA  . ARG A 1 92  ? -0.757  15.185  -3.573  1.00 26.94 ? 716 ARG A CA  1 
ATOM   743  C C   . ARG A 1 92  ? -1.613  13.975  -3.194  1.00 26.24 ? 716 ARG A C   1 
ATOM   744  O O   . ARG A 1 92  ? -2.120  13.879  -2.072  1.00 27.98 ? 716 ARG A O   1 
ATOM   745  C CB  . ARG A 1 92  ? -1.533  16.192  -4.411  1.00 33.35 ? 716 ARG A CB  1 
ATOM   746  C CG  . ARG A 1 92  ? -0.892  17.586  -4.395  1.00 35.60 ? 716 ARG A CG  1 
ATOM   747  C CD  . ARG A 1 92  ? -1.859  18.611  -5.009  1.00 38.01 ? 716 ARG A CD  1 
ATOM   748  N NE  . ARG A 1 92  ? -1.880  18.493  -6.462  1.00 42.44 ? 716 ARG A NE  1 
ATOM   749  C CZ  . ARG A 1 92  ? -1.024  19.095  -7.299  1.00 45.76 ? 716 ARG A CZ  1 
ATOM   750  N NH1 . ARG A 1 92  ? -1.138  18.903  -8.622  1.00 44.44 ? 716 ARG A NH1 1 
ATOM   751  N NH2 . ARG A 1 92  ? -0.047  19.878  -6.826  1.00 48.00 ? 716 ARG A NH2 1 
ATOM   752  N N   . ALA A 1 93  ? -1.769  13.046  -4.136  1.00 24.63 ? 717 ALA A N   1 
ATOM   753  C CA  . ALA A 1 93  ? -2.472  11.773  -3.872  1.00 24.72 ? 717 ALA A CA  1 
ATOM   754  C C   . ALA A 1 93  ? -1.852  10.976  -2.753  1.00 22.83 ? 717 ALA A C   1 
ATOM   755  O O   . ALA A 1 93  ? -2.574  10.385  -1.908  1.00 26.10 ? 717 ALA A O   1 
ATOM   756  C CB  . ALA A 1 93  ? -2.572  10.915  -5.122  1.00 26.91 ? 717 ALA A CB  1 
ATOM   757  N N   . ALA A 1 94  ? -0.528  10.957  -2.703  1.00 23.13 ? 718 ALA A N   1 
ATOM   758  C CA  . ALA A 1 94  ? 0.160   10.164  -1.660  1.00 20.11 ? 718 ALA A CA  1 
ATOM   759  C C   . ALA A 1 94  ? -0.013  10.805  -0.295  1.00 20.49 ? 718 ALA A C   1 
ATOM   760  O O   . ALA A 1 94  ? -0.096  10.088  0.714   1.00 22.01 ? 718 ALA A O   1 
ATOM   761  C CB  . ALA A 1 94  ? 1.618   9.964   -1.967  1.00 19.90 ? 718 ALA A CB  1 
ATOM   762  N N   . VAL A 1 95  ? 0.015   12.129  -0.246  1.00 21.05 ? 719 VAL A N   1 
ATOM   763  C CA  . VAL A 1 95  ? -0.206  12.813  1.037   1.00 24.21 ? 719 VAL A CA  1 
ATOM   764  C C   . VAL A 1 95  ? -1.592  12.464  1.566   1.00 24.66 ? 719 VAL A C   1 
ATOM   765  O O   . VAL A 1 95  ? -1.747  12.175  2.763   1.00 27.07 ? 719 VAL A O   1 
ATOM   766  C CB  . VAL A 1 95  ? -0.069  14.319  0.864   1.00 23.78 ? 719 VAL A CB  1 
ATOM   767  C CG1 . VAL A 1 95  ? -0.622  15.032  2.080   1.00 26.53 ? 719 VAL A CG1 1 
ATOM   768  C CG2 . VAL A 1 95  ? 1.377   14.690  0.617   1.00 22.04 ? 719 VAL A CG2 1 
ATOM   769  N N   . ARG A 1 96  ? -2.581  12.487  0.690   1.00 24.47 ? 720 ARG A N   1 
ATOM   770  C CA  . ARG A 1 96  ? -3.981  12.201  1.092   1.00 29.10 ? 720 ARG A CA  1 
ATOM   771  C C   . ARG A 1 96  ? -4.125  10.732  1.485   1.00 26.68 ? 720 ARG A C   1 
ATOM   772  O O   . ARG A 1 96  ? -4.789  10.391  2.475   1.00 29.12 ? 720 ARG A O   1 
ATOM   773  C CB  . ARG A 1 96  ? -4.946  12.569  -0.025  1.00 35.97 ? 720 ARG A CB  1 
ATOM   774  C CG  . ARG A 1 96  ? -6.394  12.723  0.421   1.00 46.44 ? 720 ARG A CG  1 
ATOM   775  C CD  . ARG A 1 96  ? -7.304  13.031  -0.768  1.00 50.23 ? 720 ARG A CD  1 
ATOM   776  N NE  . ARG A 1 96  ? -7.335  11.901  -1.700  1.00 59.44 ? 720 ARG A NE  1 
ATOM   777  C CZ  . ARG A 1 96  ? -8.415  11.200  -2.057  1.00 61.29 ? 720 ARG A CZ  1 
ATOM   778  N NH1 . ARG A 1 96  ? -9.636  11.498  -1.604  1.00 61.50 ? 720 ARG A NH1 1 
ATOM   779  N NH2 . ARG A 1 96  ? -8.264  10.191  -2.910  1.00 64.52 ? 720 ARG A NH2 1 
ATOM   780  N N   . LEU A 1 97  ? -3.450  9.847   0.758   1.00 23.88 ? 721 LEU A N   1 
ATOM   781  C CA  . LEU A 1 97  ? -3.507  8.430   1.076   1.00 23.32 ? 721 LEU A CA  1 
ATOM   782  C C   . LEU A 1 97  ? -2.820  8.137   2.416   1.00 21.53 ? 721 LEU A C   1 
ATOM   783  O O   . LEU A 1 97  ? -3.256  7.291   3.198   1.00 24.15 ? 721 LEU A O   1 
ATOM   784  C CB  . LEU A 1 97  ? -2.833  7.602   -0.053  1.00 25.42 ? 721 LEU A CB  1 
ATOM   785  C CG  . LEU A 1 97  ? -2.849  6.095   0.133   1.00 24.92 ? 721 LEU A CG  1 
ATOM   786  C CD1 . LEU A 1 97  ? -4.274  5.568   0.303   1.00 24.72 ? 721 LEU A CD1 1 
ATOM   787  C CD2 . LEU A 1 97  ? -2.179  5.360   -1.018  1.00 24.20 ? 721 LEU A CD2 1 
ATOM   788  N N   . ARG A 1 98  ? -1.758  8.869   2.722   1.00 21.63 ? 722 ARG A N   1 
ATOM   789  C CA  . ARG A 1 98  ? -1.079  8.676   4.005   1.00 24.86 ? 722 ARG A CA  1 
ATOM   790  C C   . ARG A 1 98  ? -2.019  9.043   5.125   1.00 24.46 ? 722 ARG A C   1 
ATOM   791  O O   . ARG A 1 98  ? -2.103  8.315   6.124   1.00 26.50 ? 722 ARG A O   1 
ATOM   792  C CB  . ARG A 1 98  ? 0.144   9.581   4.099   1.00 27.83 ? 722 ARG A CB  1 
ATOM   793  C CG  . ARG A 1 98  ? 0.848   9.629   5.439   1.00 30.94 ? 722 ARG A CG  1 
ATOM   794  C CD  . ARG A 1 98  ? 1.854   10.785  5.478   1.00 36.32 ? 722 ARG A CD  1 
ATOM   795  N NE  . ARG A 1 98  ? 1.250   12.148  5.497   1.00 44.05 ? 722 ARG A NE  1 
ATOM   796  C CZ  . ARG A 1 98  ? 1.867   13.279  5.107   1.00 45.64 ? 722 ARG A CZ  1 
ATOM   797  N NH1 . ARG A 1 98  ? 3.096   13.264  4.609   1.00 39.76 ? 722 ARG A NH1 1 
ATOM   798  N NH2 . ARG A 1 98  ? 1.231   14.439  5.176   1.00 47.19 ? 722 ARG A NH2 1 
ATOM   799  N N   . GLU A 1 99  ? -2.735  10.145  4.918   1.00 26.56 ? 723 GLU A N   1 
ATOM   800  C CA  . GLU A 1 99  ? -3.660  10.648  5.938   1.00 30.34 ? 723 GLU A CA  1 
ATOM   801  C C   . GLU A 1 99  ? -4.846  9.735   6.130   1.00 29.58 ? 723 GLU A C   1 
ATOM   802  O O   . GLU A 1 99  ? -5.111  9.279   7.239   1.00 33.76 ? 723 GLU A O   1 
ATOM   803  C CB  . GLU A 1 99  ? -4.064  12.077  5.638   1.00 34.74 ? 723 GLU A CB  1 
ATOM   804  C CG  . GLU A 1 99  ? -2.935  13.055  5.974   1.00 43.84 ? 723 GLU A CG  1 
ATOM   805  C CD  . GLU A 1 99  ? -2.314  12.810  7.370   1.00 52.26 ? 723 GLU A CD  1 
ATOM   806  O OE1 . GLU A 1 99  ? -2.994  13.070  8.404   1.00 58.92 ? 723 GLU A OE1 1 
ATOM   807  O OE2 . GLU A 1 99  ? -1.144  12.334  7.446   1.00 47.63 ? 723 GLU A OE2 1 
ATOM   808  N N   . GLN A 1 100 ? -5.487  9.375   5.042   1.00 28.81 ? 724 GLN A N   1 
ATOM   809  C CA  . GLN A 1 100 ? -6.634  8.497   5.131   1.00 30.37 ? 724 GLN A CA  1 
ATOM   810  C C   . GLN A 1 100 ? -6.268  7.035   5.476   1.00 29.03 ? 724 GLN A C   1 
ATOM   811  O O   . GLN A 1 100 ? -7.010  6.332   6.175   1.00 30.15 ? 724 GLN A O   1 
ATOM   812  C CB  . GLN A 1 100 ? -7.424  8.569   3.845   1.00 31.28 ? 724 GLN A CB  1 
ATOM   813  C CG  . GLN A 1 100 ? -7.969  9.941   3.531   1.00 36.82 ? 724 GLN A CG  1 
ATOM   814  C CD  . GLN A 1 100 ? -8.812  9.913   2.273   1.00 41.84 ? 724 GLN A CD  1 
ATOM   815  O OE1 . GLN A 1 100 ? -8.290  9.760   1.174   1.00 46.19 ? 724 GLN A OE1 1 
ATOM   816  N NE2 . GLN A 1 100 ? -10.119 10.031  2.431   1.00 52.48 ? 724 GLN A NE2 1 
ATOM   817  N N   . GLY A 1 101 ? -5.155  6.525   4.951   1.00 27.50 ? 725 GLY A N   1 
ATOM   818  C CA  . GLY A 1 101 ? -4.751  5.147   5.169   1.00 28.59 ? 725 GLY A CA  1 
ATOM   819  C C   . GLY A 1 101 ? -4.180  4.919   6.541   1.00 31.93 ? 725 GLY A C   1 
ATOM   820  O O   . GLY A 1 101 ? -4.432  3.905   7.174   1.00 30.25 ? 725 GLY A O   1 
ATOM   821  N N   . GLY A 1 102 ? -3.437  5.904   7.062   1.00 34.84 ? 726 GLY A N   1 
ATOM   822  C CA  . GLY A 1 102 ? -3.025  5.845   8.466   1.00 33.19 ? 726 GLY A CA  1 
ATOM   823  C C   . GLY A 1 102 ? -4.159  5.562   9.467   1.00 32.81 ? 726 GLY A C   1 
ATOM   824  O O   . GLY A 1 102 ? -4.002  4.786   10.431  1.00 34.28 ? 726 GLY A O   1 
ATOM   825  N N   . ALA A 1 103 ? -5.301  6.182   9.226   1.00 32.69 ? 727 ALA A N   1 
ATOM   826  C CA  . ALA A 1 103 ? -6.489  5.949   10.035  1.00 31.72 ? 727 ALA A CA  1 
ATOM   827  C C   . ALA A 1 103 ? -7.068  4.524   9.899   1.00 30.17 ? 727 ALA A C   1 
ATOM   828  O O   . ALA A 1 103 ? -7.406  3.843   10.882  1.00 28.34 ? 727 ALA A O   1 
ATOM   829  C CB  . ALA A 1 103 ? -7.541  6.957   9.681   1.00 34.14 ? 727 ALA A CB  1 
ATOM   830  N N   . VAL A 1 104 ? -7.211  4.077   8.662   1.00 29.50 ? 728 VAL A N   1 
ATOM   831  C CA  . VAL A 1 104 ? -7.513  2.672   8.423   1.00 26.26 ? 728 VAL A CA  1 
ATOM   832  C C   . VAL A 1 104 ? -6.576  1.683   9.150   1.00 25.08 ? 728 VAL A C   1 
ATOM   833  O O   . VAL A 1 104 ? -6.988  0.705   9.779   1.00 25.08 ? 728 VAL A O   1 
ATOM   834  C CB  . VAL A 1 104 ? -7.506  2.376   6.881   1.00 25.88 ? 728 VAL A CB  1 
ATOM   835  C CG1 . VAL A 1 104 ? -7.539  0.866   6.625   1.00 27.45 ? 728 VAL A CG1 1 
ATOM   836  C CG2 . VAL A 1 104 ? -8.622  3.141   6.154   1.00 27.03 ? 728 VAL A CG2 1 
ATOM   837  N N   . LEU A 1 105 ? -5.289  1.903   9.066   1.00 26.17 ? 729 LEU A N   1 
ATOM   838  C CA  . LEU A 1 105 ? -4.339  1.040   9.669   1.00 25.38 ? 729 LEU A CA  1 
ATOM   839  C C   . LEU A 1 105 ? -4.422  1.130   11.202  1.00 24.97 ? 729 LEU A C   1 
ATOM   840  O O   . LEU A 1 105 ? -4.213  0.169   11.874  1.00 27.75 ? 729 LEU A O   1 
ATOM   841  C CB  . LEU A 1 105 ? -2.919  1.436   9.220   1.00 27.42 ? 729 LEU A CB  1 
ATOM   842  C CG  . LEU A 1 105 ? -2.595  1.092   7.760   1.00 31.48 ? 729 LEU A CG  1 
ATOM   843  C CD1 . LEU A 1 105 ? -1.353  1.864   7.339   1.00 35.23 ? 729 LEU A CD1 1 
ATOM   844  C CD2 . LEU A 1 105 ? -2.396  -0.391  7.578   1.00 31.34 ? 729 LEU A CD2 1 
ATOM   845  N N   . ARG A 1 106 ? -4.735  2.316   11.711  1.00 27.74 ? 730 ARG A N   1 
ATOM   846  C CA  . ARG A 1 106 ? -4.836  2.486   13.161  1.00 31.02 ? 730 ARG A CA  1 
ATOM   847  C C   . ARG A 1 106 ? -5.852  1.469   13.717  1.00 31.39 ? 730 ARG A C   1 
ATOM   848  O O   . ARG A 1 106 ? -5.578  0.710   14.672  1.00 29.08 ? 730 ARG A O   1 
ATOM   849  C CB  . ARG A 1 106 ? -5.283  3.899   13.478  1.00 35.67 ? 730 ARG A CB  1 
ATOM   850  C CG  . ARG A 1 106 ? -5.543  4.145   14.957  1.00 43.21 ? 730 ARG A CG  1 
ATOM   851  C CD  . ARG A 1 106 ? -5.621  5.644   15.222  1.00 47.22 ? 730 ARG A CD  1 
ATOM   852  N NE  . ARG A 1 106 ? -4.296  6.204   15.485  1.00 52.76 ? 730 ARG A NE  1 
ATOM   853  C CZ  . ARG A 1 106 ? -4.070  7.439   15.937  1.00 55.23 ? 730 ARG A CZ  1 
ATOM   854  N NH1 . ARG A 1 106 ? -5.102  8.256   16.167  1.00 49.88 ? 730 ARG A NH1 1 
ATOM   855  N NH2 . ARG A 1 106 ? -2.807  7.860   16.159  1.00 51.12 ? 730 ARG A NH2 1 
ATOM   856  N N   . GLN A 1 107 ? -7.023  1.503   13.094  1.00 32.45 ? 731 GLN A N   1 
ATOM   857  C CA  . GLN A 1 107 ? -8.165  0.689   13.462  1.00 37.46 ? 731 GLN A CA  1 
ATOM   858  C C   . GLN A 1 107 ? -7.861  -0.779  13.256  1.00 36.09 ? 731 GLN A C   1 
ATOM   859  O O   . GLN A 1 107 ? -8.060  -1.610  14.162  1.00 32.18 ? 731 GLN A O   1 
ATOM   860  C CB  . GLN A 1 107 ? -9.365  1.153   12.629  1.00 40.72 ? 731 GLN A CB  1 
ATOM   861  C CG  . GLN A 1 107 ? -10.723 0.566   12.954  1.00 53.66 ? 731 GLN A CG  1 
ATOM   862  C CD  . GLN A 1 107 ? -11.852 1.340   12.263  1.00 63.46 ? 731 GLN A CD  1 
ATOM   863  O OE1 . GLN A 1 107 ? -11.933 2.574   12.374  1.00 72.83 ? 731 GLN A OE1 1 
ATOM   864  N NE2 . GLN A 1 107 ? -12.728 0.624   11.547  1.00 69.55 ? 731 GLN A NE2 1 
ATOM   865  N N   . ALA A 1 108 ? -7.331  -1.122  12.081  1.00 29.61 ? 732 ALA A N   1 
ATOM   866  C CA  . ALA A 1 108 ? -6.973  -2.518  11.820  1.00 28.37 ? 732 ALA A CA  1 
ATOM   867  C C   . ALA A 1 108 ? -5.884  -3.103  12.710  1.00 32.33 ? 732 ALA A C   1 
ATOM   868  O O   . ALA A 1 108 ? -5.858  -4.303  12.981  1.00 34.32 ? 732 ALA A O   1 
ATOM   869  C CB  . ALA A 1 108 ? -6.566  -2.696  10.378  1.00 27.12 ? 732 ALA A CB  1 
ATOM   870  N N   . ARG A 1 109 ? -4.957  -2.264  13.177  1.00 30.50 ? 733 ARG A N   1 
ATOM   871  C CA  . ARG A 1 109 ? -3.941  -2.755  14.107  1.00 37.93 ? 733 ARG A CA  1 
ATOM   872  C C   . ARG A 1 109 ? -4.596  -3.137  15.418  1.00 34.91 ? 733 ARG A C   1 
ATOM   873  O O   . ARG A 1 109 ? -4.266  -4.183  15.978  1.00 45.71 ? 733 ARG A O   1 
ATOM   874  C CB  . ARG A 1 109 ? -2.830  -1.725  14.354  1.00 38.74 ? 733 ARG A CB  1 
ATOM   875  C CG  . ARG A 1 109 ? -1.507  -2.120  13.711  1.00 44.07 ? 733 ARG A CG  1 
ATOM   876  C CD  . ARG A 1 109 ? -0.293  -1.459  14.350  1.00 46.05 ? 733 ARG A CD  1 
ATOM   877  N NE  . ARG A 1 109 ? -0.706  -0.124  14.729  1.00 47.28 ? 733 ARG A NE  1 
ATOM   878  C CZ  . ARG A 1 109 ? -0.861  0.911   13.896  1.00 49.39 ? 733 ARG A CZ  1 
ATOM   879  N NH1 . ARG A 1 109 ? -0.601  0.807   12.599  1.00 57.20 ? 733 ARG A NH1 1 
ATOM   880  N NH2 . ARG A 1 109 ? -1.268  2.074   14.377  1.00 45.30 ? 733 ARG A NH2 1 
ATOM   881  N N   . ARG A 1 110 ? -5.538  -2.335  15.892  1.00 40.10 ? 734 ARG A N   1 
ATOM   882  C CA  . ARG A 1 110 ? -6.287  -2.659  17.118  1.00 46.02 ? 734 ARG A CA  1 
ATOM   883  C C   . ARG A 1 110 ? -6.807  -4.096  17.067  1.00 46.37 ? 734 ARG A C   1 
ATOM   884  O O   . ARG A 1 110 ? -6.776  -4.809  18.071  1.00 49.26 ? 734 ARG A O   1 
ATOM   885  C CB  . ARG A 1 110 ? -7.480  -1.711  17.334  1.00 46.57 ? 734 ARG A CB  1 
ATOM   886  C CG  . ARG A 1 110 ? -7.092  -0.310  17.795  1.00 54.75 ? 734 ARG A CG  1 
ATOM   887  C CD  . ARG A 1 110 ? -8.240  0.675   17.661  1.00 61.99 ? 734 ARG A CD  1 
ATOM   888  N NE  . ARG A 1 110 ? -7.788  2.046   17.920  1.00 69.10 ? 734 ARG A NE  1 
ATOM   889  C CZ  . ARG A 1 110 ? -8.198  3.136   17.264  1.00 74.75 ? 734 ARG A CZ  1 
ATOM   890  N NH1 . ARG A 1 110 ? -7.707  4.328   17.604  1.00 78.66 ? 734 ARG A NH1 1 
ATOM   891  N NH2 . ARG A 1 110 ? -9.086  3.054   16.265  1.00 76.36 ? 734 ARG A NH2 1 
ATOM   892  N N   . GLN A 1 111 ? -7.256  -4.532  15.888  1.00 46.39 ? 735 GLN A N   1 
ATOM   893  C CA  . GLN A 1 111 ? -7.850  -5.861  15.758  1.00 41.42 ? 735 GLN A CA  1 
ATOM   894  C C   . GLN A 1 111 ? -6.770  -6.923  15.630  1.00 42.95 ? 735 GLN A C   1 
ATOM   895  O O   . GLN A 1 111 ? -6.975  -8.064  16.061  1.00 45.71 ? 735 GLN A O   1 
ATOM   896  C CB  . GLN A 1 111 ? -8.841  -5.896  14.580  1.00 44.20 ? 735 GLN A CB  1 
ATOM   897  C CG  . GLN A 1 111 ? -9.919  -4.804  14.595  1.00 45.79 ? 735 GLN A CG  1 
ATOM   898  C CD  . GLN A 1 111 ? -10.887 -4.898  15.782  1.00 51.74 ? 735 GLN A CD  1 
ATOM   899  O OE1 . GLN A 1 111 ? -11.549 -5.919  15.973  1.00 53.77 ? 735 GLN A OE1 1 
ATOM   900  N NE2 . GLN A 1 111 ? -10.986 -3.825  16.572  1.00 47.84 ? 735 GLN A NE2 1 
ATOM   901  N N   . ALA A 1 112 ? -5.623  -6.575  15.043  1.00 38.20 ? 736 ALA A N   1 
ATOM   902  C CA  . ALA A 1 112 ? -4.533  -7.518  14.883  1.00 41.33 ? 736 ALA A CA  1 
ATOM   903  C C   . ALA A 1 112 ? -3.866  -7.852  16.226  1.00 49.96 ? 736 ALA A C   1 
ATOM   904  O O   . ALA A 1 112 ? -3.183  -8.879  16.328  1.00 48.34 ? 736 ALA A O   1 
ATOM   905  C CB  . ALA A 1 112 ? -3.499  -6.990  13.912  1.00 42.39 ? 736 ALA A CB  1 
ATOM   906  N N   . GLU A 1 113 ? -4.057  -6.975  17.221  1.00 57.83 ? 737 GLU A N   1 
ATOM   907  C CA  . GLU A 1 113 ? -3.588  -7.186  18.614  1.00 65.12 ? 737 GLU A CA  1 
ATOM   908  C C   . GLU A 1 113 ? -4.416  -8.265  19.314  1.00 71.14 ? 737 GLU A C   1 
ATOM   909  O O   . GLU A 1 113 ? -3.863  -9.186  19.937  1.00 78.47 ? 737 GLU A O   1 
ATOM   910  C CB  . GLU A 1 113 ? -3.697  -5.894  19.457  1.00 66.95 ? 737 GLU A CB  1 
ATOM   911  C CG  . GLU A 1 113 ? -3.045  -4.641  18.884  1.00 69.54 ? 737 GLU A CG  1 
ATOM   912  C CD  . GLU A 1 113 ? -1.678  -4.910  18.291  1.00 70.98 ? 737 GLU A CD  1 
ATOM   913  O OE1 . GLU A 1 113 ? -0.792  -5.359  19.044  1.00 76.35 ? 737 GLU A OE1 1 
ATOM   914  O OE2 . GLU A 1 113 ? -1.487  -4.677  17.077  1.00 76.20 ? 737 GLU A OE2 1 
ATOM   915  N N   . LYS A 1 114 ? -5.743  -8.131  19.197  1.00 69.57 ? 738 LYS A N   1 
ATOM   916  C CA  . LYS A 1 114 ? -6.728  -9.065  19.773  1.00 67.17 ? 738 LYS A CA  1 
ATOM   917  C C   . LYS A 1 114 ? -6.574  -10.528 19.327  1.00 65.23 ? 738 LYS A C   1 
ATOM   918  O O   . LYS A 1 114 ? -7.280  -11.400 19.839  1.00 63.68 ? 738 LYS A O   1 
ATOM   919  C CB  . LYS A 1 114 ? -8.160  -8.594  19.432  1.00 66.71 ? 738 LYS A CB  1 
ATOM   920  C CG  . LYS A 1 114 ? -8.592  -7.280  20.076  1.00 66.74 ? 738 LYS A CG  1 
ATOM   921  C CD  . LYS A 1 114 ? -9.991  -6.833  19.642  1.00 68.79 ? 738 LYS A CD  1 
ATOM   922  C CE  . LYS A 1 114 ? -11.116 -7.741  20.142  1.00 70.34 ? 738 LYS A CE  1 
ATOM   923  N NZ  . LYS A 1 114 ? -11.402 -7.608  21.604  1.00 69.37 ? 738 LYS A NZ  1 
ATOM   924  N N   . MET A 1 115 ? -5.672  -10.795 18.379  1.00 61.67 ? 739 MET A N   1 
ATOM   925  C CA  . MET A 1 115 ? -5.468  -12.138 17.849  1.00 59.46 ? 739 MET A CA  1 
ATOM   926  C C   . MET A 1 115 ? -4.296  -12.816 18.568  1.00 62.56 ? 739 MET A C   1 
ATOM   927  O O   . MET A 1 115 ? -3.195  -12.951 18.028  1.00 66.63 ? 739 MET A O   1 
ATOM   928  C CB  . MET A 1 115 ? -5.269  -12.080 16.318  1.00 56.36 ? 739 MET A CB  1 
ATOM   929  C CG  . MET A 1 115 ? -6.430  -11.399 15.591  1.00 52.48 ? 739 MET A CG  1 
ATOM   930  S SD  . MET A 1 115 ? -6.393  -11.262 13.769  1.00 44.96 ? 739 MET A SD  1 
ATOM   931  C CE  . MET A 1 115 ? -7.940  -10.420 13.557  1.00 41.82 ? 739 MET A CE  1 
HETATM 932  O O3  . N48 B 2 .   ? 4.479   7.924   -8.207  1.00 27.91 ? 801 N48 A O3  1 
HETATM 933  C C14 . N48 B 2 .   ? 4.179   7.783   -9.384  1.00 27.28 ? 801 N48 A C14 1 
HETATM 934  C C13 . N48 B 2 .   ? 4.759   8.501   -10.445 1.00 27.53 ? 801 N48 A C13 1 
HETATM 935  C C12 . N48 B 2 .   ? 4.403   8.426   -11.735 1.00 27.81 ? 801 N48 A C12 1 
HETATM 936  C C18 . N48 B 2 .   ? 5.043   9.307   -12.769 1.00 29.87 ? 801 N48 A C18 1 
HETATM 937  N N2  . N48 B 2 .   ? 3.159   6.914   -9.744  1.00 27.26 ? 801 N48 A N2  1 
HETATM 938  C C15 . N48 B 2 .   ? 2.482   6.199   -8.666  1.00 26.33 ? 801 N48 A C15 1 
HETATM 939  C C16 . N48 B 2 .   ? 2.762   6.730   -11.099 1.00 26.32 ? 801 N48 A C16 1 
HETATM 940  C C17 . N48 B 2 .   ? 1.779   5.798   -11.410 1.00 28.99 ? 801 N48 A C17 1 
HETATM 941  C C1  . N48 B 2 .   ? 1.429   5.596   -12.741 1.00 33.09 ? 801 N48 A C1  1 
HETATM 942  O O   . N48 B 2 .   ? 0.520   4.661   -13.153 1.00 38.26 ? 801 N48 A O   1 
HETATM 943  C C   . N48 B 2 .   ? 0.371   3.499   -12.338 1.00 34.76 ? 801 N48 A C   1 
HETATM 944  C C11 . N48 B 2 .   ? 3.387   7.477   -12.112 1.00 26.66 ? 801 N48 A C11 1 
HETATM 945  C C10 . N48 B 2 .   ? 3.029   7.245   -13.444 1.00 32.95 ? 801 N48 A C10 1 
HETATM 946  C C2  . N48 B 2 .   ? 2.053   6.316   -13.765 1.00 31.18 ? 801 N48 A C2  1 
HETATM 947  N N   . N48 B 2 .   ? 1.702   6.103   -15.156 1.00 35.94 ? 801 N48 A N   1 
HETATM 948  S S   . N48 B 2 .   ? 1.722   7.228   -16.350 1.00 46.67 ? 801 N48 A S   1 
HETATM 949  O O1  . N48 B 2 .   ? 3.024   7.797   -16.508 1.00 39.59 ? 801 N48 A O1  1 
HETATM 950  O O2  . N48 B 2 .   ? 1.133   6.508   -17.440 1.00 44.42 ? 801 N48 A O2  1 
HETATM 951  C C3  . N48 B 2 .   ? 0.632   8.548   -15.909 1.00 36.86 ? 801 N48 A C3  1 
HETATM 952  C C8  . N48 B 2 .   ? -0.510  8.278   -15.182 1.00 34.31 ? 801 N48 A C8  1 
HETATM 953  C C7  . N48 B 2 .   ? -1.351  9.314   -14.823 1.00 32.11 ? 801 N48 A C7  1 
HETATM 954  C C6  . N48 B 2 .   ? -1.060  10.621  -15.201 1.00 30.89 ? 801 N48 A C6  1 
HETATM 955  C C9  . N48 B 2 .   ? -1.922  11.690  -14.786 1.00 31.56 ? 801 N48 A C9  1 
HETATM 956  N N1  . N48 B 2 .   ? -2.622  12.512  -14.424 1.00 36.68 ? 801 N48 A N1  1 
HETATM 957  C C5  . N48 B 2 .   ? 0.086   10.884  -15.915 1.00 34.17 ? 801 N48 A C5  1 
HETATM 958  C C4  . N48 B 2 .   ? 0.943   9.852   -16.268 1.00 37.38 ? 801 N48 A C4  1 
HETATM 959  C C1  . EDO C 3 .   ? 11.471  15.344  -7.727  1.00 52.65 ? 802 EDO A C1  1 
HETATM 960  O O1  . EDO C 3 .   ? 11.469  16.464  -8.612  1.00 55.89 ? 802 EDO A O1  1 
HETATM 961  C C2  . EDO C 3 .   ? 11.951  15.799  -6.362  1.00 51.41 ? 802 EDO A C2  1 
HETATM 962  O O2  . EDO C 3 .   ? 12.794  14.817  -5.736  1.00 54.36 ? 802 EDO A O2  1 
HETATM 963  C C   . FMT D 4 .   ? 1.443   -13.702 -6.542  0.50 49.87 ? 803 FMT A C   1 
HETATM 964  O O1  . FMT D 4 .   ? 0.202   -13.604 -6.406  0.50 46.84 ? 803 FMT A O1  1 
HETATM 965  O O2  . FMT D 4 .   ? 2.120   -14.586 -5.896  0.50 49.41 ? 803 FMT A O2  1 
HETATM 966  O O   . HOH E 5 .   ? -3.815  -12.036 -6.494  1.00 47.24 ? 901 HOH A O   1 
HETATM 967  O O   . HOH E 5 .   ? -8.665  2.446   -5.598  1.00 24.04 ? 902 HOH A O   1 
HETATM 968  O O   . HOH E 5 .   ? 5.700   -11.117 7.199   1.00 48.48 ? 903 HOH A O   1 
HETATM 969  O O   . HOH E 5 .   ? -0.754  15.316  6.077   1.00 37.24 ? 904 HOH A O   1 
HETATM 970  O O   . HOH E 5 .   ? -1.411  4.506   14.378  1.00 39.67 ? 905 HOH A O   1 
HETATM 971  O O   . HOH E 5 .   ? 5.380   -2.040  -7.668  1.00 34.77 ? 906 HOH A O   1 
HETATM 972  O O   . HOH E 5 .   ? -4.700  -3.333  -7.703  1.00 42.68 ? 907 HOH A O   1 
HETATM 973  O O   . HOH E 5 .   ? 5.719   6.111   -6.551  1.00 21.16 ? 908 HOH A O   1 
HETATM 974  O O   . HOH E 5 .   ? 1.524   -5.119  20.196  1.00 47.73 ? 909 HOH A O   1 
HETATM 975  O O   . HOH E 5 .   ? 6.398   2.323   -5.798  1.00 26.11 ? 910 HOH A O   1 
HETATM 976  O O   . HOH E 5 .   ? -5.438  6.002   -12.510 1.00 40.33 ? 911 HOH A O   1 
HETATM 977  O O   . HOH E 5 .   ? 5.880   13.271  -11.385 1.00 34.87 ? 912 HOH A O   1 
HETATM 978  O O   . HOH E 5 .   ? 1.410   2.944   -8.812  1.00 25.21 ? 913 HOH A O   1 
HETATM 979  O O   . HOH E 5 .   ? 1.883   19.116  -2.929  1.00 45.20 ? 914 HOH A O   1 
HETATM 980  O O   . HOH E 5 .   ? 10.464  4.897   0.147   1.00 34.74 ? 915 HOH A O   1 
HETATM 981  O O   . HOH E 5 .   ? 2.186   9.545   -20.121 1.00 45.69 ? 916 HOH A O   1 
HETATM 982  O O   . HOH E 5 .   ? 8.424   3.704   3.976   1.00 31.44 ? 917 HOH A O   1 
HETATM 983  O O   . HOH E 5 .   ? -5.504  10.202  17.981  1.00 48.45 ? 918 HOH A O   1 
HETATM 984  O O   . HOH E 5 .   ? 7.037   -7.143  0.262   1.00 46.54 ? 919 HOH A O   1 
HETATM 985  O O   . HOH E 5 .   ? -6.808  5.022   -12.645 1.00 37.39 ? 920 HOH A O   1 
HETATM 986  O O   . HOH E 5 .   ? -6.090  8.517   -5.589  1.00 34.17 ? 921 HOH A O   1 
HETATM 987  O O   . HOH E 5 .   ? 1.809   -0.909  -14.562 1.00 37.67 ? 922 HOH A O   1 
HETATM 988  O O   . HOH E 5 .   ? -6.297  1.549   -5.652  1.00 28.53 ? 923 HOH A O   1 
HETATM 989  O O   . HOH E 5 .   ? 11.984  2.102   -2.034  1.00 32.27 ? 924 HOH A O   1 
HETATM 990  O O   . HOH E 5 .   ? 4.329   4.309   -5.028  1.00 22.41 ? 925 HOH A O   1 
HETATM 991  O O   . HOH E 5 .   ? 2.514   2.681   -6.159  1.00 25.78 ? 926 HOH A O   1 
HETATM 992  O O   . HOH E 5 .   ? -13.053 -9.928  0.063   1.00 50.69 ? 927 HOH A O   1 
HETATM 993  O O   . HOH E 5 .   ? -9.761  -3.500  8.549   1.00 27.04 ? 928 HOH A O   1 
HETATM 994  O O   . HOH E 5 .   ? 8.040   1.001   4.632   1.00 33.84 ? 929 HOH A O   1 
HETATM 995  O O   . HOH E 5 .   ? -10.737 -10.764 10.954  1.00 34.78 ? 930 HOH A O   1 
HETATM 996  O O   . HOH E 5 .   ? 12.987  13.175  -2.719  1.00 34.92 ? 931 HOH A O   1 
HETATM 997  O O   . HOH E 5 .   ? -11.854 2.877   2.842   1.00 36.00 ? 932 HOH A O   1 
HETATM 998  O O   . HOH E 5 .   ? 2.685   16.827  4.749   1.00 34.85 ? 933 HOH A O   1 
HETATM 999  O O   . HOH E 5 .   ? -0.127  -13.166 3.838   1.00 36.24 ? 934 HOH A O   1 
HETATM 1000 O O   . HOH E 5 .   ? 4.065   17.059  2.102   1.00 30.41 ? 935 HOH A O   1 
HETATM 1001 O O   . HOH E 5 .   ? -11.423 -1.776  -2.550  1.00 39.97 ? 936 HOH A O   1 
HETATM 1002 O O   . HOH E 5 .   ? 5.010   6.164   4.389   1.00 33.62 ? 937 HOH A O   1 
HETATM 1003 O O   . HOH E 5 .   ? 6.846   -7.734  -2.236  1.00 42.92 ? 938 HOH A O   1 
HETATM 1004 O O   . HOH E 5 .   ? -9.700  -0.103  9.289   1.00 34.80 ? 939 HOH A O   1 
HETATM 1005 O O   . HOH E 5 .   ? -5.182  9.368   -2.564  1.00 35.61 ? 940 HOH A O   1 
HETATM 1006 O O   . HOH E 5 .   ? 0.891   16.183  -11.922 1.00 35.45 ? 941 HOH A O   1 
HETATM 1007 O O   . HOH E 5 .   ? 9.013   19.668  -5.413  1.00 26.25 ? 942 HOH A O   1 
HETATM 1008 O O   . HOH E 5 .   ? 7.902   14.977  -10.486 1.00 31.00 ? 943 HOH A O   1 
HETATM 1009 O O   . HOH E 5 .   ? 10.338  13.462  -10.582 1.00 54.24 ? 944 HOH A O   1 
HETATM 1010 O O   . HOH E 5 .   ? -9.634  -21.412 2.066   1.00 52.38 ? 945 HOH A O   1 
HETATM 1011 O O   . HOH E 5 .   ? -3.746  9.644   9.800   1.00 38.26 ? 946 HOH A O   1 
HETATM 1012 O O   . HOH E 5 .   ? -2.399  16.438  -0.682  1.00 41.85 ? 947 HOH A O   1 
HETATM 1013 O O   . HOH E 5 .   ? 14.310  3.833   -2.453  1.00 39.54 ? 948 HOH A O   1 
HETATM 1014 O O   . HOH E 5 .   ? -5.748  -15.609 12.720  1.00 42.13 ? 949 HOH A O   1 
HETATM 1015 O O   . HOH E 5 .   ? -0.961  4.923   -16.077 1.00 37.95 ? 950 HOH A O   1 
HETATM 1016 O O   . HOH E 5 .   ? 10.422  3.470   -22.248 1.00 50.79 ? 951 HOH A O   1 
HETATM 1017 O O   . HOH E 5 .   ? -12.473 4.166   -4.426  1.00 37.11 ? 952 HOH A O   1 
HETATM 1018 O O   . HOH E 5 .   ? 5.061   11.108  5.202   0.50 27.61 ? 953 HOH A O   1 
HETATM 1019 O O   . HOH E 5 .   ? 7.027   21.097  -6.891  1.00 32.12 ? 954 HOH A O   1 
HETATM 1020 O O   . HOH E 5 .   ? 5.556   0.620   -8.191  1.00 32.48 ? 955 HOH A O   1 
HETATM 1021 O O   . HOH E 5 .   ? 11.045  18.714  -6.648  1.00 41.00 ? 956 HOH A O   1 
HETATM 1022 O O   . HOH E 5 .   ? -8.249  -7.128  -0.776  1.00 36.06 ? 957 HOH A O   1 
HETATM 1023 O O   . HOH E 5 .   ? 6.787   6.117   -22.953 1.00 53.65 ? 958 HOH A O   1 
HETATM 1024 O O   . HOH E 5 .   ? 14.185  15.330  -2.946  1.00 49.69 ? 959 HOH A O   1 
HETATM 1025 O O   . HOH E 5 .   ? -8.298  2.543   -13.033 1.00 43.81 ? 960 HOH A O   1 
HETATM 1026 O O   . HOH E 5 .   ? 12.566  12.743  -10.313 1.00 56.28 ? 961 HOH A O   1 
HETATM 1027 O O   . HOH E 5 .   ? -12.500 2.508   5.736   1.00 39.96 ? 962 HOH A O   1 
HETATM 1028 O O   . HOH E 5 .   ? 6.217   -9.750  2.303   1.00 57.28 ? 963 HOH A O   1 
HETATM 1029 O O   . HOH E 5 .   ? -16.976 -3.241  11.542  1.00 55.33 ? 964 HOH A O   1 
HETATM 1030 O O   . HOH E 5 .   ? -11.716 -8.563  9.644   1.00 33.80 ? 965 HOH A O   1 
HETATM 1031 O O   . HOH E 5 .   ? -10.899 -3.890  10.861  1.00 34.10 ? 966 HOH A O   1 
HETATM 1032 O O   . HOH E 5 .   ? -2.817  6.187   -14.760 1.00 39.43 ? 967 HOH A O   1 
HETATM 1033 O O   . HOH E 5 .   ? 6.860   -3.741  -8.829  1.00 42.70 ? 968 HOH A O   1 
HETATM 1034 O O   . HOH E 5 .   ? -17.397 -6.729  0.451   1.00 50.82 ? 969 HOH A O   1 
HETATM 1035 O O   . HOH E 5 .   ? 6.466   23.126  -5.137  1.00 38.23 ? 970 HOH A O   1 
HETATM 1036 O O   . HOH E 5 .   ? 7.043   21.464  -9.386  1.00 40.55 ? 971 HOH A O   1 
HETATM 1037 O O   . HOH E 5 .   ? 12.285  12.544  -0.031  1.00 33.02 ? 972 HOH A O   1 
HETATM 1038 O O   . HOH E 5 .   ? 0.666   17.784  -0.831  1.00 36.47 ? 973 HOH A O   1 
HETATM 1039 O O   . HOH E 5 .   ? 7.590   17.413  -11.792 1.00 39.96 ? 974 HOH A O   1 
# 
